data_6P7U
#
_entry.id   6P7U
#
_cell.length_a   149.604
_cell.length_b   153.343
_cell.length_c   102.863
_cell.angle_alpha   90.000
_cell.angle_beta   90.000
_cell.angle_gamma   90.000
#
_symmetry.space_group_name_H-M   'P 21 21 2'
#
loop_
_entity.id
_entity.type
_entity.pdbx_description
1 polymer 'Probable propionyl-CoA carboxylase beta chain 6'
2 non-polymer '(2R)-2-{4-[(6-chloroquinoxalin-2-yl)oxy]phenoxy}propanoic acid'
3 water water
#
_entity_poly.entity_id   1
_entity_poly.type   'polypeptide(L)'
_entity_poly.pdbx_seq_one_letter_code
;MTIMAPEAVGESLDPRDPLLRLSNFFDDGSVELLHERDRSGVLAAAGTVNGVRTIAFCTDGTVMGGAMGVEGCTHIVNAY
DTAIEDQSPIVGIWHSGGARLAEGVRALHAVGQVFEAMIRASGYIPQISVVVGFAAGGAAYGPALTDVVVMAPESRVFVT
GPDVVRSVTGEDVDMASLGGPETHHKKSGVCHIVADDELDAYDRGRRLVGLFCQQGHFDRSKAEAGDTDIHALLPESSRR
AYDVRPIVTAILDADTPFDEFQANWAPSMVVGLGRLSGRTVGVLANNPLRLGGCLNSESAEKAARFVRLCDAFGIPLVVV
VDVPGYLPGVDQEWGGVVRRGAKLLHAFGECTVPRVTLVTRKTYGGAYIAMNSRSLNATKVFAWPDAEVAVMGAKAAVGI
LHKKKLAAAPEHEREALHDQLAAEHERIAGGVDSALDIGVVDEKIDPAHTRSKLTEALAQAPARRGRHKNIPL
;
_entity_poly.pdbx_strand_id   A,B,C,D
#
# COMPACT_ATOMS: atom_id res chain seq x y z
N LEU A 13 -33.02 -28.74 29.96
CA LEU A 13 -31.85 -29.24 29.24
C LEU A 13 -30.58 -29.16 30.08
N ASP A 14 -30.44 -30.13 30.99
CA ASP A 14 -29.44 -30.17 32.07
C ASP A 14 -28.15 -29.31 31.96
N PRO A 15 -27.32 -29.52 30.92
CA PRO A 15 -26.04 -28.78 30.88
C PRO A 15 -26.20 -27.25 30.84
N ARG A 16 -27.29 -26.77 30.25
CA ARG A 16 -27.56 -25.34 30.18
C ARG A 16 -28.44 -24.86 31.33
N ASP A 17 -28.70 -25.72 32.31
CA ASP A 17 -29.44 -25.29 33.49
C ASP A 17 -28.66 -24.16 34.18
N PRO A 18 -29.35 -23.05 34.49
CA PRO A 18 -28.68 -21.86 35.04
C PRO A 18 -28.13 -22.09 36.44
N LEU A 19 -28.85 -22.86 37.27
CA LEU A 19 -28.39 -23.17 38.62
C LEU A 19 -27.07 -23.92 38.56
N LEU A 20 -27.01 -24.90 37.65
CA LEU A 20 -25.79 -25.66 37.43
C LEU A 20 -24.65 -24.73 37.00
N ARG A 21 -24.91 -23.90 36.00
CA ARG A 21 -23.89 -22.98 35.52
C ARG A 21 -23.43 -22.00 36.60
N LEU A 22 -24.38 -21.42 37.31
CA LEU A 22 -24.05 -20.53 38.43
C LEU A 22 -23.25 -21.28 39.50
N SER A 23 -23.60 -22.53 39.76
CA SER A 23 -22.89 -23.34 40.75
C SER A 23 -21.49 -23.69 40.27
N ASN A 24 -21.34 -23.96 38.98
CA ASN A 24 -20.01 -24.20 38.41
C ASN A 24 -19.10 -22.97 38.47
N PHE A 25 -19.68 -21.79 38.62
CA PHE A 25 -18.89 -20.56 38.66
C PHE A 25 -18.54 -20.09 40.08
N PHE A 26 -19.54 -20.10 40.97
CA PHE A 26 -19.34 -19.67 42.35
C PHE A 26 -18.51 -20.68 43.15
N ASP A 27 -17.93 -20.24 44.28
CA ASP A 27 -17.30 -21.15 45.22
C ASP A 27 -18.34 -22.18 45.67
N ASP A 28 -17.92 -23.42 45.88
CA ASP A 28 -18.86 -24.50 46.20
C ASP A 28 -19.72 -24.18 47.42
N GLY A 29 -21.04 -24.36 47.30
CA GLY A 29 -21.98 -24.13 48.38
C GLY A 29 -22.16 -22.69 48.82
N SER A 30 -21.86 -21.73 47.95
CA SER A 30 -22.01 -20.31 48.32
C SER A 30 -23.21 -19.65 47.65
N VAL A 31 -23.84 -20.35 46.71
CA VAL A 31 -24.99 -19.82 45.98
C VAL A 31 -26.14 -19.43 46.92
N GLU A 32 -26.55 -18.15 46.87
CA GLU A 32 -27.74 -17.68 47.56
C GLU A 32 -28.62 -16.97 46.52
N LEU A 33 -29.69 -17.63 46.07
CA LEU A 33 -30.54 -17.08 45.01
C LEU A 33 -31.11 -15.73 45.43
N LEU A 34 -31.28 -14.83 44.46
CA LEU A 34 -31.75 -13.48 44.76
C LEU A 34 -33.26 -13.37 44.50
N HIS A 35 -33.84 -14.45 43.99
CA HIS A 35 -35.26 -14.50 43.70
C HIS A 35 -35.71 -15.93 43.53
N GLU A 36 -37.01 -16.13 43.66
CA GLU A 36 -37.64 -17.40 43.39
C GLU A 36 -37.35 -17.84 41.96
N ARG A 37 -36.99 -19.10 41.79
CA ARG A 37 -36.74 -19.63 40.47
C ARG A 37 -38.03 -19.58 39.64
N ASP A 38 -37.89 -19.31 38.33
CA ASP A 38 -39.06 -19.24 37.44
C ASP A 38 -38.68 -19.56 36.00
N ARG A 39 -39.59 -19.26 35.07
CA ARG A 39 -39.30 -19.50 33.66
C ARG A 39 -39.04 -18.18 32.90
N SER A 40 -38.52 -17.18 33.61
CA SER A 40 -38.32 -15.86 33.02
C SER A 40 -37.20 -15.86 31.98
N GLY A 41 -36.31 -16.85 32.06
CA GLY A 41 -35.17 -16.86 31.16
C GLY A 41 -33.88 -16.36 31.79
N VAL A 42 -33.95 -15.90 33.04
CA VAL A 42 -32.72 -15.68 33.80
C VAL A 42 -32.84 -16.09 35.27
N LEU A 43 -31.70 -16.47 35.85
CA LEU A 43 -31.60 -16.75 37.27
C LEU A 43 -30.44 -15.94 37.82
N ALA A 44 -30.68 -15.15 38.86
CA ALA A 44 -29.64 -14.33 39.48
C ALA A 44 -29.33 -14.81 40.91
N ALA A 45 -28.05 -14.75 41.29
CA ALA A 45 -27.64 -15.23 42.60
C ALA A 45 -26.43 -14.48 43.15
N ALA A 46 -26.36 -14.40 44.48
CA ALA A 46 -25.16 -13.94 45.18
C ALA A 46 -24.31 -15.15 45.52
N GLY A 47 -23.01 -14.93 45.70
CA GLY A 47 -22.13 -16.02 46.12
C GLY A 47 -20.76 -15.49 46.46
N THR A 48 -19.76 -16.37 46.51
CA THR A 48 -18.37 -15.92 46.65
C THR A 48 -17.50 -16.48 45.54
N VAL A 49 -16.41 -15.77 45.27
CA VAL A 49 -15.39 -16.21 44.32
C VAL A 49 -14.06 -16.07 45.02
N ASN A 50 -13.53 -17.20 45.48
CA ASN A 50 -12.39 -17.20 46.39
C ASN A 50 -12.62 -16.23 47.55
N GLY A 51 -13.82 -16.30 48.12
CA GLY A 51 -14.16 -15.53 49.30
C GLY A 51 -14.71 -14.13 49.03
N VAL A 52 -14.53 -13.63 47.81
CA VAL A 52 -15.06 -12.31 47.49
C VAL A 52 -16.55 -12.41 47.19
N ARG A 53 -17.35 -11.64 47.92
CA ARG A 53 -18.78 -11.59 47.65
C ARG A 53 -19.03 -11.07 46.24
N THR A 54 -19.72 -11.88 45.43
CA THR A 54 -19.92 -11.59 44.02
C THR A 54 -21.40 -11.76 43.62
N ILE A 55 -21.93 -10.86 42.80
CA ILE A 55 -23.27 -11.09 42.24
C ILE A 55 -23.15 -11.70 40.83
N ALA A 56 -24.06 -12.60 40.48
CA ALA A 56 -24.05 -13.19 39.15
C ALA A 56 -25.45 -13.43 38.62
N PHE A 57 -25.59 -13.47 37.30
CA PHE A 57 -26.86 -13.87 36.69
C PHE A 57 -26.58 -14.72 35.46
N CYS A 58 -27.48 -15.64 35.16
CA CYS A 58 -27.31 -16.55 34.03
C CYS A 58 -28.57 -16.53 33.18
N THR A 59 -28.44 -16.31 31.88
CA THR A 59 -29.59 -16.45 31.01
C THR A 59 -29.89 -17.94 30.94
N ASP A 60 -31.16 -18.27 30.75
CA ASP A 60 -31.62 -19.65 30.83
C ASP A 60 -31.83 -20.23 29.42
N GLY A 61 -30.82 -20.92 28.91
CA GLY A 61 -30.86 -21.46 27.56
C GLY A 61 -31.83 -22.63 27.38
N THR A 62 -32.41 -23.11 28.48
CA THR A 62 -33.41 -24.18 28.42
C THR A 62 -34.83 -23.66 28.22
N VAL A 63 -34.99 -22.33 28.30
CA VAL A 63 -36.28 -21.67 28.08
C VAL A 63 -36.19 -20.77 26.86
N MET A 64 -36.88 -21.16 25.78
CA MET A 64 -36.93 -20.40 24.53
C MET A 64 -35.57 -19.89 24.05
N GLY A 65 -34.55 -20.72 24.25
CA GLY A 65 -33.22 -20.42 23.78
C GLY A 65 -32.58 -19.26 24.53
N GLY A 66 -33.04 -19.02 25.75
CA GLY A 66 -32.51 -17.93 26.55
C GLY A 66 -33.01 -16.55 26.14
N ALA A 67 -34.03 -16.52 25.28
CA ALA A 67 -34.59 -15.25 24.80
C ALA A 67 -34.96 -14.30 25.94
N MET A 68 -34.61 -13.02 25.79
CA MET A 68 -34.72 -12.06 26.88
C MET A 68 -36.08 -11.35 26.91
N GLY A 69 -36.77 -11.45 28.05
CA GLY A 69 -38.07 -10.81 28.20
C GLY A 69 -38.16 -9.88 29.39
N VAL A 70 -39.35 -9.33 29.64
CA VAL A 70 -39.53 -8.34 30.70
C VAL A 70 -39.12 -8.87 32.08
N GLU A 71 -39.64 -10.05 32.45
CA GLU A 71 -39.37 -10.64 33.76
C GLU A 71 -37.90 -11.00 33.98
N GLY A 72 -37.28 -11.60 32.97
CA GLY A 72 -35.87 -11.93 33.02
C GLY A 72 -34.97 -10.71 33.11
N CYS A 73 -35.24 -9.72 32.27
CA CYS A 73 -34.45 -8.49 32.28
C CYS A 73 -34.58 -7.81 33.65
N THR A 74 -35.76 -7.93 34.23
CA THR A 74 -36.01 -7.33 35.54
C THR A 74 -35.08 -7.93 36.60
N HIS A 75 -34.91 -9.25 36.56
CA HIS A 75 -33.99 -9.92 37.49
C HIS A 75 -32.56 -9.42 37.32
N ILE A 76 -32.11 -9.24 36.08
CA ILE A 76 -30.78 -8.70 35.79
C ILE A 76 -30.65 -7.29 36.40
N VAL A 77 -31.68 -6.46 36.23
CA VAL A 77 -31.63 -5.10 36.75
C VAL A 77 -31.57 -5.05 38.28
N ASN A 78 -32.37 -5.90 38.93
CA ASN A 78 -32.31 -6.00 40.39
C ASN A 78 -30.96 -6.56 40.84
N ALA A 79 -30.39 -7.48 40.07
CA ALA A 79 -29.06 -7.97 40.39
C ALA A 79 -28.07 -6.82 40.30
N TYR A 80 -28.14 -6.03 39.24
CA TYR A 80 -27.25 -4.87 39.12
C TYR A 80 -27.41 -3.91 40.29
N ASP A 81 -28.65 -3.58 40.64
CA ASP A 81 -28.90 -2.69 41.76
C ASP A 81 -28.31 -3.23 43.08
N THR A 82 -28.42 -4.54 43.30
CA THR A 82 -27.81 -5.15 44.48
C THR A 82 -26.29 -5.00 44.48
N ALA A 83 -25.66 -5.36 43.36
CA ALA A 83 -24.21 -5.26 43.24
C ALA A 83 -23.75 -3.82 43.42
N ILE A 84 -24.44 -2.89 42.79
CA ILE A 84 -24.04 -1.48 42.86
C ILE A 84 -24.16 -0.99 44.29
N GLU A 85 -25.23 -1.38 44.96
CA GLU A 85 -25.49 -0.95 46.33
C GLU A 85 -24.44 -1.49 47.30
N ASP A 86 -24.04 -2.75 47.14
CA ASP A 86 -23.05 -3.36 48.02
C ASP A 86 -21.63 -3.24 47.48
N GLN A 87 -21.47 -2.56 46.35
CA GLN A 87 -20.19 -2.48 45.66
C GLN A 87 -19.57 -3.85 45.43
N SER A 88 -20.35 -4.76 44.85
CA SER A 88 -19.84 -6.09 44.51
C SER A 88 -19.63 -6.16 43.01
N PRO A 89 -18.62 -6.95 42.59
CA PRO A 89 -18.44 -7.29 41.17
C PRO A 89 -19.65 -8.08 40.69
N ILE A 90 -20.02 -7.90 39.43
CA ILE A 90 -21.18 -8.60 38.89
C ILE A 90 -20.79 -9.33 37.61
N VAL A 91 -21.16 -10.61 37.54
CA VAL A 91 -20.76 -11.48 36.44
C VAL A 91 -22.00 -12.00 35.70
N GLY A 92 -22.08 -11.76 34.40
CA GLY A 92 -23.15 -12.32 33.59
C GLY A 92 -22.69 -13.57 32.85
N ILE A 93 -23.52 -14.62 32.85
CA ILE A 93 -23.28 -15.80 32.02
C ILE A 93 -24.30 -15.83 30.90
N TRP A 94 -23.81 -15.80 29.66
CA TRP A 94 -24.68 -15.48 28.53
C TRP A 94 -24.91 -16.63 27.55
N HIS A 95 -26.18 -16.87 27.26
CA HIS A 95 -26.63 -17.87 26.28
C HIS A 95 -28.05 -17.48 25.86
N SER A 96 -28.16 -16.79 24.72
CA SER A 96 -29.44 -16.19 24.34
C SER A 96 -29.48 -15.83 22.87
N GLY A 97 -30.55 -16.23 22.20
CA GLY A 97 -30.74 -15.89 20.81
C GLY A 97 -31.23 -14.47 20.58
N GLY A 98 -31.73 -13.82 21.61
CA GLY A 98 -32.27 -12.47 21.46
C GLY A 98 -33.48 -12.15 22.32
N ALA A 99 -34.30 -11.20 21.89
CA ALA A 99 -35.41 -10.73 22.70
C ALA A 99 -36.66 -11.58 22.49
N ARG A 100 -37.49 -11.68 23.52
CA ARG A 100 -38.78 -12.36 23.38
C ARG A 100 -39.69 -11.54 22.47
N LEU A 101 -39.62 -11.87 21.19
CA LEU A 101 -40.36 -11.18 20.15
C LEU A 101 -41.87 -11.06 20.41
N ALA A 102 -42.49 -12.07 21.00
CA ALA A 102 -43.92 -11.99 21.27
C ALA A 102 -44.26 -10.95 22.33
N GLU A 103 -43.26 -10.47 23.08
CA GLU A 103 -43.51 -9.41 24.05
C GLU A 103 -43.52 -8.02 23.40
N GLY A 104 -43.07 -7.95 22.15
CA GLY A 104 -43.07 -6.69 21.43
C GLY A 104 -42.18 -5.64 22.08
N VAL A 105 -42.57 -4.37 21.97
CA VAL A 105 -41.76 -3.25 22.44
C VAL A 105 -41.45 -3.36 23.93
N ARG A 106 -42.37 -3.95 24.71
CA ARG A 106 -42.15 -4.22 26.12
C ARG A 106 -40.78 -4.87 26.38
N ALA A 107 -40.43 -5.83 25.54
CA ALA A 107 -39.15 -6.53 25.64
C ALA A 107 -37.98 -5.62 25.27
N LEU A 108 -38.16 -4.81 24.23
CA LEU A 108 -37.13 -3.83 23.85
C LEU A 108 -36.83 -2.90 25.01
N HIS A 109 -37.88 -2.34 25.62
CA HIS A 109 -37.71 -1.44 26.75
C HIS A 109 -36.98 -2.13 27.90
N ALA A 110 -37.30 -3.40 28.13
CA ALA A 110 -36.69 -4.14 29.23
C ALA A 110 -35.19 -4.39 28.99
N VAL A 111 -34.84 -4.72 27.76
CA VAL A 111 -33.43 -4.95 27.43
C VAL A 111 -32.62 -3.65 27.55
N GLY A 112 -33.22 -2.54 27.11
CA GLY A 112 -32.61 -1.23 27.28
C GLY A 112 -32.30 -0.90 28.75
N GLN A 113 -33.18 -1.31 29.64
CA GLN A 113 -32.98 -1.07 31.07
C GLN A 113 -31.80 -1.86 31.59
N VAL A 114 -31.55 -3.02 30.99
CA VAL A 114 -30.36 -3.79 31.32
C VAL A 114 -29.14 -2.97 30.93
N PHE A 115 -29.19 -2.38 29.73
CA PHE A 115 -28.05 -1.60 29.25
C PHE A 115 -27.83 -0.43 30.20
N GLU A 116 -28.92 0.20 30.60
CA GLU A 116 -28.87 1.41 31.42
C GLU A 116 -28.25 1.11 32.79
N ALA A 117 -28.61 -0.04 33.37
CA ALA A 117 -27.99 -0.51 34.60
C ALA A 117 -26.47 -0.71 34.43
N MET A 118 -26.07 -1.35 33.34
CA MET A 118 -24.65 -1.59 33.05
C MET A 118 -23.90 -0.27 32.92
N ILE A 119 -24.60 0.70 32.35
CA ILE A 119 -24.04 2.05 32.24
C ILE A 119 -23.89 2.71 33.61
N ARG A 120 -24.91 2.61 34.47
CA ARG A 120 -24.79 3.12 35.84
C ARG A 120 -23.62 2.48 36.59
N ALA A 121 -23.37 1.20 36.35
CA ALA A 121 -22.30 0.46 37.05
C ALA A 121 -20.90 0.73 36.47
N SER A 122 -20.88 1.29 35.26
CA SER A 122 -19.65 1.43 34.48
C SER A 122 -18.57 2.18 35.25
N GLY A 123 -17.47 1.49 35.50
CA GLY A 123 -16.33 2.11 36.17
C GLY A 123 -16.51 2.15 37.68
N TYR A 124 -17.63 1.65 38.17
CA TYR A 124 -17.92 1.73 39.61
C TYR A 124 -17.75 0.36 40.25
N ILE A 125 -18.32 -0.67 39.63
CA ILE A 125 -18.06 -2.04 40.00
C ILE A 125 -17.59 -2.79 38.76
N PRO A 126 -16.74 -3.83 38.94
CA PRO A 126 -16.25 -4.55 37.77
C PRO A 126 -17.38 -5.37 37.15
N GLN A 127 -17.45 -5.39 35.82
CA GLN A 127 -18.46 -6.20 35.15
C GLN A 127 -17.78 -7.19 34.23
N ILE A 128 -18.03 -8.47 34.45
CA ILE A 128 -17.41 -9.54 33.66
C ILE A 128 -18.49 -10.40 32.99
N SER A 129 -18.37 -10.60 31.69
CA SER A 129 -19.28 -11.45 30.95
C SER A 129 -18.60 -12.77 30.62
N VAL A 130 -19.32 -13.86 30.82
CA VAL A 130 -18.86 -15.17 30.36
C VAL A 130 -19.86 -15.68 29.32
N VAL A 131 -19.45 -15.67 28.06
CA VAL A 131 -20.32 -16.11 26.99
C VAL A 131 -20.09 -17.61 26.76
N VAL A 132 -21.10 -18.42 27.11
CA VAL A 132 -20.95 -19.88 27.07
C VAL A 132 -21.76 -20.50 25.95
N GLY A 133 -22.63 -19.71 25.33
CA GLY A 133 -23.45 -20.19 24.23
C GLY A 133 -23.61 -19.12 23.15
N PHE A 134 -24.45 -19.42 22.16
CA PHE A 134 -24.87 -18.42 21.18
C PHE A 134 -25.43 -17.19 21.94
N ALA A 135 -24.90 -16.01 21.60
CA ALA A 135 -25.35 -14.75 22.17
C ALA A 135 -25.62 -13.74 21.05
N ALA A 136 -26.90 -13.42 20.82
CA ALA A 136 -27.27 -12.57 19.68
C ALA A 136 -28.18 -11.41 20.04
N GLY A 137 -28.13 -10.35 19.22
CA GLY A 137 -28.96 -9.17 19.43
C GLY A 137 -28.60 -8.50 20.74
N GLY A 138 -29.60 -8.21 21.56
CA GLY A 138 -29.37 -7.66 22.89
C GLY A 138 -28.33 -8.42 23.71
N ALA A 139 -28.28 -9.74 23.54
CA ALA A 139 -27.28 -10.55 24.25
C ALA A 139 -25.90 -10.41 23.65
N ALA A 140 -25.80 -9.75 22.51
CA ALA A 140 -24.48 -9.40 22.00
C ALA A 140 -24.04 -8.04 22.59
N TYR A 141 -24.98 -7.10 22.65
CA TYR A 141 -24.66 -5.75 23.12
C TYR A 141 -24.44 -5.64 24.64
N GLY A 142 -25.13 -6.46 25.43
CA GLY A 142 -24.92 -6.50 26.86
C GLY A 142 -23.45 -6.70 27.23
N PRO A 143 -22.86 -7.84 26.84
CA PRO A 143 -21.44 -8.08 27.11
C PRO A 143 -20.54 -6.95 26.58
N ALA A 144 -20.91 -6.34 25.47
CA ALA A 144 -20.12 -5.24 24.91
C ALA A 144 -20.01 -4.05 25.86
N LEU A 145 -21.00 -3.93 26.76
CA LEU A 145 -21.04 -2.83 27.73
C LEU A 145 -20.26 -3.14 29.01
N THR A 146 -19.92 -4.41 29.23
CA THR A 146 -19.16 -4.78 30.41
C THR A 146 -17.64 -4.58 30.21
N ASP A 147 -16.86 -4.85 31.25
CA ASP A 147 -15.43 -4.53 31.24
C ASP A 147 -14.55 -5.60 30.58
N VAL A 148 -14.83 -6.87 30.86
CA VAL A 148 -14.08 -7.96 30.24
C VAL A 148 -15.00 -9.08 29.78
N VAL A 149 -14.90 -9.45 28.51
CA VAL A 149 -15.71 -10.54 27.97
C VAL A 149 -14.87 -11.81 27.79
N VAL A 150 -15.28 -12.88 28.45
CA VAL A 150 -14.67 -14.20 28.29
C VAL A 150 -15.58 -15.06 27.43
N MET A 151 -15.01 -15.73 26.42
CA MET A 151 -15.81 -16.55 25.52
C MET A 151 -15.40 -18.01 25.49
N ALA A 152 -16.36 -18.89 25.76
CA ALA A 152 -16.19 -20.32 25.50
C ALA A 152 -16.31 -20.57 24.00
N PRO A 153 -15.45 -21.44 23.46
CA PRO A 153 -15.40 -21.73 22.02
C PRO A 153 -16.71 -22.34 21.50
N GLU A 154 -17.40 -23.08 22.35
CA GLU A 154 -18.66 -23.73 21.95
C GLU A 154 -19.81 -22.71 21.88
N SER A 155 -19.50 -21.51 21.37
CA SER A 155 -20.43 -20.39 21.38
C SER A 155 -20.17 -19.44 20.20
N ARG A 156 -20.99 -18.39 20.11
CA ARG A 156 -20.84 -17.39 19.06
C ARG A 156 -21.62 -16.09 19.38
N VAL A 157 -20.95 -14.95 19.18
CA VAL A 157 -21.60 -13.64 19.32
C VAL A 157 -22.00 -13.13 17.93
N PHE A 158 -23.21 -12.56 17.82
CA PHE A 158 -23.76 -12.20 16.51
C PHE A 158 -24.84 -11.11 16.58
N VAL A 159 -25.05 -10.43 15.46
CA VAL A 159 -26.16 -9.48 15.34
C VAL A 159 -26.65 -9.32 13.89
N SER A 188 -12.53 -9.19 15.71
CA SER A 188 -13.45 -8.06 15.80
C SER A 188 -13.29 -7.27 17.11
N GLY A 189 -12.48 -7.77 18.02
CA GLY A 189 -12.13 -7.04 19.23
C GLY A 189 -13.19 -6.98 20.34
N VAL A 190 -14.30 -7.69 20.15
CA VAL A 190 -15.40 -7.67 21.12
C VAL A 190 -15.12 -8.64 22.27
N CYS A 191 -14.56 -9.79 21.93
CA CYS A 191 -14.12 -10.77 22.91
C CYS A 191 -12.71 -10.48 23.41
N HIS A 192 -12.54 -10.39 24.73
CA HIS A 192 -11.20 -10.13 25.29
C HIS A 192 -10.44 -11.41 25.52
N ILE A 193 -11.14 -12.45 25.99
CA ILE A 193 -10.47 -13.69 26.33
C ILE A 193 -11.21 -14.90 25.75
N VAL A 194 -10.46 -15.76 25.06
CA VAL A 194 -11.00 -17.00 24.51
C VAL A 194 -10.54 -18.17 25.38
N ALA A 195 -11.50 -18.84 26.02
CA ALA A 195 -11.21 -19.96 26.92
C ALA A 195 -11.15 -21.32 26.19
N ASP A 196 -10.65 -22.34 26.88
CA ASP A 196 -10.55 -23.68 26.26
C ASP A 196 -11.91 -24.37 26.16
N ASP A 197 -12.75 -24.16 27.16
CA ASP A 197 -14.07 -24.77 27.23
C ASP A 197 -14.90 -23.99 28.25
N GLU A 198 -16.11 -24.47 28.54
CA GLU A 198 -17.01 -23.74 29.42
C GLU A 198 -16.46 -23.66 30.84
N LEU A 199 -15.98 -24.78 31.37
CA LEU A 199 -15.39 -24.77 32.71
C LEU A 199 -14.15 -23.88 32.78
N ASP A 200 -13.34 -23.89 31.72
CA ASP A 200 -12.16 -23.04 31.68
C ASP A 200 -12.59 -21.58 31.65
N ALA A 201 -13.75 -21.32 31.04
CA ALA A 201 -14.29 -19.97 30.95
C ALA A 201 -14.66 -19.44 32.33
N TYR A 202 -15.26 -20.30 33.15
CA TYR A 202 -15.59 -19.96 34.52
C TYR A 202 -14.32 -19.72 35.33
N ASP A 203 -13.32 -20.56 35.08
CA ASP A 203 -12.06 -20.42 35.79
C ASP A 203 -11.39 -19.05 35.50
N ARG A 204 -11.41 -18.63 34.24
CA ARG A 204 -10.82 -17.32 33.92
C ARG A 204 -11.71 -16.19 34.43
N GLY A 205 -13.02 -16.40 34.35
CA GLY A 205 -13.95 -15.45 34.90
C GLY A 205 -13.60 -15.23 36.36
N ARG A 206 -13.35 -16.33 37.08
CA ARG A 206 -13.05 -16.26 38.50
C ARG A 206 -11.71 -15.57 38.77
N ARG A 207 -10.70 -15.87 37.97
CA ARG A 207 -9.39 -15.22 38.14
C ARG A 207 -9.54 -13.71 37.96
N LEU A 208 -10.30 -13.32 36.93
CA LEU A 208 -10.56 -11.91 36.67
C LEU A 208 -11.14 -11.17 37.87
N VAL A 209 -12.15 -11.73 38.53
CA VAL A 209 -12.69 -11.02 39.70
C VAL A 209 -11.63 -10.92 40.82
N GLY A 210 -10.74 -11.90 40.88
CA GLY A 210 -9.60 -11.79 41.79
C GLY A 210 -8.67 -10.65 41.42
N LEU A 211 -8.44 -10.46 40.12
CA LEU A 211 -7.56 -9.38 39.65
C LEU A 211 -8.16 -8.02 40.00
N PHE A 212 -9.46 -7.87 39.80
CA PHE A 212 -10.16 -6.62 40.11
C PHE A 212 -10.43 -6.39 41.60
N CYS A 213 -10.74 -7.45 42.33
CA CYS A 213 -11.24 -7.31 43.71
C CYS A 213 -10.27 -7.70 44.81
N GLN A 214 -9.22 -8.44 44.46
CA GLN A 214 -8.13 -8.72 45.38
C GLN A 214 -6.82 -8.26 44.75
N GLN A 215 -6.71 -6.95 44.55
CA GLN A 215 -5.58 -6.36 43.85
C GLN A 215 -4.23 -6.47 44.59
N GLY A 216 -4.27 -6.68 45.91
CA GLY A 216 -3.05 -6.90 46.68
C GLY A 216 -2.18 -5.68 46.88
N HIS A 217 -0.88 -5.90 47.08
CA HIS A 217 0.05 -4.80 47.34
C HIS A 217 1.41 -5.15 46.77
N PHE A 218 2.18 -4.14 46.38
CA PHE A 218 3.52 -4.34 45.90
C PHE A 218 4.40 -4.90 47.02
N ASP A 219 5.42 -5.65 46.65
CA ASP A 219 6.27 -6.31 47.62
C ASP A 219 7.69 -6.26 47.07
N ARG A 220 8.53 -5.42 47.65
CA ARG A 220 9.88 -5.22 47.13
C ARG A 220 10.70 -6.50 47.13
N SER A 221 10.58 -7.29 48.20
CA SER A 221 11.40 -8.49 48.31
C SER A 221 11.09 -9.44 47.16
N LYS A 222 9.80 -9.62 46.90
CA LYS A 222 9.36 -10.50 45.81
C LYS A 222 9.70 -9.95 44.43
N ALA A 223 9.63 -8.63 44.28
CA ALA A 223 9.97 -8.02 43.01
C ALA A 223 11.42 -8.35 42.69
N GLU A 224 12.28 -8.10 43.67
CA GLU A 224 13.72 -8.32 43.49
C GLU A 224 14.07 -9.79 43.28
N ALA A 225 13.41 -10.69 43.99
CA ALA A 225 13.67 -12.12 43.85
C ALA A 225 13.36 -12.64 42.44
N GLY A 226 12.49 -11.94 41.72
CA GLY A 226 12.12 -12.32 40.36
C GLY A 226 12.92 -11.62 39.27
N ASP A 227 13.79 -10.70 39.68
CA ASP A 227 14.62 -9.98 38.70
C ASP A 227 15.41 -10.94 37.82
N THR A 228 15.43 -10.69 36.51
CA THR A 228 16.28 -11.41 35.57
C THR A 228 16.86 -10.39 34.59
N ASP A 229 17.80 -10.82 33.74
CA ASP A 229 18.32 -9.94 32.68
C ASP A 229 17.35 -9.93 31.51
N ILE A 230 16.33 -9.08 31.61
CA ILE A 230 15.29 -9.04 30.61
C ILE A 230 15.81 -8.62 29.22
N HIS A 231 16.85 -7.78 29.19
CA HIS A 231 17.47 -7.38 27.92
C HIS A 231 17.98 -8.57 27.09
N ALA A 232 18.36 -9.67 27.76
CA ALA A 232 18.86 -10.85 27.05
C ALA A 232 17.82 -11.52 26.14
N LEU A 233 16.55 -11.14 26.31
CA LEU A 233 15.46 -11.71 25.52
C LEU A 233 15.34 -11.07 24.14
N LEU A 234 15.99 -9.92 23.95
CA LEU A 234 15.97 -9.21 22.67
C LEU A 234 16.94 -9.90 21.72
N PRO A 235 16.72 -9.76 20.40
CA PRO A 235 17.70 -10.25 19.42
C PRO A 235 18.99 -9.46 19.49
N GLU A 236 20.06 -9.98 18.88
CA GLU A 236 21.34 -9.27 18.85
C GLU A 236 21.24 -8.02 17.99
N SER A 237 20.51 -8.13 16.88
CA SER A 237 20.36 -7.03 15.94
C SER A 237 19.15 -6.17 16.24
N SER A 238 19.38 -4.85 16.33
CA SER A 238 18.30 -3.91 16.61
C SER A 238 17.36 -3.73 15.40
N ARG A 239 17.63 -4.47 14.34
CA ARG A 239 16.78 -4.44 13.15
C ARG A 239 15.90 -5.69 13.03
N ARG A 240 16.13 -6.67 13.89
CA ARG A 240 15.33 -7.90 13.91
C ARG A 240 14.04 -7.73 14.74
N ALA A 241 12.93 -8.27 14.23
CA ALA A 241 11.67 -8.29 14.95
C ALA A 241 11.66 -9.41 16.02
N TYR A 242 10.84 -9.26 17.06
CA TYR A 242 10.74 -10.27 18.11
C TYR A 242 9.37 -10.15 18.78
N ASP A 243 8.91 -11.22 19.43
CA ASP A 243 7.64 -11.21 20.12
C ASP A 243 7.86 -10.56 21.48
N VAL A 244 7.11 -9.50 21.81
CA VAL A 244 7.34 -8.80 23.08
C VAL A 244 6.82 -9.59 24.30
N ARG A 245 5.99 -10.59 24.05
CA ARG A 245 5.35 -11.34 25.14
C ARG A 245 6.28 -11.96 26.20
N PRO A 246 7.41 -12.58 25.78
CA PRO A 246 8.35 -13.08 26.80
C PRO A 246 8.95 -11.97 27.66
N ILE A 247 9.01 -10.75 27.13
CA ILE A 247 9.47 -9.63 27.94
C ILE A 247 8.42 -9.26 29.01
N VAL A 248 7.16 -9.20 28.59
CA VAL A 248 6.05 -8.97 29.51
C VAL A 248 6.04 -10.06 30.59
N THR A 249 6.08 -11.32 30.17
CA THR A 249 6.04 -12.42 31.15
C THR A 249 7.28 -12.43 32.05
N ALA A 250 8.40 -11.94 31.54
CA ALA A 250 9.60 -11.83 32.37
C ALA A 250 9.41 -10.79 33.48
N ILE A 251 8.71 -9.70 33.16
CA ILE A 251 8.42 -8.67 34.16
C ILE A 251 7.44 -9.16 35.22
N LEU A 252 6.36 -9.80 34.78
CA LEU A 252 5.31 -10.27 35.67
C LEU A 252 5.73 -11.52 36.46
N ASP A 253 5.03 -11.78 37.55
CA ASP A 253 5.37 -12.92 38.43
C ASP A 253 5.43 -14.23 37.66
N ALA A 254 6.50 -14.99 37.90
CA ALA A 254 6.78 -16.23 37.15
C ALA A 254 5.66 -17.30 37.20
N ASP A 255 5.00 -17.44 38.34
CA ASP A 255 3.98 -18.48 38.43
C ASP A 255 2.57 -17.89 38.45
N THR A 256 2.40 -16.78 37.75
CA THR A 256 1.10 -16.14 37.64
C THR A 256 0.77 -15.90 36.18
N PRO A 257 -0.42 -16.34 35.74
CA PRO A 257 -0.82 -16.20 34.33
C PRO A 257 -0.85 -14.72 33.89
N PHE A 258 -0.50 -14.47 32.64
CA PHE A 258 -0.69 -13.17 32.04
C PHE A 258 -2.00 -13.22 31.28
N ASP A 259 -3.03 -12.55 31.81
CA ASP A 259 -4.31 -12.53 31.13
C ASP A 259 -4.36 -11.50 29.99
N GLU A 260 -3.82 -11.88 28.83
CA GLU A 260 -3.82 -11.02 27.67
C GLU A 260 -5.24 -10.80 27.15
N PHE A 261 -5.55 -9.55 26.80
CA PHE A 261 -6.86 -9.22 26.19
C PHE A 261 -6.68 -9.10 24.69
N GLN A 262 -7.65 -9.63 23.94
CA GLN A 262 -7.74 -9.37 22.50
C GLN A 262 -6.47 -9.74 21.74
N ALA A 263 -5.89 -10.89 22.09
CA ALA A 263 -4.61 -11.32 21.53
C ALA A 263 -4.58 -11.30 20.02
N ASN A 264 -5.71 -11.64 19.38
CA ASN A 264 -5.76 -11.71 17.92
C ASN A 264 -6.34 -10.48 17.22
N TRP A 265 -6.57 -9.40 17.98
CA TRP A 265 -7.01 -8.15 17.40
C TRP A 265 -5.95 -7.09 17.68
N ALA A 266 -5.68 -6.23 16.70
CA ALA A 266 -4.62 -5.22 16.80
C ALA A 266 -3.31 -5.84 17.31
N PRO A 267 -2.74 -6.78 16.54
CA PRO A 267 -1.60 -7.52 17.09
C PRO A 267 -0.27 -6.73 17.22
N SER A 268 -0.21 -5.48 16.77
CA SER A 268 1.02 -4.71 17.02
C SER A 268 1.05 -4.17 18.47
N MET A 269 -0.06 -4.38 19.17
CA MET A 269 -0.17 -3.92 20.56
C MET A 269 -0.59 -5.10 21.44
N VAL A 270 0.13 -5.30 22.54
CA VAL A 270 -0.24 -6.30 23.53
C VAL A 270 -0.71 -5.60 24.81
N VAL A 271 -1.90 -5.96 25.29
CA VAL A 271 -2.38 -5.47 26.57
C VAL A 271 -2.92 -6.64 27.38
N GLY A 272 -2.89 -6.52 28.71
CA GLY A 272 -3.46 -7.56 29.56
C GLY A 272 -3.23 -7.32 31.04
N LEU A 273 -3.88 -8.12 31.88
CA LEU A 273 -3.69 -8.04 33.33
C LEU A 273 -2.79 -9.17 33.81
N GLY A 274 -2.00 -8.88 34.85
CA GLY A 274 -1.22 -9.89 35.53
C GLY A 274 -0.86 -9.36 36.91
N ARG A 275 0.08 -10.02 37.56
CA ARG A 275 0.50 -9.59 38.89
C ARG A 275 1.99 -9.28 38.93
N LEU A 276 2.32 -8.18 39.60
CA LEU A 276 3.71 -7.75 39.74
C LEU A 276 4.02 -7.72 41.24
N SER A 277 4.82 -8.68 41.70
CA SER A 277 5.08 -8.91 43.13
C SER A 277 3.78 -9.07 43.90
N GLY A 278 2.80 -9.70 43.25
CA GLY A 278 1.52 -10.03 43.86
C GLY A 278 0.44 -8.98 43.66
N ARG A 279 0.81 -7.84 43.08
CA ARG A 279 -0.11 -6.71 42.93
C ARG A 279 -0.69 -6.69 41.50
N THR A 280 -2.01 -6.59 41.37
CA THR A 280 -2.62 -6.50 40.04
C THR A 280 -2.06 -5.30 39.26
N VAL A 281 -1.51 -5.55 38.07
CA VAL A 281 -1.15 -4.46 37.17
C VAL A 281 -1.68 -4.68 35.77
N GLY A 282 -1.77 -3.58 35.01
CA GLY A 282 -2.10 -3.67 33.59
C GLY A 282 -0.81 -3.46 32.79
N VAL A 283 -0.65 -4.19 31.70
CA VAL A 283 0.54 -4.02 30.87
C VAL A 283 0.15 -3.60 29.44
N LEU A 284 0.79 -2.55 28.92
CA LEU A 284 0.70 -2.27 27.48
C LEU A 284 2.11 -2.33 26.91
N ALA A 285 2.25 -2.97 25.75
CA ALA A 285 3.55 -3.16 25.12
C ALA A 285 3.41 -3.24 23.61
N ASN A 286 4.14 -2.39 22.90
CA ASN A 286 4.23 -2.53 21.45
C ASN A 286 4.89 -3.87 21.15
N ASN A 287 4.40 -4.55 20.12
CA ASN A 287 4.92 -5.86 19.76
C ASN A 287 5.61 -5.80 18.41
N PRO A 288 6.96 -5.73 18.41
CA PRO A 288 7.70 -5.52 17.17
C PRO A 288 7.49 -6.63 16.12
N LEU A 289 7.06 -7.82 16.56
CA LEU A 289 6.81 -8.94 15.66
C LEU A 289 5.70 -8.66 14.65
N ARG A 290 4.83 -7.70 14.94
CA ARG A 290 3.71 -7.42 14.06
C ARG A 290 3.71 -5.97 13.64
N LEU A 291 3.70 -5.73 12.33
CA LEU A 291 3.71 -4.38 11.78
C LEU A 291 4.84 -3.54 12.37
N GLY A 292 5.99 -4.17 12.58
CA GLY A 292 7.16 -3.48 13.10
C GLY A 292 6.93 -2.89 14.49
N GLY A 293 5.80 -3.26 15.10
CA GLY A 293 5.42 -2.70 16.39
C GLY A 293 4.75 -1.33 16.26
N CYS A 294 4.45 -0.92 15.03
CA CYS A 294 3.85 0.39 14.79
C CYS A 294 2.46 0.54 15.40
N LEU A 295 2.12 1.77 15.77
CA LEU A 295 0.75 2.10 16.17
C LEU A 295 -0.10 2.19 14.90
N ASN A 296 -1.38 1.91 15.05
CA ASN A 296 -2.33 2.19 13.98
C ASN A 296 -3.71 2.35 14.61
N SER A 297 -4.73 2.46 13.78
CA SER A 297 -6.09 2.69 14.27
C SER A 297 -6.52 1.75 15.39
N GLU A 298 -6.48 0.45 15.12
CA GLU A 298 -7.04 -0.46 16.11
C GLU A 298 -6.09 -0.68 17.29
N SER A 299 -4.78 -0.58 17.06
CA SER A 299 -3.85 -0.69 18.18
C SER A 299 -4.05 0.50 19.13
N ALA A 300 -4.24 1.70 18.58
CA ALA A 300 -4.54 2.88 19.41
C ALA A 300 -5.84 2.71 20.19
N GLU A 301 -6.85 2.13 19.53
CA GLU A 301 -8.14 1.91 20.17
C GLU A 301 -8.06 0.87 21.27
N LYS A 302 -7.35 -0.23 20.98
CA LYS A 302 -7.15 -1.30 21.94
C LYS A 302 -6.47 -0.76 23.18
N ALA A 303 -5.43 0.04 22.96
CA ALA A 303 -4.65 0.58 24.08
C ALA A 303 -5.49 1.60 24.89
N ALA A 304 -6.25 2.44 24.20
CA ALA A 304 -6.97 3.50 24.89
C ALA A 304 -8.03 2.96 25.83
N ARG A 305 -8.78 1.96 25.35
CA ARG A 305 -9.83 1.36 26.17
C ARG A 305 -9.22 0.69 27.39
N PHE A 306 -8.11 0.00 27.18
CA PHE A 306 -7.47 -0.73 28.27
C PHE A 306 -6.97 0.26 29.34
N VAL A 307 -6.37 1.37 28.89
CA VAL A 307 -5.93 2.41 29.83
C VAL A 307 -7.09 2.92 30.67
N ARG A 308 -8.22 3.25 30.04
CA ARG A 308 -9.39 3.78 30.76
CA ARG A 308 -9.38 3.78 30.77
C ARG A 308 -9.92 2.75 31.78
N LEU A 309 -9.83 1.47 31.44
CA LEU A 309 -10.33 0.41 32.33
C LEU A 309 -9.51 0.32 33.60
N CYS A 310 -8.19 0.24 33.44
CA CYS A 310 -7.31 0.17 34.59
C CYS A 310 -7.41 1.44 35.41
N ASP A 311 -7.49 2.58 34.74
CA ASP A 311 -7.63 3.84 35.45
C ASP A 311 -8.91 3.86 36.30
N ALA A 312 -9.97 3.26 35.77
CA ALA A 312 -11.25 3.27 36.47
C ALA A 312 -11.18 2.49 37.79
N PHE A 313 -10.39 1.42 37.83
CA PHE A 313 -10.43 0.53 39.00
C PHE A 313 -9.17 0.56 39.85
N GLY A 314 -8.34 1.59 39.65
CA GLY A 314 -7.17 1.79 40.47
C GLY A 314 -6.05 0.81 40.20
N ILE A 315 -5.97 0.36 38.95
CA ILE A 315 -4.94 -0.61 38.55
C ILE A 315 -3.77 0.08 37.85
N PRO A 316 -2.58 0.08 38.48
CA PRO A 316 -1.42 0.77 37.91
C PRO A 316 -0.90 0.12 36.61
N LEU A 317 -0.20 0.89 35.79
CA LEU A 317 0.15 0.43 34.44
C LEU A 317 1.65 0.38 34.18
N VAL A 318 2.07 -0.68 33.48
CA VAL A 318 3.43 -0.80 32.96
C VAL A 318 3.35 -0.69 31.43
N VAL A 319 4.05 0.31 30.88
CA VAL A 319 4.03 0.56 29.45
C VAL A 319 5.40 0.27 28.87
N VAL A 320 5.50 -0.82 28.10
CA VAL A 320 6.77 -1.24 27.52
C VAL A 320 6.85 -0.75 26.07
N VAL A 321 7.77 0.18 25.82
CA VAL A 321 7.80 0.92 24.57
C VAL A 321 8.93 0.54 23.62
N ASP A 322 8.54 0.15 22.42
CA ASP A 322 9.48 -0.15 21.35
C ASP A 322 8.69 0.03 20.06
N VAL A 323 8.58 1.29 19.63
CA VAL A 323 7.67 1.69 18.57
C VAL A 323 8.39 2.68 17.64
N PRO A 324 8.47 2.35 16.34
CA PRO A 324 9.22 3.21 15.41
C PRO A 324 8.35 4.20 14.63
N GLY A 325 7.03 4.07 14.71
CA GLY A 325 6.14 4.91 13.90
C GLY A 325 4.68 4.52 14.03
N TYR A 326 3.83 5.07 13.16
CA TYR A 326 2.40 4.73 13.13
C TYR A 326 1.90 4.62 11.69
N LEU A 327 0.83 3.87 11.45
CA LEU A 327 0.40 3.53 10.09
C LEU A 327 -1.03 3.91 9.78
N PRO A 328 -1.30 4.23 8.50
CA PRO A 328 -2.69 4.41 8.06
C PRO A 328 -3.28 3.05 7.74
N GLY A 329 -4.55 3.00 7.38
CA GLY A 329 -5.09 1.80 6.77
C GLY A 329 -4.39 1.61 5.44
N VAL A 330 -4.36 0.39 4.92
CA VAL A 330 -3.56 0.11 3.73
C VAL A 330 -4.07 0.85 2.48
N ASP A 331 -5.32 1.32 2.56
CA ASP A 331 -5.88 2.22 1.55
C ASP A 331 -5.45 3.68 1.78
N GLN A 332 -4.50 3.90 2.68
CA GLN A 332 -4.05 5.24 3.08
C GLN A 332 -5.12 6.10 3.76
N GLU A 333 -6.05 5.45 4.45
CA GLU A 333 -7.03 6.16 5.29
C GLU A 333 -6.38 6.44 6.64
N TRP A 334 -6.10 7.72 6.93
CA TRP A 334 -5.50 8.11 8.21
C TRP A 334 -6.55 8.45 9.27
N GLY A 335 -7.81 8.57 8.86
CA GLY A 335 -8.88 8.96 9.76
C GLY A 335 -8.93 8.20 11.08
N GLY A 336 -8.79 6.89 11.00
CA GLY A 336 -8.85 6.02 12.17
C GLY A 336 -7.70 6.31 13.10
N VAL A 337 -6.48 6.34 12.58
CA VAL A 337 -5.33 6.52 13.45
C VAL A 337 -5.34 7.92 14.09
N VAL A 338 -5.87 8.91 13.38
CA VAL A 338 -6.02 10.25 13.96
C VAL A 338 -7.07 10.29 15.09
N ARG A 339 -8.29 9.86 14.79
CA ARG A 339 -9.39 9.83 15.77
C ARG A 339 -9.06 8.92 16.95
N ARG A 340 -8.64 7.70 16.67
CA ARG A 340 -8.27 6.74 17.72
C ARG A 340 -6.99 7.14 18.46
N GLY A 341 -6.02 7.70 17.73
CA GLY A 341 -4.78 8.16 18.37
C GLY A 341 -5.02 9.29 19.36
N ALA A 342 -5.91 10.21 18.99
CA ALA A 342 -6.25 11.32 19.88
C ALA A 342 -6.94 10.76 21.12
N LYS A 343 -7.68 9.67 20.94
CA LYS A 343 -8.34 9.02 22.07
C LYS A 343 -7.30 8.40 23.03
N LEU A 344 -6.19 7.92 22.47
CA LEU A 344 -5.11 7.37 23.29
C LEU A 344 -4.42 8.48 24.08
N LEU A 345 -4.12 9.59 23.42
CA LEU A 345 -3.55 10.77 24.09
C LEU A 345 -4.40 11.17 25.29
N HIS A 346 -5.71 11.23 25.04
CA HIS A 346 -6.67 11.58 26.08
C HIS A 346 -6.65 10.58 27.24
N ALA A 347 -6.67 9.29 26.92
CA ALA A 347 -6.66 8.25 27.95
C ALA A 347 -5.42 8.38 28.85
N PHE A 348 -4.24 8.52 28.25
CA PHE A 348 -3.05 8.67 29.08
C PHE A 348 -3.05 10.01 29.79
N GLY A 349 -3.38 11.08 29.07
CA GLY A 349 -3.37 12.42 29.63
C GLY A 349 -4.24 12.61 30.86
N GLU A 350 -5.41 11.98 30.88
CA GLU A 350 -6.31 12.12 32.02
C GLU A 350 -6.03 11.09 33.09
N CYS A 351 -5.20 10.12 32.77
CA CYS A 351 -4.99 8.99 33.69
C CYS A 351 -4.44 9.46 35.02
N THR A 352 -4.96 8.91 36.12
CA THR A 352 -4.44 9.25 37.46
C THR A 352 -3.83 8.09 38.26
N VAL A 353 -4.10 6.85 37.85
CA VAL A 353 -3.37 5.73 38.47
C VAL A 353 -1.88 5.84 38.12
N PRO A 354 -1.00 5.19 38.89
CA PRO A 354 0.40 5.27 38.50
C PRO A 354 0.61 4.57 37.18
N ARG A 355 1.47 5.14 36.33
CA ARG A 355 1.79 4.55 35.04
C ARG A 355 3.23 4.85 34.66
N VAL A 356 4.03 3.80 34.54
CA VAL A 356 5.46 3.93 34.33
C VAL A 356 5.83 3.41 32.96
N THR A 357 6.72 4.11 32.29
CA THR A 357 7.12 3.74 30.94
C THR A 357 8.51 3.15 30.95
N LEU A 358 8.70 2.07 30.17
CA LEU A 358 10.04 1.52 29.93
C LEU A 358 10.32 1.55 28.43
N VAL A 359 11.33 2.33 28.04
CA VAL A 359 11.78 2.29 26.65
C VAL A 359 12.88 1.23 26.53
N THR A 360 12.63 0.19 25.72
CA THR A 360 13.59 -0.91 25.59
C THR A 360 14.59 -0.65 24.47
N ARG A 361 14.10 -0.55 23.23
CA ARG A 361 14.98 -0.27 22.09
C ARG A 361 14.79 1.14 21.51
N LYS A 362 13.60 1.43 21.01
CA LYS A 362 13.36 2.73 20.41
C LYS A 362 11.95 3.30 20.65
N THR A 363 11.85 4.63 20.60
CA THR A 363 10.57 5.29 20.61
C THR A 363 10.75 6.55 19.76
N TYR A 364 9.97 6.66 18.67
CA TYR A 364 10.15 7.72 17.68
C TYR A 364 8.91 8.60 17.48
N GLY A 365 9.16 9.90 17.26
CA GLY A 365 8.14 10.78 16.70
C GLY A 365 6.84 10.88 17.47
N GLY A 366 5.74 11.00 16.74
CA GLY A 366 4.42 11.08 17.34
C GLY A 366 4.08 9.86 18.17
N ALA A 367 4.53 8.69 17.74
CA ALA A 367 4.27 7.47 18.51
C ALA A 367 4.92 7.59 19.88
N TYR A 368 6.11 8.21 19.93
CA TYR A 368 6.79 8.45 21.21
C TYR A 368 5.93 9.24 22.18
N ILE A 369 5.27 10.29 21.69
CA ILE A 369 4.47 11.14 22.57
C ILE A 369 3.28 10.36 23.13
N ALA A 370 2.67 9.53 22.29
CA ALA A 370 1.44 8.81 22.65
C ALA A 370 1.65 7.70 23.67
N MET A 371 2.84 7.10 23.65
CA MET A 371 3.12 5.95 24.50
C MET A 371 3.55 6.40 25.90
N ASN A 372 2.62 7.03 26.61
CA ASN A 372 2.85 7.44 27.99
C ASN A 372 4.16 8.23 28.15
N SER A 373 4.27 9.33 27.42
CA SER A 373 5.46 10.18 27.47
C SER A 373 5.40 11.08 28.70
N ARG A 374 6.53 11.69 29.04
CA ARG A 374 6.58 12.67 30.12
C ARG A 374 5.59 13.81 29.87
N SER A 375 5.39 14.18 28.61
CA SER A 375 4.53 15.33 28.31
C SER A 375 3.07 15.04 28.65
N LEU A 376 2.68 13.77 28.68
CA LEU A 376 1.33 13.38 29.09
C LEU A 376 1.29 12.99 30.57
N ASN A 377 2.31 13.43 31.31
CA ASN A 377 2.42 13.20 32.76
C ASN A 377 2.63 11.74 33.18
N ALA A 378 3.43 10.99 32.42
CA ALA A 378 3.87 9.68 32.88
C ALA A 378 4.42 9.74 34.32
N THR A 379 4.14 8.73 35.12
CA THR A 379 4.63 8.74 36.50
C THR A 379 6.16 8.78 36.56
N LYS A 380 6.77 7.99 35.70
CA LYS A 380 8.22 7.90 35.64
C LYS A 380 8.58 7.23 34.33
N VAL A 381 9.68 7.65 33.73
CA VAL A 381 10.12 7.07 32.47
C VAL A 381 11.49 6.46 32.63
N PHE A 382 11.56 5.13 32.48
CA PHE A 382 12.83 4.43 32.48
C PHE A 382 13.29 4.11 31.06
N ALA A 383 14.60 3.94 30.89
CA ALA A 383 15.15 3.50 29.61
C ALA A 383 16.33 2.55 29.82
N TRP A 384 16.42 1.53 28.98
CA TRP A 384 17.62 0.70 28.89
C TRP A 384 18.73 1.51 28.24
N PRO A 385 20.00 1.18 28.56
CA PRO A 385 21.18 1.94 28.14
C PRO A 385 21.29 2.18 26.64
N ASP A 386 21.00 1.17 25.81
CA ASP A 386 21.14 1.34 24.36
C ASP A 386 19.89 1.90 23.68
N ALA A 387 18.89 2.28 24.47
CA ALA A 387 17.64 2.74 23.86
C ALA A 387 17.82 4.03 23.10
N GLU A 388 16.95 4.25 22.12
CA GLU A 388 16.93 5.47 21.35
C GLU A 388 15.61 6.20 21.55
N VAL A 389 15.69 7.49 21.92
CA VAL A 389 14.51 8.35 22.01
C VAL A 389 14.75 9.52 21.06
N ALA A 390 13.96 9.62 19.99
CA ALA A 390 14.28 10.55 18.90
C ALA A 390 13.09 10.89 18.03
N VAL A 391 13.29 11.83 17.11
CA VAL A 391 12.23 12.18 16.18
C VAL A 391 12.02 11.06 15.17
N MET A 392 13.13 10.46 14.73
CA MET A 392 13.14 9.33 13.80
C MET A 392 14.54 8.76 13.82
N GLY A 393 14.78 7.66 13.09
CA GLY A 393 16.10 7.05 13.05
C GLY A 393 17.11 8.03 12.45
N ALA A 394 18.37 7.92 12.83
CA ALA A 394 19.37 8.90 12.38
C ALA A 394 19.54 8.89 10.86
N LYS A 395 19.52 7.69 10.26
CA LYS A 395 19.64 7.58 8.81
C LYS A 395 18.52 8.38 8.14
N ALA A 396 17.29 8.17 8.59
CA ALA A 396 16.15 8.90 8.03
C ALA A 396 16.27 10.39 8.28
N ALA A 397 16.76 10.76 9.47
CA ALA A 397 16.85 12.16 9.84
C ALA A 397 17.79 12.91 8.91
N VAL A 398 18.98 12.36 8.77
CA VAL A 398 20.02 12.92 7.93
C VAL A 398 19.59 13.01 6.45
N GLY A 399 18.88 11.97 6.00
CA GLY A 399 18.40 11.91 4.63
C GLY A 399 17.49 13.07 4.29
N ILE A 400 16.78 13.57 5.30
CA ILE A 400 15.92 14.75 5.15
C ILE A 400 16.71 16.05 5.36
N LEU A 401 17.44 16.12 6.48
CA LEU A 401 18.20 17.31 6.82
C LEU A 401 19.30 17.62 5.80
N HIS A 402 19.79 16.59 5.12
CA HIS A 402 20.88 16.80 4.16
C HIS A 402 20.61 16.21 2.78
N LYS A 403 19.34 16.20 2.39
CA LYS A 403 18.91 15.69 1.10
C LYS A 403 19.74 16.26 -0.05
N LYS A 404 20.08 17.55 0.03
CA LYS A 404 20.79 18.21 -1.05
C LYS A 404 22.26 17.76 -1.16
N LYS A 405 23.00 17.80 -0.05
CA LYS A 405 24.38 17.29 -0.05
C LYS A 405 24.44 15.83 -0.53
N LEU A 406 23.50 15.01 -0.04
CA LEU A 406 23.44 13.60 -0.44
C LEU A 406 23.23 13.46 -1.95
N ALA A 407 22.24 14.17 -2.48
CA ALA A 407 21.89 14.05 -3.90
C ALA A 407 22.98 14.64 -4.79
N ALA A 408 23.78 15.55 -4.23
CA ALA A 408 24.88 16.15 -4.99
C ALA A 408 26.07 15.21 -5.05
N ALA A 409 26.24 14.40 -4.01
CA ALA A 409 27.38 13.48 -3.90
C ALA A 409 27.42 12.52 -5.08
N PRO A 410 28.64 12.05 -5.44
CA PRO A 410 28.78 11.04 -6.49
C PRO A 410 28.19 9.71 -6.02
N GLU A 411 27.63 8.94 -6.96
CA GLU A 411 26.83 7.77 -6.61
C GLU A 411 27.57 6.70 -5.79
N HIS A 412 28.87 6.49 -6.06
CA HIS A 412 29.61 5.44 -5.35
C HIS A 412 30.13 5.91 -4.00
N GLU A 413 29.96 7.20 -3.72
CA GLU A 413 30.38 7.77 -2.45
C GLU A 413 29.18 8.10 -1.55
N ARG A 414 28.00 8.20 -2.17
CA ARG A 414 26.76 8.46 -1.45
C ARG A 414 26.26 7.19 -0.78
N GLU A 415 26.69 6.97 0.44
CA GLU A 415 26.39 5.76 1.23
C GLU A 415 27.35 5.89 2.38
N ALA A 416 28.63 6.07 2.03
CA ALA A 416 29.65 6.45 2.99
C ALA A 416 29.34 7.83 3.55
N LEU A 417 28.89 8.75 2.70
CA LEU A 417 28.49 10.07 3.19
C LEU A 417 27.25 9.94 4.09
N HIS A 418 26.25 9.19 3.63
CA HIS A 418 25.04 9.01 4.42
C HIS A 418 25.36 8.41 5.80
N ASP A 419 26.28 7.45 5.84
CA ASP A 419 26.65 6.79 7.09
C ASP A 419 27.46 7.69 8.04
N GLN A 420 28.35 8.51 7.49
CA GLN A 420 29.14 9.41 8.34
C GLN A 420 28.27 10.56 8.84
N LEU A 421 27.29 10.93 8.03
CA LEU A 421 26.35 11.97 8.40
C LEU A 421 25.45 11.44 9.53
N ALA A 422 25.05 10.17 9.41
CA ALA A 422 24.21 9.54 10.42
C ALA A 422 24.93 9.37 11.75
N ALA A 423 26.16 8.88 11.70
CA ALA A 423 26.97 8.63 12.90
C ALA A 423 27.19 9.89 13.74
N GLU A 424 27.37 11.02 13.06
CA GLU A 424 27.56 12.30 13.74
C GLU A 424 26.24 12.87 14.27
N HIS A 425 25.15 12.61 13.55
CA HIS A 425 23.84 13.00 14.04
C HIS A 425 23.51 12.24 15.34
N GLU A 426 23.87 10.95 15.41
CA GLU A 426 23.59 10.19 16.62
C GLU A 426 24.64 10.32 17.72
N ARG A 427 25.72 11.03 17.44
CA ARG A 427 26.65 11.42 18.49
C ARG A 427 25.96 12.44 19.38
N ILE A 428 25.10 13.26 18.77
CA ILE A 428 24.49 14.40 19.43
C ILE A 428 22.98 14.26 19.72
N ALA A 429 22.30 13.35 19.01
CA ALA A 429 20.86 13.20 19.16
C ALA A 429 20.43 11.75 19.33
N GLY A 430 19.37 11.52 20.11
CA GLY A 430 18.76 10.20 20.18
C GLY A 430 19.08 9.30 21.36
N GLY A 431 20.21 9.52 22.02
CA GLY A 431 20.62 8.62 23.10
C GLY A 431 19.90 8.86 24.42
N VAL A 432 20.04 7.91 25.34
CA VAL A 432 19.41 8.04 26.65
C VAL A 432 20.01 9.22 27.45
N ASP A 433 21.33 9.39 27.38
CA ASP A 433 22.02 10.49 28.07
C ASP A 433 21.44 11.85 27.68
N SER A 434 21.27 12.08 26.38
CA SER A 434 20.61 13.29 25.90
C SER A 434 19.18 13.40 26.46
N ALA A 435 18.45 12.28 26.47
CA ALA A 435 17.04 12.27 26.93
C ALA A 435 16.97 12.58 28.43
N LEU A 436 17.97 12.11 29.16
CA LEU A 436 18.08 12.40 30.59
C LEU A 436 18.31 13.89 30.76
N ASP A 437 19.17 14.44 29.92
CA ASP A 437 19.52 15.86 29.97
C ASP A 437 18.29 16.74 29.73
N ILE A 438 17.52 16.40 28.70
CA ILE A 438 16.30 17.11 28.37
C ILE A 438 15.25 16.92 29.46
N GLY A 439 15.15 15.70 29.99
CA GLY A 439 14.20 15.40 31.05
C GLY A 439 13.03 14.51 30.64
N VAL A 440 13.06 13.95 29.43
CA VAL A 440 11.97 13.09 29.00
C VAL A 440 12.13 11.64 29.46
N VAL A 441 13.36 11.31 29.90
CA VAL A 441 13.63 10.06 30.60
C VAL A 441 14.11 10.41 32.00
N ASP A 442 13.61 9.71 33.01
CA ASP A 442 13.98 10.02 34.39
C ASP A 442 15.21 9.23 34.86
N GLU A 443 15.38 8.03 34.34
CA GLU A 443 16.47 7.16 34.82
C GLU A 443 16.86 6.11 33.79
N LYS A 444 18.16 6.02 33.52
CA LYS A 444 18.70 4.91 32.76
C LYS A 444 18.92 3.76 33.75
N ILE A 445 18.48 2.55 33.40
CA ILE A 445 18.57 1.45 34.36
C ILE A 445 19.24 0.22 33.78
N ASP A 446 19.85 -0.55 34.66
CA ASP A 446 20.38 -1.86 34.33
C ASP A 446 19.21 -2.78 34.06
N PRO A 447 19.13 -3.33 32.85
CA PRO A 447 18.01 -4.21 32.50
C PRO A 447 17.82 -5.38 33.47
N ALA A 448 18.85 -5.73 34.22
CA ALA A 448 18.78 -6.84 35.15
C ALA A 448 17.96 -6.47 36.37
N HIS A 449 17.68 -5.17 36.53
CA HIS A 449 16.81 -4.70 37.61
C HIS A 449 15.52 -4.09 37.08
N THR A 450 15.14 -4.47 35.86
CA THR A 450 13.94 -3.94 35.25
C THR A 450 12.69 -4.13 36.11
N ARG A 451 12.46 -5.37 36.52
CA ARG A 451 11.25 -5.72 37.25
C ARG A 451 11.17 -4.99 38.60
N SER A 452 12.27 -4.91 39.32
CA SER A 452 12.23 -4.27 40.62
C SER A 452 12.20 -2.73 40.54
N LYS A 453 12.81 -2.18 39.49
CA LYS A 453 12.73 -0.73 39.28
C LYS A 453 11.32 -0.29 38.95
N LEU A 454 10.63 -1.06 38.11
CA LEU A 454 9.23 -0.72 37.77
C LEU A 454 8.34 -0.77 39.03
N THR A 455 8.51 -1.82 39.82
CA THR A 455 7.77 -2.00 41.07
C THR A 455 7.97 -0.81 42.01
N GLU A 456 9.22 -0.43 42.20
CA GLU A 456 9.56 0.69 43.06
C GLU A 456 8.81 1.96 42.65
N ALA A 457 8.86 2.32 41.37
CA ALA A 457 8.22 3.54 40.90
C ALA A 457 6.69 3.49 41.06
N LEU A 458 6.10 2.34 40.73
CA LEU A 458 4.65 2.20 40.87
C LEU A 458 4.25 2.25 42.33
N ALA A 459 5.01 1.56 43.19
CA ALA A 459 4.68 1.45 44.62
C ALA A 459 4.74 2.79 45.33
N GLN A 460 5.70 3.63 44.94
CA GLN A 460 5.92 4.89 45.66
C GLN A 460 5.16 6.09 45.09
N ALA A 461 4.47 5.88 43.97
CA ALA A 461 3.62 6.92 43.40
C ALA A 461 2.36 7.14 44.24
N PRO A 462 1.77 8.35 44.18
CA PRO A 462 0.45 8.52 44.81
C PRO A 462 -0.54 7.61 44.10
N ALA A 463 -1.52 7.06 44.82
CA ALA A 463 -2.50 6.17 44.17
C ALA A 463 -3.29 6.97 43.13
N ARG A 464 -3.49 8.25 43.41
CA ARG A 464 -4.15 9.13 42.44
C ARG A 464 -3.40 10.45 42.25
N ARG A 465 -2.97 10.68 41.01
CA ARG A 465 -2.61 12.01 40.42
C ARG A 465 -1.47 11.90 39.40
N GLY A 466 -1.40 12.86 38.48
CA GLY A 466 -0.64 12.71 37.26
C GLY A 466 -1.62 12.38 36.13
N LEU B 13 1.41 42.68 2.84
CA LEU B 13 1.74 41.59 3.77
C LEU B 13 1.46 40.21 3.18
N ASP B 14 2.33 39.24 3.48
CA ASP B 14 2.09 37.85 3.07
C ASP B 14 0.73 37.38 3.64
N PRO B 15 -0.03 36.60 2.86
CA PRO B 15 -1.34 36.11 3.31
C PRO B 15 -1.23 35.16 4.49
N ARG B 16 -0.06 34.58 4.71
CA ARG B 16 0.12 33.64 5.81
C ARG B 16 0.48 34.37 7.12
N ASP B 17 0.59 35.68 7.06
CA ASP B 17 0.98 36.47 8.24
C ASP B 17 0.02 36.21 9.40
N PRO B 18 0.57 35.80 10.55
CA PRO B 18 -0.31 35.37 11.66
C PRO B 18 -1.12 36.52 12.24
N LEU B 19 -0.53 37.70 12.32
CA LEU B 19 -1.29 38.87 12.77
C LEU B 19 -2.41 39.23 11.80
N LEU B 20 -2.15 39.09 10.50
CA LEU B 20 -3.21 39.26 9.52
C LEU B 20 -4.33 38.24 9.74
N ARG B 21 -3.95 36.98 9.96
CA ARG B 21 -4.95 35.92 10.14
C ARG B 21 -5.75 36.16 11.43
N LEU B 22 -5.05 36.45 12.53
CA LEU B 22 -5.73 36.74 13.79
C LEU B 22 -6.70 37.90 13.66
N SER B 23 -6.34 38.90 12.85
CA SER B 23 -7.11 40.13 12.74
C SER B 23 -8.39 39.92 11.94
N ASN B 24 -8.33 38.99 10.99
CA ASN B 24 -9.50 38.63 10.22
C ASN B 24 -10.46 37.75 10.98
N PHE B 25 -9.95 37.05 12.01
CA PHE B 25 -10.80 36.22 12.85
C PHE B 25 -11.51 37.03 13.94
N PHE B 26 -10.75 37.84 14.67
CA PHE B 26 -11.26 38.59 15.83
C PHE B 26 -12.10 39.78 15.40
N ASP B 27 -12.98 40.27 16.30
CA ASP B 27 -13.65 41.56 16.10
C ASP B 27 -12.63 42.66 15.72
N ASP B 28 -13.04 43.59 14.85
CA ASP B 28 -12.14 44.69 14.44
C ASP B 28 -11.62 45.49 15.62
N GLY B 29 -10.31 45.68 15.70
CA GLY B 29 -9.71 46.52 16.73
C GLY B 29 -9.60 45.89 18.11
N SER B 30 -10.00 44.62 18.23
CA SER B 30 -10.02 43.96 19.54
C SER B 30 -8.74 43.18 19.87
N VAL B 31 -7.85 43.01 18.90
CA VAL B 31 -6.66 42.18 19.08
C VAL B 31 -5.68 42.72 20.13
N GLU B 32 -5.35 41.88 21.12
CA GLU B 32 -4.30 42.18 22.10
C GLU B 32 -3.31 41.00 22.15
N LEU B 33 -2.09 41.22 21.67
CA LEU B 33 -1.07 40.17 21.68
C LEU B 33 -0.80 39.68 23.11
N LEU B 34 -0.56 38.37 23.26
CA LEU B 34 -0.30 37.82 24.60
C LEU B 34 1.20 37.74 24.88
N HIS B 35 2.01 38.02 23.86
CA HIS B 35 3.46 37.97 23.96
C HIS B 35 4.04 38.81 22.82
N GLU B 36 5.33 39.11 22.92
CA GLU B 36 6.04 39.81 21.85
C GLU B 36 6.13 38.94 20.61
N ARG B 37 5.97 39.55 19.45
CA ARG B 37 6.18 38.82 18.20
C ARG B 37 7.63 38.32 18.10
N ASP B 38 7.80 37.11 17.55
CA ASP B 38 9.13 36.51 17.43
C ASP B 38 9.20 35.53 16.25
N ARG B 39 10.29 34.75 16.20
CA ARG B 39 10.46 33.74 15.16
C ARG B 39 10.08 32.34 15.64
N SER B 40 9.20 32.25 16.64
CA SER B 40 8.83 30.96 17.23
C SER B 40 7.91 30.13 16.35
N GLY B 41 7.24 30.76 15.38
CA GLY B 41 6.27 30.06 14.55
C GLY B 41 4.84 30.09 15.11
N VAL B 42 4.65 30.82 16.20
CA VAL B 42 3.32 30.98 16.78
C VAL B 42 3.10 32.43 17.22
N LEU B 43 1.92 32.96 16.93
CA LEU B 43 1.48 34.22 17.52
C LEU B 43 0.16 33.99 18.23
N ALA B 44 0.10 34.29 19.53
CA ALA B 44 -1.14 34.13 20.30
C ALA B 44 -1.68 35.49 20.76
N ALA B 45 -3.00 35.59 20.93
CA ALA B 45 -3.62 36.87 21.29
C ALA B 45 -5.00 36.72 21.91
N ALA B 46 -5.44 37.78 22.59
CA ALA B 46 -6.80 37.88 23.09
C ALA B 46 -7.56 38.81 22.17
N GLY B 47 -8.89 38.70 22.18
CA GLY B 47 -9.72 39.57 21.37
C GLY B 47 -11.17 39.27 21.68
N THR B 48 -12.09 39.77 20.85
CA THR B 48 -13.51 39.46 21.05
C THR B 48 -14.10 38.89 19.76
N VAL B 49 -15.12 38.05 19.91
CA VAL B 49 -15.83 37.52 18.76
C VAL B 49 -17.28 37.86 19.00
N ASN B 50 -17.80 38.82 18.23
CA ASN B 50 -19.13 39.37 18.50
C ASN B 50 -19.32 39.70 19.97
N GLY B 51 -18.29 40.27 20.58
CA GLY B 51 -18.39 40.72 21.96
C GLY B 51 -17.79 39.79 22.99
N VAL B 52 -17.81 38.47 22.74
CA VAL B 52 -17.30 37.55 23.76
C VAL B 52 -15.78 37.41 23.77
N ARG B 53 -15.20 37.60 24.95
CA ARG B 53 -13.76 37.49 25.17
C ARG B 53 -13.28 36.11 24.72
N THR B 54 -12.31 36.10 23.81
CA THR B 54 -11.85 34.85 23.20
C THR B 54 -10.33 34.83 23.13
N ILE B 55 -9.73 33.63 23.29
CA ILE B 55 -8.29 33.50 23.09
C ILE B 55 -8.02 32.81 21.75
N ALA B 56 -7.00 33.24 21.03
CA ALA B 56 -6.61 32.54 19.80
C ALA B 56 -5.11 32.47 19.62
N PHE B 57 -4.66 31.47 18.87
CA PHE B 57 -3.26 31.35 18.47
C PHE B 57 -3.20 30.95 17.00
N CYS B 58 -2.16 31.39 16.32
CA CYS B 58 -2.02 31.12 14.89
C CYS B 58 -0.62 30.62 14.63
N THR B 59 -0.50 29.46 13.98
CA THR B 59 0.81 29.02 13.53
C THR B 59 1.25 29.96 12.40
N ASP B 60 2.56 30.18 12.28
CA ASP B 60 3.09 31.19 11.37
C ASP B 60 3.68 30.50 10.14
N GLY B 61 2.89 30.42 9.08
CA GLY B 61 3.32 29.73 7.86
C GLY B 61 4.52 30.36 7.16
N THR B 62 4.91 31.56 7.60
CA THR B 62 6.06 32.25 6.99
C THR B 62 7.41 31.81 7.58
N VAL B 63 7.39 31.20 8.77
CA VAL B 63 8.63 30.71 9.40
C VAL B 63 8.66 29.19 9.39
N MET B 64 9.59 28.63 8.59
CA MET B 64 9.73 27.18 8.47
C MET B 64 8.39 26.48 8.13
N GLY B 65 7.57 27.14 7.32
CA GLY B 65 6.29 26.59 6.92
C GLY B 65 5.36 26.28 8.08
N GLY B 66 5.57 26.95 9.21
CA GLY B 66 4.71 26.82 10.37
C GLY B 66 5.12 25.71 11.33
N ALA B 67 6.27 25.09 11.05
CA ALA B 67 6.73 23.95 11.83
C ALA B 67 6.73 24.26 13.33
N MET B 68 6.26 23.30 14.12
CA MET B 68 6.07 23.50 15.56
C MET B 68 7.35 23.28 16.36
N GLY B 69 7.75 24.29 17.13
CA GLY B 69 8.95 24.20 17.95
C GLY B 69 8.71 24.52 19.42
N VAL B 70 9.78 24.45 20.20
CA VAL B 70 9.71 24.60 21.66
C VAL B 70 9.07 25.91 22.06
N GLU B 71 9.60 27.03 21.54
CA GLU B 71 9.09 28.34 21.95
C GLU B 71 7.69 28.58 21.43
N GLY B 72 7.40 28.04 20.24
CA GLY B 72 6.08 28.19 19.66
C GLY B 72 5.05 27.48 20.50
N CYS B 73 5.31 26.19 20.79
CA CYS B 73 4.41 25.40 21.61
C CYS B 73 4.18 26.02 23.00
N THR B 74 5.24 26.59 23.54
CA THR B 74 5.15 27.29 24.82
C THR B 74 4.14 28.45 24.77
N HIS B 75 4.14 29.22 23.69
CA HIS B 75 3.11 30.24 23.51
C HIS B 75 1.71 29.63 23.50
N ILE B 76 1.55 28.50 22.80
CA ILE B 76 0.25 27.84 22.77
C ILE B 76 -0.17 27.40 24.17
N VAL B 77 0.77 26.83 24.92
CA VAL B 77 0.45 26.35 26.28
C VAL B 77 0.03 27.51 27.20
N ASN B 78 0.78 28.62 27.15
CA ASN B 78 0.41 29.85 27.86
C ASN B 78 -0.97 30.35 27.48
N ALA B 79 -1.28 30.33 26.19
CA ALA B 79 -2.60 30.76 25.73
C ALA B 79 -3.67 29.86 26.33
N TYR B 80 -3.44 28.54 26.31
CA TYR B 80 -4.38 27.59 26.94
C TYR B 80 -4.54 27.84 28.43
N ASP B 81 -3.43 28.08 29.14
CA ASP B 81 -3.51 28.37 30.58
C ASP B 81 -4.34 29.64 30.83
N THR B 82 -4.07 30.68 30.03
CA THR B 82 -4.85 31.92 30.08
C THR B 82 -6.34 31.67 29.82
N ALA B 83 -6.66 30.94 28.76
CA ALA B 83 -8.06 30.69 28.42
C ALA B 83 -8.75 29.90 29.54
N ILE B 84 -8.06 28.89 30.06
CA ILE B 84 -8.63 28.05 31.11
C ILE B 84 -8.91 28.90 32.36
N GLU B 85 -7.95 29.74 32.73
CA GLU B 85 -8.09 30.60 33.90
C GLU B 85 -9.28 31.56 33.76
N ASP B 86 -9.46 32.14 32.59
CA ASP B 86 -10.56 33.10 32.39
C ASP B 86 -11.84 32.41 31.94
N GLN B 87 -11.77 31.09 31.74
CA GLN B 87 -12.86 30.36 31.12
C GLN B 87 -13.32 31.00 29.80
N SER B 88 -12.36 31.20 28.90
CA SER B 88 -12.67 31.76 27.59
C SER B 88 -12.59 30.64 26.55
N PRO B 89 -13.39 30.75 25.48
CA PRO B 89 -13.19 29.83 24.35
C PRO B 89 -11.79 30.03 23.79
N ILE B 90 -11.20 28.99 23.20
CA ILE B 90 -9.88 29.13 22.59
C ILE B 90 -9.86 28.58 21.16
N VAL B 91 -9.39 29.41 20.23
CA VAL B 91 -9.43 29.09 18.82
C VAL B 91 -8.01 29.00 18.26
N GLY B 92 -7.69 27.89 17.61
CA GLY B 92 -6.38 27.75 16.97
C GLY B 92 -6.50 27.85 15.46
N ILE B 93 -5.60 28.62 14.84
CA ILE B 93 -5.58 28.75 13.40
C ILE B 93 -4.34 28.03 12.87
N TRP B 94 -4.55 27.01 12.05
CA TRP B 94 -3.48 26.06 11.77
C TRP B 94 -2.99 26.06 10.33
N HIS B 95 -1.67 26.03 10.21
CA HIS B 95 -0.99 25.94 8.94
C HIS B 95 0.45 25.59 9.32
N SER B 96 0.82 24.33 9.12
CA SER B 96 2.05 23.80 9.70
C SER B 96 2.37 22.38 9.19
N GLY B 97 3.61 22.16 8.78
CA GLY B 97 4.03 20.83 8.36
C GLY B 97 4.26 19.85 9.51
N GLY B 98 4.17 20.32 10.74
CA GLY B 98 4.40 19.45 11.88
C GLY B 98 5.58 19.90 12.73
N ALA B 99 6.16 18.98 13.48
CA ALA B 99 7.22 19.32 14.43
C ALA B 99 8.51 19.73 13.71
N ARG B 100 9.27 20.62 14.33
CA ARG B 100 10.57 21.03 13.78
C ARG B 100 11.62 19.94 13.97
N LEU B 101 11.90 19.19 12.91
CA LEU B 101 12.91 18.12 12.96
C LEU B 101 14.23 18.51 13.66
N ALA B 102 14.75 19.70 13.34
CA ALA B 102 16.03 20.13 13.90
C ALA B 102 16.04 20.28 15.42
N GLU B 103 14.90 20.62 16.00
CA GLU B 103 14.87 20.80 17.44
C GLU B 103 14.79 19.48 18.21
N GLY B 104 14.65 18.38 17.47
CA GLY B 104 14.74 17.06 18.08
C GLY B 104 13.67 16.75 19.12
N VAL B 105 14.06 16.03 20.16
CA VAL B 105 13.14 15.49 21.14
C VAL B 105 12.48 16.59 21.94
N ARG B 106 13.24 17.65 22.20
CA ARG B 106 12.73 18.86 22.83
C ARG B 106 11.45 19.37 22.17
N ALA B 107 11.40 19.30 20.85
CA ALA B 107 10.21 19.79 20.13
C ALA B 107 9.06 18.81 20.32
N LEU B 108 9.38 17.52 20.20
CA LEU B 108 8.40 16.45 20.48
C LEU B 108 7.75 16.65 21.83
N HIS B 109 8.59 16.88 22.84
CA HIS B 109 8.10 17.08 24.19
C HIS B 109 7.19 18.30 24.25
N ALA B 110 7.58 19.36 23.56
CA ALA B 110 6.86 20.63 23.63
C ALA B 110 5.49 20.48 22.94
N VAL B 111 5.50 19.74 21.83
CA VAL B 111 4.27 19.40 21.14
C VAL B 111 3.36 18.61 22.09
N GLY B 112 3.92 17.61 22.77
CA GLY B 112 3.14 16.86 23.74
C GLY B 112 2.48 17.73 24.79
N GLN B 113 3.17 18.78 25.22
CA GLN B 113 2.62 19.65 26.24
C GLN B 113 1.44 20.46 25.72
N VAL B 114 1.44 20.77 24.42
CA VAL B 114 0.25 21.32 23.77
C VAL B 114 -0.93 20.36 23.89
N PHE B 115 -0.73 19.10 23.51
CA PHE B 115 -1.75 18.07 23.67
C PHE B 115 -2.28 18.01 25.10
N GLU B 116 -1.38 18.05 26.06
CA GLU B 116 -1.78 17.92 27.46
C GLU B 116 -2.62 19.12 27.90
N ALA B 117 -2.27 20.31 27.42
CA ALA B 117 -3.08 21.50 27.67
C ALA B 117 -4.48 21.36 27.06
N MET B 118 -4.55 20.87 25.84
CA MET B 118 -5.85 20.66 25.21
C MET B 118 -6.68 19.64 25.98
N ILE B 119 -6.01 18.61 26.48
CA ILE B 119 -6.71 17.59 27.26
C ILE B 119 -7.22 18.22 28.58
N ARG B 120 -6.45 19.06 29.22
CA ARG B 120 -6.90 19.72 30.43
C ARG B 120 -8.10 20.61 30.13
N ALA B 121 -8.15 21.17 28.96
CA ALA B 121 -9.23 22.09 28.59
C ALA B 121 -10.46 21.34 28.13
N SER B 122 -10.31 20.04 27.86
CA SER B 122 -11.37 19.28 27.20
C SER B 122 -12.66 19.29 28.02
N GLY B 123 -13.76 19.69 27.40
CA GLY B 123 -15.04 19.74 28.09
C GLY B 123 -15.17 20.87 29.08
N TYR B 124 -14.13 21.69 29.20
CA TYR B 124 -14.14 22.80 30.16
C TYR B 124 -14.30 24.16 29.47
N ILE B 125 -13.48 24.42 28.45
CA ILE B 125 -13.72 25.58 27.61
C ILE B 125 -13.88 25.07 26.19
N PRO B 126 -14.69 25.77 25.38
CA PRO B 126 -14.80 25.31 24.00
C PRO B 126 -13.48 25.51 23.24
N GLN B 127 -13.14 24.53 22.39
CA GLN B 127 -11.94 24.59 21.56
C GLN B 127 -12.30 24.42 20.09
N ILE B 128 -12.01 25.46 19.31
CA ILE B 128 -12.34 25.46 17.90
C ILE B 128 -11.03 25.54 17.11
N SER B 129 -10.91 24.69 16.08
CA SER B 129 -9.74 24.75 15.20
C SER B 129 -10.17 25.22 13.82
N VAL B 130 -9.41 26.17 13.29
CA VAL B 130 -9.60 26.61 11.91
C VAL B 130 -8.34 26.26 11.12
N VAL B 131 -8.44 25.24 10.27
CA VAL B 131 -7.30 24.76 9.49
C VAL B 131 -7.29 25.48 8.13
N VAL B 132 -6.36 26.40 7.95
CA VAL B 132 -6.37 27.24 6.76
C VAL B 132 -5.26 26.91 5.78
N GLY B 133 -4.32 26.08 6.21
CA GLY B 133 -3.25 25.65 5.33
C GLY B 133 -2.96 24.19 5.62
N PHE B 134 -2.03 23.63 4.84
CA PHE B 134 -1.54 22.28 5.05
C PHE B 134 -1.24 22.07 6.54
N ALA B 135 -1.71 20.95 7.08
CA ALA B 135 -1.54 20.65 8.49
C ALA B 135 -1.25 19.17 8.70
N ALA B 136 0.00 18.84 9.03
CA ALA B 136 0.44 17.44 9.09
C ALA B 136 1.11 17.13 10.41
N GLY B 137 1.22 15.84 10.74
CA GLY B 137 1.90 15.39 11.96
C GLY B 137 1.26 15.92 13.22
N GLY B 138 2.06 16.54 14.08
CA GLY B 138 1.54 17.16 15.29
C GLY B 138 0.47 18.19 15.01
N ALA B 139 0.52 18.79 13.82
CA ALA B 139 -0.46 19.80 13.45
C ALA B 139 -1.76 19.17 12.93
N ALA B 140 -1.76 17.85 12.75
CA ALA B 140 -3.02 17.18 12.43
C ALA B 140 -3.66 16.71 13.72
N TYR B 141 -2.83 16.26 14.66
CA TYR B 141 -3.36 15.74 15.91
C TYR B 141 -3.85 16.86 16.84
N GLY B 142 -3.19 18.01 16.80
CA GLY B 142 -3.65 19.16 17.55
C GLY B 142 -5.14 19.42 17.38
N PRO B 143 -5.58 19.73 16.16
CA PRO B 143 -7.01 19.95 15.88
C PRO B 143 -7.86 18.73 16.27
N ALA B 144 -7.29 17.53 16.16
CA ALA B 144 -8.03 16.30 16.41
C ALA B 144 -8.44 16.20 17.87
N LEU B 145 -7.73 16.93 18.73
CA LEU B 145 -8.08 16.96 20.15
C LEU B 145 -9.08 18.06 20.51
N THR B 146 -9.40 18.93 19.56
CA THR B 146 -10.30 20.05 19.88
C THR B 146 -11.75 19.63 19.65
N ASP B 147 -12.71 20.52 19.88
CA ASP B 147 -14.12 20.16 19.83
C ASP B 147 -14.72 20.24 18.42
N VAL B 148 -14.37 21.26 17.65
CA VAL B 148 -14.89 21.36 16.28
C VAL B 148 -13.79 21.83 15.35
N VAL B 149 -13.61 21.12 14.25
CA VAL B 149 -12.57 21.45 13.28
C VAL B 149 -13.19 22.04 12.00
N VAL B 150 -12.85 23.29 11.69
CA VAL B 150 -13.30 23.94 10.46
C VAL B 150 -12.13 23.96 9.49
N MET B 151 -12.35 23.42 8.28
CA MET B 151 -11.27 23.35 7.30
C MET B 151 -11.55 24.23 6.07
N ALA B 152 -10.55 25.01 5.65
CA ALA B 152 -10.62 25.69 4.34
C ALA B 152 -10.10 24.72 3.27
N PRO B 153 -10.73 24.70 2.10
CA PRO B 153 -10.35 23.73 1.07
C PRO B 153 -8.88 23.86 0.62
N GLU B 154 -8.28 25.03 0.80
CA GLU B 154 -6.89 25.22 0.43
C GLU B 154 -5.90 24.61 1.43
N SER B 155 -6.40 23.79 2.36
CA SER B 155 -5.56 23.17 3.38
C SER B 155 -5.17 21.74 3.02
N LYS B 186 -6.47 10.47 2.45
CA LYS B 186 -7.74 10.66 3.17
C LYS B 186 -7.61 10.74 4.70
N LYS B 187 -8.26 11.74 5.29
CA LYS B 187 -8.41 11.81 6.75
C LYS B 187 -9.90 11.87 7.14
N SER B 188 -10.60 10.77 6.90
CA SER B 188 -12.06 10.75 7.02
C SER B 188 -12.57 10.95 8.46
N GLY B 189 -13.62 11.76 8.59
CA GLY B 189 -14.24 11.96 9.89
C GLY B 189 -13.55 12.97 10.80
N VAL B 190 -12.36 13.44 10.41
CA VAL B 190 -11.60 14.37 11.27
C VAL B 190 -12.12 15.80 11.17
N CYS B 191 -12.41 16.23 9.94
CA CYS B 191 -12.95 17.55 9.71
C CYS B 191 -14.46 17.58 9.94
N HIS B 192 -14.91 18.51 10.77
CA HIS B 192 -16.35 18.65 11.04
C HIS B 192 -17.05 19.51 9.99
N ILE B 193 -16.40 20.62 9.61
CA ILE B 193 -17.03 21.61 8.74
C ILE B 193 -16.08 22.04 7.63
N VAL B 194 -16.54 21.95 6.39
CA VAL B 194 -15.75 22.41 5.25
C VAL B 194 -16.27 23.77 4.79
N ALA B 195 -15.42 24.79 4.89
CA ALA B 195 -15.76 26.15 4.50
C ALA B 195 -15.52 26.39 3.02
N ASP B 196 -15.88 27.57 2.53
CA ASP B 196 -15.74 27.88 1.10
C ASP B 196 -14.30 28.28 0.79
N ASP B 197 -13.71 29.04 1.72
CA ASP B 197 -12.32 29.50 1.61
C ASP B 197 -11.90 29.96 3.00
N GLU B 198 -10.72 30.58 3.09
CA GLU B 198 -10.17 31.00 4.37
C GLU B 198 -11.08 31.97 5.11
N LEU B 199 -11.51 33.02 4.41
CA LEU B 199 -12.41 34.02 5.00
C LEU B 199 -13.70 33.42 5.53
N ASP B 200 -14.30 32.52 4.75
CA ASP B 200 -15.54 31.88 5.17
C ASP B 200 -15.28 30.98 6.38
N ALA B 201 -14.05 30.49 6.48
CA ALA B 201 -13.66 29.61 7.58
C ALA B 201 -13.60 30.34 8.90
N TYR B 202 -13.05 31.56 8.89
CA TYR B 202 -13.06 32.40 10.10
C TYR B 202 -14.50 32.72 10.45
N ASP B 203 -15.31 32.96 9.41
CA ASP B 203 -16.71 33.27 9.62
C ASP B 203 -17.43 32.13 10.35
N ARG B 204 -17.26 30.90 9.87
CA ARG B 204 -17.91 29.77 10.53
C ARG B 204 -17.34 29.55 11.92
N GLY B 205 -16.02 29.74 12.03
CA GLY B 205 -15.36 29.72 13.32
C GLY B 205 -16.02 30.69 14.28
N ARG B 206 -16.24 31.93 13.84
CA ARG B 206 -16.84 32.95 14.69
C ARG B 206 -18.25 32.53 15.14
N ARG B 207 -19.06 32.08 14.17
CA ARG B 207 -20.39 31.59 14.50
C ARG B 207 -20.36 30.46 15.56
N LEU B 208 -19.37 29.58 15.46
CA LEU B 208 -19.25 28.49 16.43
C LEU B 208 -18.97 29.01 17.85
N VAL B 209 -18.16 30.06 17.96
CA VAL B 209 -17.94 30.69 19.26
C VAL B 209 -19.27 31.15 19.85
N GLY B 210 -20.11 31.76 19.00
CA GLY B 210 -21.44 32.19 19.43
C GLY B 210 -22.31 31.02 19.86
N LEU B 211 -22.28 29.93 19.07
CA LEU B 211 -23.10 28.76 19.41
C LEU B 211 -22.75 28.20 20.78
N PHE B 212 -21.46 28.18 21.11
CA PHE B 212 -21.00 27.63 22.39
C PHE B 212 -21.07 28.63 23.54
N CYS B 213 -20.89 29.92 23.24
CA CYS B 213 -20.72 30.91 24.31
C CYS B 213 -21.89 31.87 24.48
N GLN B 214 -22.79 31.91 23.50
CA GLN B 214 -24.03 32.69 23.63
C GLN B 214 -25.20 31.76 23.34
N GLN B 215 -25.34 30.73 24.15
CA GLN B 215 -26.36 29.71 23.94
C GLN B 215 -27.78 30.27 24.08
N GLY B 216 -27.95 31.28 24.92
CA GLY B 216 -29.24 31.93 25.06
C GLY B 216 -30.28 31.09 25.81
N HIS B 217 -31.54 31.51 25.71
CA HIS B 217 -32.67 30.84 26.37
C HIS B 217 -33.68 30.41 25.30
N PHE B 218 -34.41 29.33 25.55
CA PHE B 218 -35.57 29.01 24.73
C PHE B 218 -36.60 30.13 24.81
N ASP B 219 -37.34 30.34 23.72
CA ASP B 219 -38.38 31.37 23.70
C ASP B 219 -39.66 30.77 23.15
N ARG B 220 -40.61 30.48 24.04
CA ARG B 220 -41.84 29.79 23.65
C ARG B 220 -42.60 30.51 22.55
N SER B 221 -42.61 31.84 22.59
CA SER B 221 -43.36 32.61 21.59
C SER B 221 -42.74 32.50 20.21
N LYS B 222 -41.41 32.46 20.13
CA LYS B 222 -40.74 32.33 18.84
C LYS B 222 -40.88 30.92 18.26
N ALA B 223 -41.00 29.93 19.14
CA ALA B 223 -41.15 28.54 18.68
C ALA B 223 -42.46 28.38 17.95
N GLU B 224 -43.54 28.81 18.61
CA GLU B 224 -44.87 28.78 18.01
C GLU B 224 -44.93 29.57 16.72
N ALA B 225 -44.31 30.75 16.71
CA ALA B 225 -44.32 31.60 15.52
C ALA B 225 -43.68 30.90 14.30
N GLY B 226 -42.76 29.97 14.58
CA GLY B 226 -42.07 29.25 13.52
C GLY B 226 -42.68 27.89 13.18
N ASP B 227 -43.72 27.50 13.90
CA ASP B 227 -44.42 26.23 13.64
C ASP B 227 -44.90 26.12 12.19
N THR B 228 -44.66 24.95 11.58
CA THR B 228 -45.23 24.61 10.27
C THR B 228 -45.64 23.13 10.29
N ASP B 229 -46.35 22.69 9.25
CA ASP B 229 -46.66 21.26 9.09
C ASP B 229 -45.45 20.53 8.49
N ILE B 230 -44.57 20.07 9.38
CA ILE B 230 -43.34 19.41 8.97
C ILE B 230 -43.61 18.04 8.34
N HIS B 231 -44.74 17.43 8.68
CA HIS B 231 -45.15 16.16 8.09
C HIS B 231 -45.25 16.23 6.56
N ALA B 232 -45.55 17.41 6.04
CA ALA B 232 -45.73 17.57 4.59
C ALA B 232 -44.44 17.33 3.82
N LEU B 233 -43.32 17.29 4.53
CA LEU B 233 -42.01 17.10 3.90
C LEU B 233 -41.70 15.62 3.70
N LEU B 234 -42.56 14.75 4.22
CA LEU B 234 -42.38 13.32 4.05
C LEU B 234 -42.94 12.86 2.69
N PRO B 235 -42.39 11.77 2.13
CA PRO B 235 -42.93 11.21 0.88
C PRO B 235 -44.31 10.61 1.13
N GLU B 236 -45.16 10.56 0.09
CA GLU B 236 -46.50 9.99 0.23
C GLU B 236 -46.43 8.52 0.62
N SER B 237 -45.46 7.81 0.05
CA SER B 237 -45.26 6.40 0.35
C SER B 237 -44.34 6.21 1.55
N SER B 238 -44.72 5.32 2.46
CA SER B 238 -43.91 5.04 3.65
C SER B 238 -42.71 4.17 3.31
N ARG B 239 -42.64 3.67 2.08
CA ARG B 239 -41.52 2.85 1.62
C ARG B 239 -40.46 3.68 0.92
N ARG B 240 -40.81 4.90 0.52
CA ARG B 240 -39.88 5.74 -0.22
C ARG B 240 -38.88 6.47 0.70
N ALA B 241 -37.63 6.57 0.24
CA ALA B 241 -36.56 7.24 0.98
C ALA B 241 -36.55 8.74 0.67
N TYR B 242 -36.05 9.53 1.61
CA TYR B 242 -36.06 10.99 1.50
C TYR B 242 -34.85 11.56 2.22
N ASP B 243 -34.49 12.80 1.90
CA ASP B 243 -33.45 13.51 2.65
C ASP B 243 -34.05 14.10 3.93
N VAL B 244 -33.48 13.77 5.09
CA VAL B 244 -34.03 14.27 6.35
C VAL B 244 -33.73 15.75 6.59
N ARG B 245 -32.74 16.30 5.91
CA ARG B 245 -32.32 17.68 6.21
C ARG B 245 -33.38 18.79 6.12
N PRO B 246 -34.28 18.73 5.10
CA PRO B 246 -35.38 19.72 5.12
C PRO B 246 -36.21 19.63 6.41
N ILE B 247 -36.41 18.42 6.93
CA ILE B 247 -37.10 18.27 8.23
C ILE B 247 -36.33 18.93 9.39
N VAL B 248 -35.02 18.70 9.45
CA VAL B 248 -34.15 19.37 10.42
C VAL B 248 -34.22 20.88 10.26
N THR B 249 -34.12 21.34 9.03
CA THR B 249 -34.22 22.77 8.73
C THR B 249 -35.58 23.35 9.17
N ALA B 250 -36.64 22.59 8.97
CA ALA B 250 -37.97 23.06 9.34
C ALA B 250 -38.11 23.19 10.85
N ILE B 251 -37.45 22.30 11.59
CA ILE B 251 -37.49 22.36 13.06
C ILE B 251 -36.73 23.59 13.58
N LEU B 252 -35.55 23.82 13.02
CA LEU B 252 -34.68 24.90 13.46
C LEU B 252 -35.16 26.27 12.97
N ASP B 253 -34.64 27.34 13.58
CA ASP B 253 -35.09 28.68 13.24
C ASP B 253 -34.84 28.98 11.75
N ALA B 254 -35.80 29.69 11.16
CA ALA B 254 -35.92 29.85 9.70
C ALA B 254 -34.73 30.45 8.96
N ASP B 255 -34.20 31.56 9.46
CA ASP B 255 -33.12 32.21 8.73
C ASP B 255 -31.83 32.10 9.51
N THR B 256 -31.58 30.91 10.02
CA THR B 256 -30.43 30.62 10.85
C THR B 256 -29.77 29.40 10.23
N PRO B 257 -28.44 29.42 10.12
CA PRO B 257 -27.77 28.30 9.45
C PRO B 257 -27.88 27.01 10.28
N PHE B 258 -27.95 25.86 9.62
CA PHE B 258 -27.75 24.59 10.29
C PHE B 258 -26.29 24.22 10.10
N ASP B 259 -25.52 24.25 11.18
CA ASP B 259 -24.12 23.91 11.08
C ASP B 259 -23.90 22.41 11.21
N GLU B 260 -24.05 21.73 10.08
CA GLU B 260 -23.97 20.27 10.04
C GLU B 260 -22.53 19.82 10.20
N PHE B 261 -22.30 18.77 10.98
CA PHE B 261 -20.97 18.23 11.20
C PHE B 261 -20.75 17.00 10.32
N GLN B 262 -19.58 16.92 9.66
CA GLN B 262 -19.19 15.70 8.96
C GLN B 262 -20.24 15.23 7.95
N ALA B 263 -20.66 16.15 7.08
CA ALA B 263 -21.72 15.85 6.13
C ALA B 263 -21.36 14.70 5.20
N ASN B 264 -20.07 14.52 4.92
CA ASN B 264 -19.66 13.48 3.97
C ASN B 264 -19.07 12.23 4.58
N TRP B 265 -19.32 12.05 5.87
CA TRP B 265 -18.84 10.85 6.56
C TRP B 265 -20.01 10.27 7.32
N ALA B 266 -20.20 8.95 7.20
CA ALA B 266 -21.35 8.27 7.80
C ALA B 266 -22.66 8.96 7.40
N PRO B 267 -22.96 8.99 6.10
CA PRO B 267 -24.08 9.82 5.64
C PRO B 267 -25.47 9.32 6.07
N SER B 268 -25.56 8.14 6.68
CA SER B 268 -26.86 7.67 7.16
C SER B 268 -27.26 8.33 8.49
N MET B 269 -26.35 9.14 9.03
CA MET B 269 -26.64 9.89 10.25
C MET B 269 -26.39 11.37 9.95
N VAL B 270 -27.33 12.22 10.33
CA VAL B 270 -27.12 13.66 10.23
C VAL B 270 -27.02 14.25 11.64
N VAL B 271 -25.94 14.98 11.90
CA VAL B 271 -25.78 15.71 13.17
C VAL B 271 -25.28 17.14 12.94
N GLY B 272 -25.52 18.02 13.91
CA GLY B 272 -25.04 19.38 13.80
C GLY B 272 -25.68 20.35 14.77
N LEU B 273 -25.13 21.57 14.82
CA LEU B 273 -25.63 22.62 15.71
C LEU B 273 -26.49 23.62 14.98
N GLY B 274 -27.48 24.15 15.68
CA GLY B 274 -28.36 25.18 15.17
C GLY B 274 -28.99 25.91 16.34
N ARG B 275 -30.03 26.69 16.08
CA ARG B 275 -30.79 27.33 17.13
C ARG B 275 -32.27 27.00 17.03
N LEU B 276 -32.89 26.74 18.18
CA LEU B 276 -34.30 26.44 18.25
C LEU B 276 -34.91 27.49 19.19
N SER B 277 -35.69 28.39 18.60
CA SER B 277 -36.25 29.56 19.28
C SER B 277 -35.15 30.42 19.92
N GLY B 278 -34.00 30.47 19.25
CA GLY B 278 -32.90 31.32 19.69
C GLY B 278 -31.84 30.58 20.49
N ARG B 279 -32.18 29.40 20.97
CA ARG B 279 -31.27 28.68 21.86
C ARG B 279 -30.47 27.63 21.11
N THR B 280 -29.17 27.56 21.36
CA THR B 280 -28.32 26.58 20.72
C THR B 280 -28.81 25.17 21.06
N VAL B 281 -29.06 24.36 20.02
CA VAL B 281 -29.35 22.93 20.21
C VAL B 281 -28.52 22.10 19.25
N GLY B 282 -28.32 20.84 19.60
CA GLY B 282 -27.68 19.91 18.69
C GLY B 282 -28.76 18.99 18.17
N VAL B 283 -28.66 18.62 16.89
CA VAL B 283 -29.66 17.73 16.29
C VAL B 283 -28.98 16.46 15.80
N LEU B 284 -29.61 15.32 16.07
CA LEU B 284 -29.21 14.06 15.47
C LEU B 284 -30.41 13.50 14.75
N ALA B 285 -30.20 12.95 13.55
CA ALA B 285 -31.32 12.51 12.74
C ALA B 285 -30.91 11.41 11.78
N ASN B 286 -31.57 10.26 11.85
CA ASN B 286 -31.35 9.22 10.84
C ASN B 286 -31.71 9.80 9.48
N ASN B 287 -30.93 9.44 8.46
CA ASN B 287 -31.19 9.95 7.11
C ASN B 287 -31.52 8.82 6.16
N PRO B 288 -32.83 8.56 5.91
CA PRO B 288 -33.28 7.42 5.11
C PRO B 288 -32.76 7.46 3.67
N LEU B 289 -32.25 8.61 3.26
CA LEU B 289 -31.65 8.77 1.94
C LEU B 289 -30.40 7.90 1.74
N ARG B 290 -29.68 7.56 2.82
CA ARG B 290 -28.46 6.76 2.67
C ARG B 290 -28.55 5.52 3.54
N LEU B 291 -28.25 4.36 2.94
CA LEU B 291 -28.32 3.07 3.64
C LEU B 291 -29.68 2.84 4.33
N GLY B 292 -30.74 3.41 3.75
CA GLY B 292 -32.06 3.33 4.33
C GLY B 292 -32.15 3.96 5.71
N GLY B 293 -31.21 4.83 6.03
CA GLY B 293 -31.13 5.46 7.34
C GLY B 293 -30.69 4.52 8.46
N CYS B 294 -30.16 3.34 8.10
CA CYS B 294 -29.71 2.40 9.12
C CYS B 294 -28.51 2.89 9.91
N LEU B 295 -28.40 2.47 11.16
CA LEU B 295 -27.17 2.67 11.92
C LEU B 295 -26.12 1.70 11.42
N ASN B 296 -24.86 2.08 11.57
CA ASN B 296 -23.73 1.20 11.34
C ASN B 296 -22.57 1.72 12.17
N SER B 297 -21.40 1.14 12.02
CA SER B 297 -20.22 1.52 12.83
C SER B 297 -19.92 3.02 12.82
N GLU B 298 -19.76 3.61 11.63
CA GLU B 298 -19.40 5.03 11.56
C GLU B 298 -20.51 5.98 11.99
N SER B 299 -21.78 5.65 11.70
CA SER B 299 -22.86 6.54 12.10
C SER B 299 -23.00 6.54 13.62
N ALA B 300 -22.86 5.36 14.22
CA ALA B 300 -22.86 5.24 15.67
C ALA B 300 -21.72 6.04 16.30
N GLU B 301 -20.55 5.99 15.68
CA GLU B 301 -19.41 6.75 16.17
C GLU B 301 -19.68 8.25 16.03
N LYS B 302 -20.21 8.65 14.89
CA LYS B 302 -20.53 10.04 14.60
C LYS B 302 -21.55 10.54 15.62
N ALA B 303 -22.60 9.76 15.84
CA ALA B 303 -23.63 10.16 16.80
C ALA B 303 -23.07 10.23 18.23
N ALA B 304 -22.32 9.19 18.64
CA ALA B 304 -21.82 9.15 20.02
C ALA B 304 -20.91 10.34 20.33
N ARG B 305 -19.98 10.64 19.45
CA ARG B 305 -19.08 11.79 19.69
C ARG B 305 -19.89 13.09 19.80
N PHE B 306 -20.88 13.25 18.93
CA PHE B 306 -21.68 14.46 18.95
C PHE B 306 -22.46 14.58 20.26
N VAL B 307 -23.04 13.47 20.71
CA VAL B 307 -23.77 13.49 21.97
C VAL B 307 -22.85 13.92 23.11
N ARG B 308 -21.65 13.34 23.15
CA ARG B 308 -20.69 13.66 24.20
CA ARG B 308 -20.73 13.67 24.25
C ARG B 308 -20.33 15.15 24.18
N LEU B 309 -20.16 15.69 22.98
CA LEU B 309 -19.76 17.10 22.86
C LEU B 309 -20.88 17.99 23.39
N CYS B 310 -22.12 17.75 22.98
CA CYS B 310 -23.21 18.60 23.45
C CYS B 310 -23.43 18.50 24.96
N ASP B 311 -23.39 17.28 25.48
CA ASP B 311 -23.55 17.05 26.91
C ASP B 311 -22.46 17.82 27.68
N ALA B 312 -21.25 17.82 27.15
CA ALA B 312 -20.13 18.49 27.83
C ALA B 312 -20.38 19.99 28.00
N PHE B 313 -21.05 20.61 27.03
CA PHE B 313 -21.22 22.06 27.07
C PHE B 313 -22.65 22.53 27.40
N GLY B 314 -23.49 21.62 27.89
CA GLY B 314 -24.82 22.01 28.31
C GLY B 314 -25.81 22.27 27.18
N ILE B 315 -25.54 21.68 26.02
CA ILE B 315 -26.36 21.93 24.85
C ILE B 315 -27.41 20.83 24.70
N PRO B 316 -28.69 21.22 24.71
CA PRO B 316 -29.76 20.22 24.65
C PRO B 316 -29.89 19.59 23.26
N LEU B 317 -30.49 18.39 23.21
CA LEU B 317 -30.52 17.62 21.97
C LEU B 317 -31.93 17.37 21.48
N VAL B 318 -32.09 17.41 20.16
CA VAL B 318 -33.30 16.97 19.48
C VAL B 318 -32.90 15.76 18.64
N VAL B 319 -33.60 14.65 18.83
CA VAL B 319 -33.23 13.39 18.20
C VAL B 319 -34.39 12.94 17.31
N VAL B 320 -34.25 13.15 16.02
CA VAL B 320 -35.24 12.82 15.02
C VAL B 320 -35.03 11.38 14.50
N VAL B 321 -35.96 10.51 14.82
CA VAL B 321 -35.75 9.07 14.60
C VAL B 321 -36.59 8.53 13.45
N ASP B 322 -35.93 7.82 12.54
CA ASP B 322 -36.59 7.12 11.44
C ASP B 322 -35.59 6.08 10.90
N VAL B 323 -35.49 4.98 11.62
CA VAL B 323 -34.44 4.00 11.43
C VAL B 323 -35.02 2.59 11.52
N PRO B 324 -34.81 1.79 10.46
CA PRO B 324 -35.38 0.43 10.38
C PRO B 324 -34.48 -0.64 10.99
N GLY B 325 -33.19 -0.35 11.14
CA GLY B 325 -32.25 -1.35 11.63
C GLY B 325 -30.80 -0.90 11.59
N TYR B 326 -29.87 -1.85 11.63
CA TYR B 326 -28.44 -1.55 11.63
C TYR B 326 -27.63 -2.55 10.80
N LEU B 327 -26.40 -2.19 10.46
CA LEU B 327 -25.65 -2.93 9.44
C LEU B 327 -24.21 -3.22 9.87
N PRO B 328 -23.65 -4.33 9.36
CA PRO B 328 -22.21 -4.60 9.54
C PRO B 328 -21.38 -3.82 8.52
N GLY B 329 -20.07 -4.00 8.51
CA GLY B 329 -19.24 -3.34 7.50
C GLY B 329 -19.18 -4.20 6.23
N VAL B 330 -18.26 -3.89 5.32
CA VAL B 330 -18.10 -4.68 4.10
C VAL B 330 -17.60 -6.05 4.54
N ASP B 331 -18.06 -7.13 3.94
CA ASP B 331 -17.60 -8.40 4.48
C ASP B 331 -18.47 -9.08 5.55
N GLN B 332 -19.20 -8.31 6.37
CA GLN B 332 -19.99 -8.98 7.41
C GLN B 332 -19.28 -8.87 8.77
N GLU B 333 -18.47 -7.82 8.92
CA GLU B 333 -17.82 -7.51 10.19
C GLU B 333 -18.79 -6.77 11.11
N TRP B 334 -19.05 -7.34 12.28
CA TRP B 334 -19.99 -6.75 13.22
C TRP B 334 -19.28 -6.07 14.39
N GLY B 335 -17.95 -6.23 14.44
CA GLY B 335 -17.15 -5.67 15.51
C GLY B 335 -17.33 -4.18 15.72
N GLY B 336 -17.24 -3.41 14.62
CA GLY B 336 -17.39 -1.98 14.70
C GLY B 336 -18.73 -1.52 15.24
N VAL B 337 -19.81 -2.03 14.66
CA VAL B 337 -21.14 -1.58 15.08
C VAL B 337 -21.46 -2.05 16.50
N VAL B 338 -20.87 -3.18 16.93
CA VAL B 338 -21.03 -3.58 18.32
C VAL B 338 -20.30 -2.61 19.26
N ARG B 339 -18.99 -2.44 19.05
CA ARG B 339 -18.19 -1.50 19.84
C ARG B 339 -18.71 -0.06 19.78
N ARG B 340 -18.90 0.47 18.57
CA ARG B 340 -19.37 1.85 18.43
C ARG B 340 -20.82 1.99 18.93
N GLY B 341 -21.65 0.98 18.66
CA GLY B 341 -23.02 0.97 19.12
C GLY B 341 -23.10 1.06 20.64
N ALA B 342 -22.30 0.23 21.31
CA ALA B 342 -22.14 0.29 22.77
C ALA B 342 -21.79 1.70 23.27
N LYS B 343 -20.86 2.35 22.57
CA LYS B 343 -20.48 3.71 22.89
C LYS B 343 -21.64 4.69 22.73
N LEU B 344 -22.47 4.49 21.71
CA LEU B 344 -23.66 5.30 21.51
C LEU B 344 -24.60 5.13 22.72
N LEU B 345 -24.86 3.88 23.11
CA LEU B 345 -25.66 3.60 24.30
C LEU B 345 -25.14 4.34 25.52
N HIS B 346 -23.83 4.27 25.70
CA HIS B 346 -23.15 4.92 26.81
C HIS B 346 -23.35 6.43 26.79
N ALA B 347 -23.20 7.01 25.60
CA ALA B 347 -23.36 8.45 25.45
C ALA B 347 -24.75 8.93 25.86
N PHE B 348 -25.80 8.31 25.33
CA PHE B 348 -27.14 8.70 25.72
C PHE B 348 -27.36 8.36 27.19
N GLY B 349 -27.05 7.12 27.59
CA GLY B 349 -27.20 6.69 28.98
C GLY B 349 -26.68 7.66 30.03
N GLU B 350 -25.49 8.23 29.80
CA GLU B 350 -24.85 9.11 30.77
C GLU B 350 -25.15 10.58 30.57
N CYS B 351 -25.93 10.86 29.56
CA CYS B 351 -26.23 12.24 29.20
C CYS B 351 -27.06 12.91 30.28
N THR B 352 -26.71 14.15 30.64
CA THR B 352 -27.54 14.90 31.60
C THR B 352 -28.27 16.12 31.01
N VAL B 353 -27.88 16.56 29.82
CA VAL B 353 -28.60 17.66 29.19
C VAL B 353 -29.97 17.18 28.75
N PRO B 354 -30.95 18.09 28.59
CA PRO B 354 -32.24 17.66 28.04
C PRO B 354 -32.07 17.03 26.65
N ARG B 355 -32.81 15.95 26.39
CA ARG B 355 -32.71 15.25 25.11
C ARG B 355 -34.07 14.66 24.75
N VAL B 356 -34.68 15.22 23.72
CA VAL B 356 -36.02 14.84 23.35
C VAL B 356 -36.02 14.12 22.01
N THR B 357 -36.79 13.04 21.95
CA THR B 357 -36.84 12.20 20.77
C THR B 357 -38.15 12.45 20.04
N LEU B 358 -38.07 12.56 18.72
CA LEU B 358 -39.25 12.63 17.88
C LEU B 358 -39.22 11.48 16.88
N VAL B 359 -40.19 10.56 16.98
CA VAL B 359 -40.27 9.49 15.98
C VAL B 359 -41.17 9.95 14.85
N THR B 360 -40.59 10.12 13.66
CA THR B 360 -41.36 10.56 12.50
C THR B 360 -42.11 9.40 11.82
N ARG B 361 -41.39 8.40 11.34
CA ARG B 361 -42.05 7.27 10.66
C ARG B 361 -41.97 5.93 11.39
N LYS B 362 -40.78 5.35 11.44
CA LYS B 362 -40.64 4.02 12.03
C LYS B 362 -39.36 3.90 12.83
N THR B 363 -39.41 3.11 13.89
CA THR B 363 -38.22 2.84 14.69
C THR B 363 -38.27 1.39 15.19
N TYR B 364 -37.28 0.58 14.80
CA TYR B 364 -37.33 -0.86 15.04
C TYR B 364 -36.18 -1.36 15.92
N GLY B 365 -36.50 -2.33 16.77
CA GLY B 365 -35.49 -3.17 17.41
C GLY B 365 -34.38 -2.49 18.21
N GLY B 366 -33.17 -3.02 18.10
CA GLY B 366 -32.04 -2.50 18.82
C GLY B 366 -31.74 -1.04 18.49
N ALA B 367 -31.94 -0.67 17.22
CA ALA B 367 -31.75 0.71 16.79
C ALA B 367 -32.71 1.64 17.54
N TYR B 368 -33.96 1.22 17.68
CA TYR B 368 -34.93 1.95 18.48
C TYR B 368 -34.38 2.26 19.87
N ILE B 369 -33.75 1.25 20.49
CA ILE B 369 -33.23 1.42 21.83
C ILE B 369 -32.11 2.45 21.87
N ALA B 370 -31.19 2.39 20.90
CA ALA B 370 -30.04 3.27 20.87
C ALA B 370 -30.37 4.73 20.54
N MET B 371 -31.43 4.96 19.77
CA MET B 371 -31.79 6.34 19.39
C MET B 371 -32.56 7.07 20.48
N ASN B 372 -31.89 7.32 21.61
CA ASN B 372 -32.46 8.07 22.72
C ASN B 372 -33.83 7.57 23.15
N SER B 373 -33.91 6.30 23.49
CA SER B 373 -35.16 5.70 23.95
C SER B 373 -35.38 5.99 25.44
N ARG B 374 -36.62 5.78 25.87
CA ARG B 374 -37.00 5.99 27.27
C ARG B 374 -36.14 5.14 28.23
N SER B 375 -35.78 3.92 27.79
CA SER B 375 -34.96 3.04 28.62
C SER B 375 -33.60 3.67 28.91
N LEU B 376 -33.14 4.54 28.02
CA LEU B 376 -31.88 5.25 28.26
C LEU B 376 -32.10 6.62 28.91
N ASN B 377 -33.29 6.82 29.47
CA ASN B 377 -33.66 8.05 30.19
C ASN B 377 -33.83 9.30 29.34
N ALA B 378 -34.35 9.14 28.12
CA ALA B 378 -34.74 10.26 27.28
C ALA B 378 -35.65 11.20 28.07
N THR B 379 -35.46 12.51 27.87
CA THR B 379 -36.30 13.49 28.56
C THR B 379 -37.76 13.27 28.22
N LYS B 380 -38.04 13.18 26.92
CA LYS B 380 -39.39 13.01 26.44
C LYS B 380 -39.32 12.35 25.09
N VAL B 381 -40.34 11.54 24.78
CA VAL B 381 -40.43 10.90 23.48
C VAL B 381 -41.76 11.22 22.83
N PHE B 382 -41.71 11.91 21.69
CA PHE B 382 -42.92 12.26 20.94
C PHE B 382 -43.00 11.36 19.73
N ALA B 383 -44.21 11.14 19.24
CA ALA B 383 -44.39 10.42 17.98
C ALA B 383 -45.42 11.13 17.09
N TRP B 384 -45.12 11.20 15.79
CA TRP B 384 -46.12 11.64 14.83
C TRP B 384 -47.23 10.57 14.75
N PRO B 385 -48.44 10.96 14.31
CA PRO B 385 -49.62 10.07 14.30
C PRO B 385 -49.41 8.71 13.61
N ASP B 386 -48.87 8.71 12.39
CA ASP B 386 -48.64 7.46 11.66
C ASP B 386 -47.28 6.82 11.94
N ALA B 387 -46.70 7.08 13.11
CA ALA B 387 -45.40 6.50 13.44
C ALA B 387 -45.54 5.05 13.89
N GLU B 388 -44.53 4.25 13.58
CA GLU B 388 -44.46 2.87 14.03
C GLU B 388 -43.25 2.65 14.95
N VAL B 389 -43.51 2.07 16.12
CA VAL B 389 -42.50 1.69 17.09
C VAL B 389 -42.66 0.19 17.36
N ALA B 390 -41.68 -0.61 16.94
CA ALA B 390 -41.82 -2.07 17.01
C ALA B 390 -40.49 -2.82 17.01
N VAL B 391 -40.55 -4.12 17.26
CA VAL B 391 -39.38 -4.98 17.21
C VAL B 391 -38.83 -5.09 15.78
N MET B 392 -39.74 -5.16 14.81
CA MET B 392 -39.39 -5.23 13.39
C MET B 392 -40.66 -5.02 12.56
N GLY B 393 -40.54 -5.02 11.24
CA GLY B 393 -41.72 -4.95 10.38
C GLY B 393 -42.73 -6.05 10.70
N ALA B 394 -44.01 -5.78 10.45
CA ALA B 394 -45.07 -6.75 10.77
C ALA B 394 -44.93 -8.05 9.97
N LYS B 395 -44.52 -7.92 8.70
CA LYS B 395 -44.33 -9.09 7.86
C LYS B 395 -43.22 -9.98 8.43
N ALA B 396 -42.08 -9.38 8.77
CA ALA B 396 -40.97 -10.14 9.34
C ALA B 396 -41.34 -10.73 10.71
N ALA B 397 -42.02 -9.93 11.53
CA ALA B 397 -42.47 -10.38 12.84
C ALA B 397 -43.29 -11.67 12.71
N VAL B 398 -44.25 -11.64 11.78
CA VAL B 398 -45.20 -12.72 11.58
C VAL B 398 -44.53 -13.99 11.05
N GLY B 399 -43.60 -13.82 10.10
CA GLY B 399 -42.79 -14.92 9.60
C GLY B 399 -42.08 -15.74 10.69
N ILE B 400 -41.73 -15.06 11.79
CA ILE B 400 -41.09 -15.71 12.94
C ILE B 400 -42.13 -16.26 13.95
N LEU B 401 -43.10 -15.43 14.31
CA LEU B 401 -44.09 -15.79 15.33
C LEU B 401 -45.07 -16.89 14.86
N HIS B 402 -45.20 -17.05 13.55
CA HIS B 402 -46.11 -18.04 12.99
C HIS B 402 -45.38 -18.93 11.97
N LYS B 403 -44.10 -19.17 12.21
CA LYS B 403 -43.26 -19.94 11.27
C LYS B 403 -43.84 -21.32 10.96
N LYS B 404 -44.27 -22.02 12.01
CA LYS B 404 -44.82 -23.36 11.85
C LYS B 404 -46.18 -23.41 11.15
N LYS B 405 -47.11 -22.54 11.57
CA LYS B 405 -48.41 -22.42 10.87
C LYS B 405 -48.20 -22.09 9.40
N LEU B 406 -47.28 -21.17 9.13
CA LEU B 406 -47.03 -20.75 7.76
C LEU B 406 -46.40 -21.89 6.96
N ALA B 407 -45.47 -22.61 7.58
CA ALA B 407 -44.80 -23.72 6.93
C ALA B 407 -45.78 -24.87 6.65
N ALA B 408 -46.71 -25.10 7.57
CA ALA B 408 -47.65 -26.22 7.46
C ALA B 408 -48.80 -25.93 6.49
N ALA B 409 -48.98 -24.66 6.13
CA ALA B 409 -50.04 -24.26 5.20
C ALA B 409 -49.68 -24.62 3.75
N PRO B 410 -50.68 -24.98 2.93
CA PRO B 410 -50.49 -25.23 1.50
C PRO B 410 -49.82 -24.05 0.79
N GLU B 411 -48.81 -24.32 -0.05
CA GLU B 411 -48.02 -23.25 -0.67
C GLU B 411 -48.85 -22.19 -1.41
N HIS B 412 -49.98 -22.60 -1.99
CA HIS B 412 -50.83 -21.67 -2.72
C HIS B 412 -51.67 -20.76 -1.81
N GLU B 413 -51.99 -21.25 -0.61
CA GLU B 413 -52.75 -20.46 0.36
C GLU B 413 -51.83 -19.63 1.29
N ARG B 414 -50.52 -19.78 1.09
CA ARG B 414 -49.54 -19.31 2.08
C ARG B 414 -49.27 -17.82 2.08
N GLU B 415 -49.01 -17.25 0.90
CA GLU B 415 -48.70 -15.83 0.79
C GLU B 415 -49.89 -15.01 1.27
N ALA B 416 -51.08 -15.56 1.06
CA ALA B 416 -52.32 -14.95 1.53
C ALA B 416 -52.44 -15.08 3.05
N LEU B 417 -52.09 -16.24 3.58
CA LEU B 417 -52.10 -16.42 5.04
C LEU B 417 -51.13 -15.46 5.73
N HIS B 418 -49.93 -15.33 5.18
CA HIS B 418 -48.89 -14.45 5.72
C HIS B 418 -49.38 -13.00 5.79
N ASP B 419 -49.98 -12.53 4.69
CA ASP B 419 -50.46 -11.15 4.61
C ASP B 419 -51.63 -10.92 5.56
N GLN B 420 -52.48 -11.93 5.70
CA GLN B 420 -53.63 -11.83 6.61
C GLN B 420 -53.19 -11.76 8.07
N LEU B 421 -52.20 -12.58 8.44
CA LEU B 421 -51.65 -12.58 9.80
C LEU B 421 -50.92 -11.29 10.12
N ALA B 422 -50.23 -10.74 9.12
CA ALA B 422 -49.49 -9.49 9.27
C ALA B 422 -50.47 -8.36 9.55
N ALA B 423 -51.52 -8.30 8.74
CA ALA B 423 -52.58 -7.31 8.89
C ALA B 423 -53.18 -7.29 10.31
N GLU B 424 -53.40 -8.48 10.88
CA GLU B 424 -53.96 -8.57 12.22
C GLU B 424 -52.90 -8.27 13.29
N HIS B 425 -51.64 -8.62 13.01
CA HIS B 425 -50.54 -8.26 13.90
C HIS B 425 -50.42 -6.74 13.96
N GLU B 426 -50.50 -6.12 12.78
CA GLU B 426 -50.31 -4.67 12.62
C GLU B 426 -51.43 -3.86 13.29
N ARG B 427 -52.54 -4.52 13.61
CA ARG B 427 -53.69 -3.84 14.18
C ARG B 427 -53.64 -3.81 15.72
N ILE B 428 -52.66 -4.50 16.30
CA ILE B 428 -52.58 -4.63 17.75
C ILE B 428 -51.17 -4.39 18.27
N ALA B 429 -50.21 -4.28 17.36
CA ALA B 429 -48.82 -4.06 17.73
C ALA B 429 -48.17 -3.08 16.75
N GLY B 430 -47.35 -2.16 17.27
CA GLY B 430 -46.62 -1.25 16.43
C GLY B 430 -47.09 0.21 16.47
N GLY B 431 -48.39 0.41 16.67
CA GLY B 431 -48.93 1.76 16.70
C GLY B 431 -48.40 2.66 17.82
N VAL B 432 -48.58 3.96 17.63
CA VAL B 432 -48.26 4.93 18.67
C VAL B 432 -49.06 4.66 19.95
N ASP B 433 -50.34 4.29 19.78
CA ASP B 433 -51.23 4.06 20.93
C ASP B 433 -50.81 2.86 21.81
N SER B 434 -50.29 1.81 21.19
CA SER B 434 -49.67 0.73 21.95
C SER B 434 -48.46 1.22 22.76
N ALA B 435 -47.51 1.88 22.10
CA ALA B 435 -46.32 2.40 22.77
C ALA B 435 -46.68 3.42 23.86
N LEU B 436 -47.72 4.21 23.61
CA LEU B 436 -48.24 5.14 24.60
C LEU B 436 -48.66 4.36 25.83
N ASP B 437 -49.40 3.28 25.60
CA ASP B 437 -49.91 2.44 26.66
C ASP B 437 -48.77 1.86 27.50
N ILE B 438 -47.76 1.31 26.83
CA ILE B 438 -46.59 0.78 27.51
C ILE B 438 -45.85 1.89 28.27
N GLY B 439 -45.78 3.07 27.67
CA GLY B 439 -45.10 4.20 28.30
C GLY B 439 -43.78 4.60 27.63
N VAL B 440 -43.41 3.93 26.56
CA VAL B 440 -42.15 4.27 25.89
C VAL B 440 -42.31 5.42 24.90
N VAL B 441 -43.56 5.80 24.63
CA VAL B 441 -43.83 7.08 23.97
C VAL B 441 -44.67 7.90 24.96
N ASP B 442 -44.27 9.15 25.19
CA ASP B 442 -44.96 10.00 26.15
C ASP B 442 -46.18 10.63 25.52
N GLU B 443 -46.07 11.01 24.25
CA GLU B 443 -47.15 11.78 23.65
C GLU B 443 -47.18 11.69 22.12
N LYS B 444 -48.36 11.48 21.55
CA LYS B 444 -48.53 11.64 20.11
C LYS B 444 -48.81 13.12 19.84
N ILE B 445 -48.14 13.70 18.86
CA ILE B 445 -48.33 15.12 18.56
C ILE B 445 -48.74 15.41 17.11
N ASP B 446 -49.54 16.47 16.96
CA ASP B 446 -49.83 17.08 15.67
C ASP B 446 -48.52 17.65 15.09
N PRO B 447 -48.11 17.17 13.90
CA PRO B 447 -46.85 17.60 13.31
C PRO B 447 -46.76 19.11 13.06
N ALA B 448 -47.90 19.79 13.07
CA ALA B 448 -47.92 21.24 12.94
C ALA B 448 -47.41 21.92 14.21
N HIS B 449 -47.33 21.17 15.31
CA HIS B 449 -46.86 21.73 16.57
C HIS B 449 -45.51 21.17 17.00
N THR B 450 -44.79 20.55 16.06
CA THR B 450 -43.47 19.98 16.35
C THR B 450 -42.53 20.94 17.08
N ARG B 451 -42.33 22.14 16.55
CA ARG B 451 -41.42 23.12 17.16
C ARG B 451 -41.77 23.43 18.60
N SER B 452 -43.01 23.87 18.83
CA SER B 452 -43.42 24.28 20.16
C SER B 452 -43.40 23.12 21.14
N LYS B 453 -43.86 21.96 20.69
CA LYS B 453 -43.81 20.76 21.51
C LYS B 453 -42.38 20.45 21.92
N LEU B 454 -41.46 20.43 20.95
CA LEU B 454 -40.05 20.13 21.24
C LEU B 454 -39.49 21.14 22.24
N THR B 455 -39.68 22.42 21.93
CA THR B 455 -39.21 23.52 22.78
C THR B 455 -39.79 23.41 24.18
N GLU B 456 -41.07 23.08 24.26
CA GLU B 456 -41.71 22.98 25.57
C GLU B 456 -41.09 21.85 26.40
N ALA B 457 -40.85 20.70 25.80
CA ALA B 457 -40.27 19.58 26.53
C ALA B 457 -38.86 19.91 27.00
N LEU B 458 -38.06 20.52 26.12
CA LEU B 458 -36.67 20.85 26.43
C LEU B 458 -36.59 21.89 27.54
N ALA B 459 -37.55 22.81 27.55
CA ALA B 459 -37.58 23.90 28.53
C ALA B 459 -37.98 23.39 29.91
N GLN B 460 -38.86 22.40 29.94
CA GLN B 460 -39.35 21.88 31.20
C GLN B 460 -38.36 20.96 31.92
N ALA B 461 -37.38 20.45 31.18
CA ALA B 461 -36.34 19.60 31.77
C ALA B 461 -35.35 20.47 32.52
N PRO B 462 -34.62 19.88 33.49
CA PRO B 462 -33.53 20.62 34.11
C PRO B 462 -32.35 20.80 33.16
N ALA B 463 -31.52 21.82 33.39
CA ALA B 463 -30.24 21.91 32.70
C ALA B 463 -29.46 20.59 32.80
N ARG B 464 -29.47 19.99 33.99
CA ARG B 464 -28.72 18.76 34.24
C ARG B 464 -29.48 17.75 35.11
N ARG B 465 -29.95 16.67 34.49
CA ARG B 465 -30.42 15.44 35.17
C ARG B 465 -31.05 14.48 34.14
N GLY B 466 -31.06 13.19 34.45
CA GLY B 466 -31.58 12.19 33.54
C GLY B 466 -30.48 11.49 32.75
N LEU C 13 23.01 18.26 -51.17
CA LEU C 13 22.82 18.20 -52.63
C LEU C 13 23.08 16.79 -53.17
N ASP C 14 23.89 16.69 -54.22
CA ASP C 14 24.32 15.39 -54.72
C ASP C 14 25.21 14.55 -53.79
N PRO C 15 25.85 15.16 -52.75
CA PRO C 15 26.51 14.24 -51.80
C PRO C 15 25.53 13.32 -51.07
N ARG C 16 24.25 13.67 -51.06
CA ARG C 16 23.22 12.82 -50.46
C ARG C 16 22.68 11.82 -51.46
N ASP C 17 23.27 11.77 -52.65
CA ASP C 17 22.88 10.79 -53.67
C ASP C 17 23.10 9.35 -53.18
N PRO C 18 22.02 8.54 -53.18
CA PRO C 18 22.07 7.19 -52.59
C PRO C 18 23.02 6.22 -53.30
N LEU C 19 23.13 6.32 -54.62
CA LEU C 19 24.04 5.44 -55.36
C LEU C 19 25.48 5.77 -54.95
N LEU C 20 25.78 7.07 -54.87
CA LEU C 20 27.07 7.54 -54.36
C LEU C 20 27.39 7.02 -52.95
N ARG C 21 26.45 7.20 -52.03
CA ARG C 21 26.66 6.73 -50.66
C ARG C 21 26.91 5.22 -50.62
N LEU C 22 26.04 4.45 -51.26
CA LEU C 22 26.20 3.00 -51.37
C LEU C 22 27.57 2.62 -51.92
N SER C 23 28.03 3.31 -52.96
CA SER C 23 29.31 3.03 -53.61
C SER C 23 30.51 3.33 -52.71
N ASN C 24 30.36 4.33 -51.84
CA ASN C 24 31.36 4.61 -50.82
C ASN C 24 31.39 3.57 -49.71
N PHE C 25 30.29 2.83 -49.54
CA PHE C 25 30.25 1.75 -48.55
C PHE C 25 30.75 0.40 -49.08
N PHE C 26 30.32 0.03 -50.28
CA PHE C 26 30.69 -1.26 -50.87
C PHE C 26 32.10 -1.27 -51.47
N ASP C 27 32.67 -2.48 -51.62
CA ASP C 27 33.90 -2.66 -52.38
C ASP C 27 33.72 -2.03 -53.77
N ASP C 28 34.78 -1.41 -54.27
CA ASP C 28 34.70 -0.73 -55.57
C ASP C 28 34.33 -1.73 -56.68
N GLY C 29 33.34 -1.36 -57.50
CA GLY C 29 32.92 -2.17 -58.63
C GLY C 29 31.87 -3.22 -58.30
N SER C 30 31.53 -3.36 -57.02
CA SER C 30 30.70 -4.49 -56.58
C SER C 30 29.18 -4.26 -56.58
N VAL C 31 28.76 -3.00 -56.66
CA VAL C 31 27.34 -2.64 -56.56
C VAL C 31 26.47 -3.25 -57.65
N GLU C 32 25.45 -4.01 -57.23
CA GLU C 32 24.38 -4.45 -58.14
C GLU C 32 23.04 -4.00 -57.56
N LEU C 33 22.35 -3.10 -58.25
CA LEU C 33 21.07 -2.60 -57.75
C LEU C 33 20.06 -3.73 -57.62
N LEU C 34 19.16 -3.63 -56.65
CA LEU C 34 18.18 -4.70 -56.42
C LEU C 34 16.85 -4.39 -57.09
N HIS C 35 16.74 -3.18 -57.64
CA HIS C 35 15.51 -2.70 -58.26
C HIS C 35 15.89 -1.51 -59.12
N GLU C 36 15.04 -1.16 -60.09
CA GLU C 36 15.27 0.03 -60.89
C GLU C 36 15.18 1.28 -60.00
N ARG C 37 16.05 2.24 -60.25
CA ARG C 37 16.07 3.50 -59.52
C ARG C 37 14.77 4.29 -59.74
N ASP C 38 14.30 5.01 -58.73
CA ASP C 38 13.01 5.72 -58.79
C ASP C 38 12.92 6.88 -57.80
N ARG C 39 11.69 7.31 -57.52
CA ARG C 39 11.45 8.40 -56.57
C ARG C 39 10.81 7.90 -55.27
N SER C 40 11.19 6.72 -54.84
CA SER C 40 10.62 6.10 -53.64
C SER C 40 11.06 6.56 -52.27
N GLY C 41 12.29 6.91 -52.12
CA GLY C 41 12.92 7.35 -50.90
C GLY C 41 14.00 6.33 -50.56
N VAL C 42 14.27 5.36 -51.44
CA VAL C 42 15.31 4.42 -51.06
C VAL C 42 15.92 3.59 -52.19
N LEU C 43 17.24 3.40 -52.15
CA LEU C 43 17.89 2.60 -53.16
C LEU C 43 18.53 1.42 -52.44
N ALA C 44 18.16 0.20 -52.83
CA ALA C 44 18.74 -0.97 -52.20
C ALA C 44 19.65 -1.64 -53.21
N ALA C 45 20.73 -2.26 -52.74
CA ALA C 45 21.65 -2.94 -53.65
C ALA C 45 22.42 -4.06 -52.98
N ALA C 46 22.91 -5.02 -53.77
CA ALA C 46 23.84 -6.00 -53.23
C ALA C 46 25.25 -5.58 -53.61
N GLY C 47 26.23 -6.05 -52.85
CA GLY C 47 27.61 -5.76 -53.13
C GLY C 47 28.51 -6.58 -52.25
N THR C 48 29.80 -6.26 -52.22
CA THR C 48 30.72 -6.94 -51.32
C THR C 48 31.38 -5.97 -50.36
N VAL C 49 31.73 -6.50 -49.19
CA VAL C 49 32.47 -5.77 -48.18
C VAL C 49 33.69 -6.65 -47.87
N ASN C 50 34.84 -6.28 -48.43
CA ASN C 50 36.06 -7.06 -48.27
C ASN C 50 35.79 -8.50 -48.66
N GLY C 51 35.08 -8.67 -49.76
CA GLY C 51 34.76 -10.00 -50.25
C GLY C 51 33.44 -10.57 -49.78
N VAL C 52 32.95 -10.15 -48.62
CA VAL C 52 31.71 -10.71 -48.08
C VAL C 52 30.46 -10.15 -48.79
N ARG C 53 29.65 -11.03 -49.37
CA ARG C 53 28.40 -10.62 -50.01
C ARG C 53 27.50 -9.95 -48.98
N THR C 54 27.08 -8.73 -49.29
CA THR C 54 26.34 -7.91 -48.35
C THR C 54 25.17 -7.18 -49.04
N ILE C 55 24.05 -7.05 -48.33
CA ILE C 55 22.91 -6.30 -48.83
C ILE C 55 22.89 -4.94 -48.12
N ALA C 56 22.58 -3.87 -48.86
CA ALA C 56 22.39 -2.55 -48.25
C ALA C 56 21.26 -1.73 -48.88
N PHE C 57 20.70 -0.82 -48.09
CA PHE C 57 19.74 0.16 -48.59
C PHE C 57 20.14 1.53 -48.05
N CYS C 58 19.79 2.56 -48.81
CA CYS C 58 20.10 3.94 -48.43
C CYS C 58 18.85 4.78 -48.62
N THR C 59 18.43 5.50 -47.59
CA THR C 59 17.34 6.46 -47.77
C THR C 59 17.88 7.57 -48.65
N ASP C 60 17.00 8.20 -49.43
CA ASP C 60 17.42 9.19 -50.43
C ASP C 60 17.15 10.62 -49.96
N GLY C 61 18.17 11.26 -49.41
CA GLY C 61 18.05 12.62 -48.92
C GLY C 61 17.75 13.66 -49.99
N THR C 62 17.85 13.28 -51.26
CA THR C 62 17.53 14.19 -52.36
C THR C 62 16.04 14.23 -52.67
N VAL C 63 15.28 13.28 -52.15
CA VAL C 63 13.83 13.22 -52.37
C VAL C 63 13.06 13.40 -51.07
N MET C 64 12.35 14.52 -50.95
CA MET C 64 11.55 14.81 -49.76
C MET C 64 12.35 14.67 -48.46
N GLY C 65 13.61 15.06 -48.50
CA GLY C 65 14.51 14.90 -47.37
C GLY C 65 14.64 13.45 -46.90
N GLY C 66 14.39 12.52 -47.81
CA GLY C 66 14.48 11.11 -47.48
C GLY C 66 13.34 10.57 -46.64
N ALA C 67 12.22 11.29 -46.63
CA ALA C 67 11.01 10.85 -45.92
C ALA C 67 10.58 9.46 -46.36
N MET C 68 10.16 8.62 -45.41
CA MET C 68 9.84 7.21 -45.70
C MET C 68 8.42 7.02 -46.21
N GLY C 69 8.29 6.41 -47.37
CA GLY C 69 6.97 6.17 -47.94
C GLY C 69 6.70 4.71 -48.26
N VAL C 70 5.56 4.46 -48.89
CA VAL C 70 5.16 3.08 -49.18
C VAL C 70 6.13 2.37 -50.12
N GLU C 71 6.45 3.01 -51.25
CA GLU C 71 7.32 2.38 -52.25
C GLU C 71 8.72 2.14 -51.69
N GLY C 72 9.27 3.17 -51.05
CA GLY C 72 10.59 3.08 -50.45
C GLY C 72 10.68 2.01 -49.38
N CYS C 73 9.67 1.94 -48.52
CA CYS C 73 9.68 0.90 -47.47
C CYS C 73 9.61 -0.50 -48.08
N THR C 74 8.89 -0.60 -49.19
CA THR C 74 8.78 -1.89 -49.88
C THR C 74 10.12 -2.38 -50.42
N HIS C 75 10.95 -1.46 -50.91
CA HIS C 75 12.30 -1.82 -51.36
C HIS C 75 13.11 -2.30 -50.15
N ILE C 76 12.94 -1.63 -49.00
CA ILE C 76 13.68 -2.07 -47.80
C ILE C 76 13.26 -3.48 -47.37
N VAL C 77 11.95 -3.74 -47.30
CA VAL C 77 11.45 -5.08 -46.96
C VAL C 77 11.96 -6.13 -47.94
N ASN C 78 11.94 -5.82 -49.23
CA ASN C 78 12.49 -6.72 -50.25
C ASN C 78 13.97 -7.03 -50.05
N ALA C 79 14.76 -5.99 -49.74
CA ALA C 79 16.18 -6.18 -49.42
C ALA C 79 16.35 -7.06 -48.17
N TYR C 80 15.48 -6.87 -47.18
CA TYR C 80 15.52 -7.71 -45.97
C TYR C 80 15.21 -9.16 -46.33
N ASP C 81 14.21 -9.36 -47.19
CA ASP C 81 13.85 -10.72 -47.59
C ASP C 81 14.98 -11.40 -48.36
N THR C 82 15.60 -10.65 -49.27
CA THR C 82 16.79 -11.11 -49.99
C THR C 82 17.91 -11.50 -49.03
N ALA C 83 18.18 -10.63 -48.04
CA ALA C 83 19.27 -10.87 -47.09
C ALA C 83 19.02 -12.10 -46.23
N ILE C 84 17.78 -12.23 -45.74
CA ILE C 84 17.41 -13.37 -44.91
C ILE C 84 17.49 -14.68 -45.70
N GLU C 85 17.05 -14.64 -46.94
CA GLU C 85 17.11 -15.79 -47.82
C GLU C 85 18.56 -16.22 -48.05
N ASP C 86 19.44 -15.27 -48.34
CA ASP C 86 20.83 -15.60 -48.63
C ASP C 86 21.72 -15.69 -47.38
N GLN C 87 21.14 -15.44 -46.20
CA GLN C 87 21.92 -15.29 -44.97
C GLN C 87 23.05 -14.27 -45.09
N SER C 88 22.72 -13.09 -45.62
CA SER C 88 23.69 -12.03 -45.80
C SER C 88 23.51 -10.94 -44.74
N PRO C 89 24.62 -10.34 -44.30
CA PRO C 89 24.48 -9.19 -43.40
C PRO C 89 23.76 -8.07 -44.15
N ILE C 90 23.00 -7.24 -43.45
CA ILE C 90 22.32 -6.16 -44.13
C ILE C 90 22.58 -4.82 -43.46
N VAL C 91 22.92 -3.84 -44.28
CA VAL C 91 23.37 -2.55 -43.79
C VAL C 91 22.43 -1.44 -44.25
N GLY C 92 21.96 -0.60 -43.33
CA GLY C 92 21.12 0.53 -43.69
C GLY C 92 21.86 1.85 -43.53
N ILE C 93 21.82 2.68 -44.58
CA ILE C 93 22.41 4.00 -44.53
C ILE C 93 21.28 5.03 -44.39
N TRP C 94 21.24 5.73 -43.25
CA TRP C 94 20.07 6.52 -42.88
C TRP C 94 20.25 8.03 -42.95
N HIS C 95 19.25 8.69 -43.52
CA HIS C 95 19.16 10.15 -43.64
C HIS C 95 17.70 10.43 -43.99
N SER C 96 16.90 10.74 -42.98
CA SER C 96 15.46 10.80 -43.18
C SER C 96 14.73 11.53 -42.06
N GLY C 97 13.79 12.41 -42.42
CA GLY C 97 12.98 13.11 -41.45
C GLY C 97 11.92 12.23 -40.81
N GLY C 98 11.67 11.06 -41.40
CA GLY C 98 10.64 10.18 -40.90
C GLY C 98 9.63 9.83 -41.97
N ALA C 99 8.42 9.49 -41.56
CA ALA C 99 7.40 8.99 -42.47
C ALA C 99 6.86 10.12 -43.35
N ARG C 100 6.40 9.78 -44.52
CA ARG C 100 5.80 10.72 -45.42
C ARG C 100 4.36 11.05 -45.00
N LEU C 101 4.19 12.16 -44.31
CA LEU C 101 2.89 12.71 -43.91
C LEU C 101 1.79 12.50 -44.95
N ALA C 102 2.02 13.03 -46.16
CA ALA C 102 1.03 13.05 -47.22
C ALA C 102 0.53 11.66 -47.60
N GLU C 103 1.35 10.64 -47.38
CA GLU C 103 0.96 9.27 -47.70
C GLU C 103 0.07 8.64 -46.63
N GLY C 104 -0.08 9.33 -45.50
CA GLY C 104 -1.03 8.92 -44.48
C GLY C 104 -0.82 7.55 -43.84
N VAL C 105 -1.93 6.90 -43.51
CA VAL C 105 -1.89 5.62 -42.82
C VAL C 105 -1.09 4.57 -43.60
N ARG C 106 -1.22 4.57 -44.92
CA ARG C 106 -0.46 3.64 -45.76
C ARG C 106 1.04 3.67 -45.48
N ALA C 107 1.59 4.85 -45.23
CA ALA C 107 3.04 4.97 -44.99
C ALA C 107 3.39 4.47 -43.60
N LEU C 108 2.51 4.72 -42.64
CA LEU C 108 2.68 4.20 -41.29
C LEU C 108 2.77 2.69 -41.34
N HIS C 109 1.82 2.07 -42.02
CA HIS C 109 1.81 0.63 -42.22
C HIS C 109 3.10 0.14 -42.92
N ALA C 110 3.48 0.82 -43.99
CA ALA C 110 4.74 0.51 -44.69
C ALA C 110 5.95 0.58 -43.75
N VAL C 111 5.98 1.60 -42.92
CA VAL C 111 7.08 1.73 -41.96
C VAL C 111 7.05 0.57 -40.96
N GLY C 112 5.85 0.19 -40.54
CA GLY C 112 5.70 -0.90 -39.59
C GLY C 112 6.24 -2.19 -40.15
N GLN C 113 6.04 -2.37 -41.46
CA GLN C 113 6.50 -3.56 -42.16
C GLN C 113 8.02 -3.65 -42.27
N VAL C 114 8.68 -2.50 -42.30
CA VAL C 114 10.13 -2.48 -42.20
C VAL C 114 10.56 -2.98 -40.83
N PHE C 115 9.95 -2.44 -39.78
CA PHE C 115 10.21 -2.94 -38.42
C PHE C 115 10.00 -4.44 -38.35
N GLU C 116 8.87 -4.90 -38.88
CA GLU C 116 8.56 -6.32 -38.82
C GLU C 116 9.64 -7.16 -39.53
N ALA C 117 10.19 -6.64 -40.62
CA ALA C 117 11.29 -7.29 -41.33
C ALA C 117 12.55 -7.37 -40.48
N MET C 118 12.89 -6.26 -39.81
CA MET C 118 14.05 -6.24 -38.92
C MET C 118 13.91 -7.20 -37.76
N ILE C 119 12.70 -7.29 -37.20
CA ILE C 119 12.42 -8.25 -36.13
C ILE C 119 12.59 -9.69 -36.62
N ARG C 120 12.03 -10.02 -37.78
CA ARG C 120 12.28 -11.33 -38.41
C ARG C 120 13.78 -11.62 -38.59
N ALA C 121 14.56 -10.60 -38.95
CA ALA C 121 16.00 -10.78 -39.16
C ALA C 121 16.79 -10.86 -37.84
N SER C 122 16.15 -10.48 -36.74
CA SER C 122 16.83 -10.29 -35.47
C SER C 122 17.52 -11.57 -35.00
N GLY C 123 18.83 -11.49 -34.76
CA GLY C 123 19.59 -12.63 -34.29
C GLY C 123 19.85 -13.66 -35.38
N TYR C 124 19.33 -13.43 -36.59
CA TYR C 124 19.52 -14.38 -37.68
C TYR C 124 20.60 -13.90 -38.67
N ILE C 125 20.51 -12.63 -39.08
CA ILE C 125 21.57 -12.03 -39.87
C ILE C 125 22.00 -10.72 -39.21
N PRO C 126 23.29 -10.37 -39.33
CA PRO C 126 23.75 -9.10 -38.73
C PRO C 126 23.08 -7.88 -39.37
N GLN C 127 22.56 -6.97 -38.55
CA GLN C 127 22.01 -5.73 -39.06
C GLN C 127 22.82 -4.55 -38.54
N ILE C 128 23.42 -3.81 -39.45
CA ILE C 128 24.23 -2.65 -39.08
C ILE C 128 23.59 -1.37 -39.64
N SER C 129 23.50 -0.32 -38.82
CA SER C 129 22.93 0.95 -39.28
C SER C 129 24.02 2.00 -39.30
N VAL C 130 24.12 2.72 -40.41
CA VAL C 130 25.07 3.81 -40.54
C VAL C 130 24.27 5.10 -40.73
N VAL C 131 24.14 5.89 -39.67
CA VAL C 131 23.36 7.12 -39.73
C VAL C 131 24.26 8.28 -40.16
N VAL C 132 24.04 8.77 -41.38
CA VAL C 132 24.92 9.76 -41.98
C VAL C 132 24.27 11.14 -42.11
N GLY C 133 22.95 11.19 -42.05
CA GLY C 133 22.24 12.45 -42.00
C GLY C 133 21.32 12.40 -40.80
N PHE C 134 20.49 13.41 -40.60
CA PHE C 134 19.57 13.37 -39.47
C PHE C 134 18.53 12.26 -39.67
N ALA C 135 18.09 11.66 -38.57
CA ALA C 135 17.16 10.55 -38.61
C ALA C 135 16.10 10.71 -37.53
N ALA C 136 14.86 10.95 -37.95
CA ALA C 136 13.77 11.23 -36.99
C ALA C 136 12.58 10.33 -37.20
N GLY C 137 11.74 10.20 -36.18
CA GLY C 137 10.54 9.38 -36.27
C GLY C 137 10.81 7.91 -36.56
N GLY C 138 10.17 7.39 -37.60
CA GLY C 138 10.39 6.02 -38.01
C GLY C 138 11.85 5.77 -38.36
N ALA C 139 12.53 6.82 -38.80
CA ALA C 139 13.94 6.68 -39.17
C ALA C 139 14.86 6.66 -37.96
N ALA C 140 14.34 7.00 -36.79
CA ALA C 140 15.10 6.79 -35.56
C ALA C 140 14.85 5.38 -35.01
N TYR C 141 13.62 4.90 -35.12
CA TYR C 141 13.28 3.57 -34.60
C TYR C 141 13.86 2.45 -35.44
N GLY C 142 14.07 2.71 -36.73
CA GLY C 142 14.66 1.71 -37.59
C GLY C 142 15.99 1.22 -37.07
N PRO C 143 16.98 2.14 -37.00
CA PRO C 143 18.29 1.80 -36.45
C PRO C 143 18.19 1.17 -35.05
N ALA C 144 17.25 1.64 -34.23
CA ALA C 144 17.06 1.13 -32.87
C ALA C 144 16.74 -0.36 -32.82
N LEU C 145 16.20 -0.89 -33.92
CA LEU C 145 15.91 -2.32 -34.01
C LEU C 145 17.11 -3.14 -34.50
N THR C 146 18.13 -2.49 -35.05
CA THR C 146 19.27 -3.24 -35.59
C THR C 146 20.32 -3.54 -34.51
N ASP C 147 21.43 -4.18 -34.89
CA ASP C 147 22.37 -4.73 -33.91
C ASP C 147 23.44 -3.74 -33.46
N VAL C 148 23.97 -2.99 -34.42
CA VAL C 148 24.98 -1.97 -34.12
C VAL C 148 24.70 -0.71 -34.91
N VAL C 149 24.64 0.42 -34.22
CA VAL C 149 24.41 1.71 -34.85
C VAL C 149 25.66 2.59 -34.83
N VAL C 150 26.13 2.95 -36.02
CA VAL C 150 27.26 3.85 -36.21
C VAL C 150 26.75 5.24 -36.59
N MET C 151 27.18 6.28 -35.87
CA MET C 151 26.72 7.64 -36.20
C MET C 151 27.84 8.61 -36.62
N ALA C 152 27.63 9.27 -37.75
CA ALA C 152 28.50 10.38 -38.14
C ALA C 152 28.00 11.61 -37.40
N PRO C 153 28.93 12.42 -36.86
CA PRO C 153 28.57 13.60 -36.05
C PRO C 153 27.74 14.63 -36.82
N GLU C 154 27.82 14.62 -38.15
CA GLU C 154 26.96 15.48 -38.95
C GLU C 154 25.47 15.19 -38.75
N SER C 155 25.13 13.95 -38.37
CA SER C 155 23.73 13.58 -38.15
C SER C 155 23.13 14.30 -36.94
N SER C 188 21.51 8.68 -23.81
CA SER C 188 20.57 8.11 -24.76
C SER C 188 20.81 6.61 -25.02
N GLY C 189 22.07 6.21 -25.17
CA GLY C 189 22.41 4.80 -25.35
C GLY C 189 22.02 4.15 -26.68
N VAL C 190 21.28 4.88 -27.52
CA VAL C 190 20.82 4.37 -28.82
C VAL C 190 21.96 4.08 -29.80
N CYS C 191 22.95 4.97 -29.82
CA CYS C 191 24.10 4.88 -30.70
C CYS C 191 25.28 4.09 -30.09
N HIS C 192 25.84 3.14 -30.84
CA HIS C 192 26.92 2.31 -30.31
C HIS C 192 28.30 2.88 -30.61
N ILE C 193 28.46 3.42 -31.81
CA ILE C 193 29.75 3.94 -32.27
C ILE C 193 29.60 5.32 -32.90
N VAL C 194 30.45 6.25 -32.46
CA VAL C 194 30.48 7.60 -33.02
C VAL C 194 31.70 7.68 -33.92
N ALA C 195 31.48 7.96 -35.21
CA ALA C 195 32.58 7.99 -36.17
C ALA C 195 33.13 9.40 -36.27
N ASP C 196 34.23 9.57 -37.00
CA ASP C 196 34.80 10.92 -37.17
C ASP C 196 34.08 11.77 -38.22
N ASP C 197 33.65 11.12 -39.30
CA ASP C 197 32.81 11.76 -40.32
C ASP C 197 32.11 10.68 -41.14
N GLU C 198 31.44 11.07 -42.21
CA GLU C 198 30.65 10.12 -42.99
C GLU C 198 31.51 8.99 -43.54
N LEU C 199 32.63 9.36 -44.18
CA LEU C 199 33.52 8.35 -44.75
C LEU C 199 34.06 7.41 -43.67
N ASP C 200 34.43 7.97 -42.52
CA ASP C 200 34.88 7.13 -41.40
C ASP C 200 33.73 6.23 -40.91
N ALA C 201 32.51 6.75 -40.95
CA ALA C 201 31.35 5.95 -40.56
C ALA C 201 31.21 4.71 -41.44
N TYR C 202 31.37 4.87 -42.75
CA TYR C 202 31.32 3.75 -43.67
C TYR C 202 32.46 2.77 -43.37
N ASP C 203 33.65 3.31 -43.07
CA ASP C 203 34.78 2.43 -42.78
C ASP C 203 34.53 1.57 -41.55
N ARG C 204 33.95 2.15 -40.50
CA ARG C 204 33.63 1.40 -39.29
CA ARG C 204 33.66 1.38 -39.31
C ARG C 204 32.52 0.39 -39.56
N GLY C 205 31.53 0.82 -40.35
CA GLY C 205 30.47 -0.08 -40.78
C GLY C 205 31.03 -1.31 -41.49
N ARG C 206 32.00 -1.08 -42.39
CA ARG C 206 32.68 -2.16 -43.09
C ARG C 206 33.42 -3.10 -42.12
N ARG C 207 34.12 -2.52 -41.14
CA ARG C 207 34.85 -3.35 -40.19
C ARG C 207 33.88 -4.18 -39.38
N LEU C 208 32.73 -3.59 -39.04
CA LEU C 208 31.72 -4.33 -38.31
C LEU C 208 31.23 -5.56 -39.07
N VAL C 209 31.00 -5.46 -40.38
CA VAL C 209 30.55 -6.67 -41.06
C VAL C 209 31.66 -7.73 -41.10
N GLY C 210 32.90 -7.27 -41.16
CA GLY C 210 34.03 -8.19 -41.03
C GLY C 210 34.00 -8.88 -39.67
N LEU C 211 33.67 -8.12 -38.63
CA LEU C 211 33.65 -8.68 -37.28
C LEU C 211 32.57 -9.74 -37.12
N PHE C 212 31.41 -9.49 -37.70
CA PHE C 212 30.29 -10.43 -37.63
C PHE C 212 30.36 -11.59 -38.63
N CYS C 213 30.88 -11.34 -39.83
CA CYS C 213 30.85 -12.30 -40.94
C CYS C 213 32.20 -12.94 -41.31
N GLN C 214 33.30 -12.36 -40.83
CA GLN C 214 34.59 -13.05 -40.89
C GLN C 214 35.13 -13.19 -39.46
N GLN C 215 34.41 -13.94 -38.64
CA GLN C 215 34.80 -14.12 -37.24
C GLN C 215 36.12 -14.85 -37.05
N GLY C 216 36.50 -15.67 -38.04
CA GLY C 216 37.76 -16.39 -38.00
C GLY C 216 37.81 -17.53 -36.99
N HIS C 217 39.02 -18.04 -36.73
CA HIS C 217 39.23 -19.08 -35.73
C HIS C 217 40.25 -18.60 -34.72
N PHE C 218 40.21 -19.15 -33.52
CA PHE C 218 41.31 -18.97 -32.59
C PHE C 218 42.60 -19.57 -33.15
N ASP C 219 43.72 -18.90 -32.92
CA ASP C 219 45.02 -19.39 -33.33
C ASP C 219 45.95 -19.38 -32.14
N ARG C 220 46.24 -20.55 -31.62
CA ARG C 220 46.97 -20.63 -30.36
C ARG C 220 48.40 -20.09 -30.42
N SER C 221 49.08 -20.27 -31.55
CA SER C 221 50.43 -19.75 -31.68
C SER C 221 50.43 -18.22 -31.69
N LYS C 222 49.40 -17.62 -32.29
CA LYS C 222 49.27 -16.16 -32.31
C LYS C 222 49.02 -15.61 -30.92
N ALA C 223 48.24 -16.35 -30.13
CA ALA C 223 47.91 -15.93 -28.77
C ALA C 223 49.19 -15.86 -27.97
N GLU C 224 49.96 -16.94 -27.99
CA GLU C 224 51.20 -17.05 -27.23
C GLU C 224 52.17 -15.95 -27.64
N ALA C 225 52.27 -15.70 -28.95
CA ALA C 225 53.21 -14.70 -29.48
C ALA C 225 52.83 -13.29 -29.03
N GLY C 226 51.59 -13.12 -28.59
CA GLY C 226 51.11 -11.82 -28.14
C GLY C 226 51.05 -11.63 -26.63
N ASP C 227 51.46 -12.64 -25.86
CA ASP C 227 51.44 -12.55 -24.39
C ASP C 227 52.32 -11.40 -23.85
N THR C 228 51.84 -10.71 -22.82
CA THR C 228 52.60 -9.71 -22.09
C THR C 228 52.23 -9.81 -20.62
N ASP C 229 52.93 -9.08 -19.75
CA ASP C 229 52.49 -8.98 -18.36
C ASP C 229 51.45 -7.87 -18.20
N ILE C 230 50.18 -8.27 -18.23
CA ILE C 230 49.07 -7.33 -18.16
C ILE C 230 48.96 -6.74 -16.75
N HIS C 231 49.37 -7.51 -15.75
CA HIS C 231 49.33 -7.09 -14.34
C HIS C 231 50.04 -5.77 -14.10
N ALA C 232 51.07 -5.51 -14.89
CA ALA C 232 51.88 -4.30 -14.71
C ALA C 232 51.10 -3.01 -15.00
N LEU C 233 49.95 -3.14 -15.65
CA LEU C 233 49.08 -1.99 -15.93
C LEU C 233 48.19 -1.61 -14.74
N LEU C 234 48.07 -2.50 -13.76
CA LEU C 234 47.36 -2.18 -12.52
C LEU C 234 48.19 -1.15 -11.73
N PRO C 235 47.51 -0.29 -10.95
CA PRO C 235 48.22 0.61 -10.03
C PRO C 235 48.96 -0.18 -8.96
N GLU C 236 49.89 0.45 -8.26
CA GLU C 236 50.61 -0.23 -7.17
C GLU C 236 49.69 -0.45 -5.98
N SER C 237 48.84 0.53 -5.72
CA SER C 237 47.87 0.42 -4.64
C SER C 237 46.57 -0.21 -5.11
N SER C 238 46.08 -1.20 -4.37
CA SER C 238 44.84 -1.89 -4.72
C SER C 238 43.61 -1.03 -4.42
N ARG C 239 43.84 0.23 -4.08
CA ARG C 239 42.76 1.15 -3.72
C ARG C 239 42.56 2.23 -4.80
N ARG C 240 43.56 2.38 -5.68
CA ARG C 240 43.50 3.42 -6.69
C ARG C 240 42.64 3.01 -7.89
N ALA C 241 41.74 3.90 -8.30
CA ALA C 241 40.99 3.74 -9.54
C ALA C 241 41.97 3.77 -10.72
N TYR C 242 41.62 3.09 -11.81
CA TYR C 242 42.41 3.08 -13.04
C TYR C 242 41.46 2.89 -14.23
N ASP C 243 41.92 3.20 -15.45
CA ASP C 243 41.10 2.95 -16.65
C ASP C 243 41.32 1.50 -17.07
N VAL C 244 40.25 0.71 -17.22
CA VAL C 244 40.40 -0.70 -17.58
C VAL C 244 40.84 -0.92 -19.04
N ARG C 245 40.62 0.06 -19.92
CA ARG C 245 40.84 -0.14 -21.36
C ARG C 245 42.22 -0.61 -21.83
N PRO C 246 43.31 -0.03 -21.29
CA PRO C 246 44.64 -0.56 -21.67
C PRO C 246 44.79 -2.05 -21.32
N ILE C 247 44.12 -2.51 -20.26
CA ILE C 247 44.13 -3.94 -19.96
C ILE C 247 43.41 -4.73 -21.07
N VAL C 248 42.22 -4.28 -21.43
CA VAL C 248 41.48 -4.85 -22.55
C VAL C 248 42.36 -4.86 -23.83
N THR C 249 43.00 -3.72 -24.09
CA THR C 249 43.86 -3.54 -25.25
C THR C 249 45.05 -4.49 -25.25
N ALA C 250 45.63 -4.69 -24.07
CA ALA C 250 46.74 -5.63 -23.91
C ALA C 250 46.32 -7.08 -24.21
N ILE C 251 45.10 -7.44 -23.83
CA ILE C 251 44.58 -8.78 -24.11
C ILE C 251 44.31 -8.99 -25.60
N LEU C 252 43.64 -8.03 -26.24
CA LEU C 252 43.30 -8.14 -27.66
C LEU C 252 44.53 -8.02 -28.58
N ASP C 253 44.36 -8.40 -29.85
CA ASP C 253 45.46 -8.38 -30.80
C ASP C 253 46.07 -6.99 -30.92
N ALA C 254 47.40 -6.94 -30.95
CA ALA C 254 48.17 -5.69 -30.77
C ALA C 254 47.88 -4.53 -31.72
N ASP C 255 47.67 -4.79 -33.01
CA ASP C 255 47.43 -3.68 -33.90
C ASP C 255 46.07 -3.81 -34.57
N THR C 256 45.12 -4.22 -33.75
CA THR C 256 43.73 -4.38 -34.16
C THR C 256 42.91 -3.43 -33.32
N PRO C 257 42.00 -2.69 -33.95
CA PRO C 257 41.17 -1.74 -33.18
C PRO C 257 40.26 -2.48 -32.20
N PHE C 258 39.99 -1.85 -31.06
CA PHE C 258 38.97 -2.35 -30.16
C PHE C 258 37.73 -1.53 -30.44
N ASP C 259 36.70 -2.14 -31.00
CA ASP C 259 35.50 -1.38 -31.28
C ASP C 259 34.57 -1.31 -30.06
N GLU C 260 34.84 -0.35 -29.19
CA GLU C 260 34.03 -0.14 -27.98
C GLU C 260 32.63 0.38 -28.34
N PHE C 261 31.59 -0.21 -27.74
CA PHE C 261 30.22 0.26 -27.92
C PHE C 261 29.86 1.19 -26.77
N GLN C 262 29.09 2.24 -27.08
CA GLN C 262 28.46 3.09 -26.07
C GLN C 262 29.45 3.59 -25.01
N ALA C 263 30.61 4.06 -25.43
CA ALA C 263 31.67 4.45 -24.51
C ALA C 263 31.22 5.48 -23.49
N ASN C 264 30.31 6.36 -23.90
CA ASN C 264 29.88 7.46 -23.02
C ASN C 264 28.60 7.19 -22.25
N TRP C 265 28.04 6.00 -22.41
CA TRP C 265 26.83 5.63 -21.70
C TRP C 265 27.16 4.49 -20.76
N ALA C 266 26.76 4.63 -19.50
CA ALA C 266 27.04 3.62 -18.47
C ALA C 266 28.53 3.33 -18.39
N PRO C 267 29.34 4.36 -18.11
CA PRO C 267 30.79 4.21 -18.24
C PRO C 267 31.46 3.38 -17.13
N SER C 268 30.72 2.87 -16.16
CA SER C 268 31.35 1.95 -15.21
C SER C 268 31.54 0.56 -15.84
N MET C 269 31.01 0.40 -17.05
CA MET C 269 31.07 -0.89 -17.75
C MET C 269 31.58 -0.65 -19.17
N VAL C 270 32.65 -1.35 -19.53
CA VAL C 270 33.19 -1.28 -20.88
C VAL C 270 32.79 -2.53 -21.64
N VAL C 271 32.22 -2.35 -22.83
CA VAL C 271 31.90 -3.47 -23.73
C VAL C 271 32.27 -3.11 -25.17
N GLY C 272 32.59 -4.14 -25.96
CA GLY C 272 32.96 -3.90 -27.34
C GLY C 272 33.50 -5.14 -28.04
N LEU C 273 33.68 -5.04 -29.35
CA LEU C 273 34.13 -6.16 -30.15
C LEU C 273 35.60 -5.94 -30.50
N GLY C 274 36.36 -7.04 -30.55
CA GLY C 274 37.76 -7.00 -30.92
C GLY C 274 38.17 -8.35 -31.47
N ARG C 275 39.47 -8.55 -31.63
CA ARG C 275 39.99 -9.83 -32.10
C ARG C 275 41.04 -10.35 -31.14
N LEU C 276 40.99 -11.66 -30.89
CA LEU C 276 41.92 -12.32 -29.97
C LEU C 276 42.47 -13.51 -30.72
N SER C 277 43.75 -13.41 -31.11
CA SER C 277 44.42 -14.39 -31.98
C SER C 277 43.70 -14.50 -33.33
N GLY C 278 43.14 -13.39 -33.80
CA GLY C 278 42.47 -13.36 -35.08
C GLY C 278 40.95 -13.55 -35.01
N ARG C 279 40.48 -14.11 -33.90
CA ARG C 279 39.07 -14.48 -33.72
C ARG C 279 38.25 -13.33 -33.13
N THR C 280 37.09 -13.02 -33.73
CA THR C 280 36.19 -12.03 -33.14
C THR C 280 35.72 -12.47 -31.75
N VAL C 281 35.92 -11.61 -30.75
CA VAL C 281 35.40 -11.87 -29.41
C VAL C 281 34.73 -10.61 -28.85
N GLY C 282 33.76 -10.80 -27.97
CA GLY C 282 33.21 -9.67 -27.23
C GLY C 282 33.94 -9.57 -25.90
N VAL C 283 34.11 -8.36 -25.41
CA VAL C 283 34.76 -8.14 -24.14
C VAL C 283 33.83 -7.33 -23.24
N LEU C 284 33.69 -7.76 -21.99
CA LEU C 284 32.97 -6.99 -20.98
C LEU C 284 33.93 -6.76 -19.84
N ALA C 285 34.00 -5.51 -19.36
CA ALA C 285 34.95 -5.20 -18.29
C ALA C 285 34.49 -4.07 -17.39
N ASN C 286 34.34 -4.37 -16.10
CA ASN C 286 34.14 -3.30 -15.11
C ASN C 286 35.24 -2.24 -15.26
N ASN C 287 34.86 -0.97 -15.15
CA ASN C 287 35.84 0.12 -15.25
C ASN C 287 35.92 0.94 -13.96
N PRO C 288 36.91 0.62 -13.12
CA PRO C 288 37.09 1.23 -11.78
C PRO C 288 37.23 2.75 -11.84
N LEU C 289 37.60 3.26 -13.02
CA LEU C 289 37.72 4.70 -13.26
C LEU C 289 36.42 5.47 -13.04
N ARG C 290 35.28 4.79 -13.24
CA ARG C 290 33.98 5.44 -13.10
C ARG C 290 33.13 4.70 -12.09
N LEU C 291 32.60 5.45 -11.12
CA LEU C 291 31.72 4.87 -10.09
C LEU C 291 32.38 3.72 -9.35
N GLY C 292 33.70 3.76 -9.25
CA GLY C 292 34.45 2.68 -8.63
C GLY C 292 34.32 1.35 -9.35
N GLY C 293 33.78 1.38 -10.57
CA GLY C 293 33.56 0.17 -11.33
C GLY C 293 32.35 -0.62 -10.85
N CYS C 294 31.52 0.02 -10.01
CA CYS C 294 30.31 -0.64 -9.52
C CYS C 294 29.29 -0.87 -10.62
N LEU C 295 28.59 -1.99 -10.52
CA LEU C 295 27.42 -2.24 -11.36
C LEU C 295 26.29 -1.30 -10.94
N ASN C 296 25.49 -0.88 -11.90
CA ASN C 296 24.28 -0.14 -11.58
C ASN C 296 23.26 -0.44 -12.65
N SER C 297 22.11 0.21 -12.58
CA SER C 297 21.01 -0.09 -13.49
C SER C 297 21.40 -0.06 -14.96
N GLU C 298 22.05 1.01 -15.40
CA GLU C 298 22.33 1.14 -16.82
C GLU C 298 23.52 0.30 -17.29
N SER C 299 24.54 0.17 -16.44
CA SER C 299 25.66 -0.73 -16.77
C SER C 299 25.19 -2.19 -16.89
N ALA C 300 24.30 -2.61 -15.99
CA ALA C 300 23.66 -3.94 -16.11
C ALA C 300 22.94 -4.14 -17.46
N GLU C 301 22.16 -3.15 -17.86
CA GLU C 301 21.47 -3.14 -19.15
C GLU C 301 22.47 -3.14 -20.34
N LYS C 302 23.46 -2.24 -20.29
CA LYS C 302 24.49 -2.21 -21.33
C LYS C 302 25.14 -3.60 -21.45
N ALA C 303 25.45 -4.21 -20.31
CA ALA C 303 26.10 -5.51 -20.33
C ALA C 303 25.16 -6.60 -20.84
N ALA C 304 23.89 -6.59 -20.41
CA ALA C 304 22.98 -7.68 -20.81
C ALA C 304 22.74 -7.70 -22.33
N ARG C 305 22.45 -6.53 -22.89
CA ARG C 305 22.21 -6.41 -24.32
C ARG C 305 23.43 -6.91 -25.11
N PHE C 306 24.62 -6.56 -24.64
CA PHE C 306 25.81 -6.95 -25.37
C PHE C 306 26.03 -8.46 -25.29
N VAL C 307 25.74 -9.05 -24.13
CA VAL C 307 25.82 -10.50 -23.99
C VAL C 307 24.87 -11.20 -24.97
N ARG C 308 23.62 -10.75 -25.02
CA ARG C 308 22.64 -11.35 -25.93
CA ARG C 308 22.63 -11.34 -25.92
C ARG C 308 23.05 -11.19 -27.39
N LEU C 309 23.65 -10.05 -27.73
CA LEU C 309 24.13 -9.83 -29.10
C LEU C 309 25.18 -10.85 -29.50
N CYS C 310 26.21 -11.02 -28.66
CA CYS C 310 27.29 -11.96 -28.97
C CYS C 310 26.82 -13.41 -28.98
N ASP C 311 25.95 -13.77 -28.06
CA ASP C 311 25.45 -15.13 -27.98
C ASP C 311 24.64 -15.46 -29.25
N ALA C 312 23.87 -14.51 -29.76
CA ALA C 312 23.10 -14.76 -30.99
C ALA C 312 24.00 -15.06 -32.20
N PHE C 313 25.15 -14.38 -32.31
CA PHE C 313 25.98 -14.53 -33.50
C PHE C 313 27.23 -15.40 -33.34
N GLY C 314 27.30 -16.15 -32.24
CA GLY C 314 28.34 -17.15 -32.07
C GLY C 314 29.68 -16.55 -31.65
N ILE C 315 29.63 -15.36 -31.07
CA ILE C 315 30.85 -14.65 -30.66
C ILE C 315 31.14 -14.88 -29.18
N PRO C 316 32.29 -15.53 -28.87
CA PRO C 316 32.70 -15.81 -27.48
C PRO C 316 33.00 -14.56 -26.68
N LEU C 317 32.97 -14.71 -25.36
CA LEU C 317 33.11 -13.57 -24.47
C LEU C 317 34.30 -13.70 -23.53
N VAL C 318 34.99 -12.59 -23.39
CA VAL C 318 35.98 -12.39 -22.35
C VAL C 318 35.41 -11.40 -21.35
N VAL C 319 35.30 -11.84 -20.09
CA VAL C 319 34.72 -11.03 -19.04
C VAL C 319 35.80 -10.69 -18.02
N VAL C 320 36.22 -9.43 -18.00
CA VAL C 320 37.30 -9.00 -17.11
C VAL C 320 36.70 -8.34 -15.86
N VAL C 321 36.89 -8.98 -14.71
CA VAL C 321 36.16 -8.60 -13.51
C VAL C 321 36.97 -7.88 -12.43
N ASP C 322 36.47 -6.71 -12.04
CA ASP C 322 37.04 -5.96 -10.92
C ASP C 322 35.93 -5.05 -10.38
N VAL C 323 35.03 -5.63 -9.59
CA VAL C 323 33.83 -4.91 -9.17
C VAL C 323 33.59 -5.11 -7.67
N PRO C 324 33.38 -4.00 -6.95
CA PRO C 324 33.27 -4.06 -5.49
C PRO C 324 31.82 -4.11 -5.00
N GLY C 325 30.86 -3.92 -5.90
CA GLY C 325 29.47 -3.91 -5.49
C GLY C 325 28.59 -3.24 -6.52
N TYR C 326 27.39 -2.82 -6.10
CA TYR C 326 26.41 -2.26 -7.02
C TYR C 326 25.62 -1.11 -6.39
N LEU C 327 25.01 -0.28 -7.24
CA LEU C 327 24.43 1.00 -6.82
C LEU C 327 22.98 1.23 -7.25
N PRO C 328 22.19 1.89 -6.38
CA PRO C 328 20.84 2.35 -6.70
C PRO C 328 20.88 3.61 -7.57
N GLY C 329 19.73 4.05 -8.05
CA GLY C 329 19.68 5.19 -8.96
C GLY C 329 19.27 6.49 -8.31
N VAL C 330 18.54 7.32 -9.08
CA VAL C 330 18.12 8.68 -8.73
C VAL C 330 17.95 9.01 -7.24
N ASP C 331 16.72 8.90 -6.74
CA ASP C 331 16.44 9.15 -5.33
C ASP C 331 16.48 7.83 -4.57
N GLN C 332 17.60 7.12 -4.72
CA GLN C 332 17.78 5.79 -4.16
C GLN C 332 16.72 4.77 -4.66
N GLU C 333 16.34 4.89 -5.93
CA GLU C 333 15.42 3.90 -6.51
C GLU C 333 16.19 2.61 -6.89
N TRP C 334 15.75 1.49 -6.33
CA TRP C 334 16.44 0.21 -6.52
C TRP C 334 15.83 -0.65 -7.62
N GLY C 335 14.61 -0.32 -8.04
CA GLY C 335 13.90 -1.09 -9.05
C GLY C 335 14.69 -1.28 -10.33
N GLY C 336 15.41 -0.24 -10.73
CA GLY C 336 16.21 -0.28 -11.94
C GLY C 336 17.28 -1.37 -11.91
N VAL C 337 18.16 -1.32 -10.90
CA VAL C 337 19.27 -2.26 -10.83
C VAL C 337 18.80 -3.68 -10.50
N VAL C 338 17.66 -3.81 -9.81
CA VAL C 338 17.06 -5.12 -9.60
C VAL C 338 16.49 -5.67 -10.92
N ARG C 339 15.72 -4.84 -11.62
CA ARG C 339 15.15 -5.25 -12.91
C ARG C 339 16.25 -5.55 -13.95
N ARG C 340 17.15 -4.60 -14.15
CA ARG C 340 18.20 -4.75 -15.17
C ARG C 340 19.21 -5.80 -14.75
N GLY C 341 19.56 -5.82 -13.46
CA GLY C 341 20.48 -6.81 -12.95
C GLY C 341 19.95 -8.20 -13.19
N ALA C 342 18.64 -8.38 -13.01
CA ALA C 342 18.04 -9.68 -13.22
C ALA C 342 18.17 -10.08 -14.69
N LYS C 343 18.08 -9.10 -15.59
CA LYS C 343 18.25 -9.36 -17.02
C LYS C 343 19.66 -9.85 -17.34
N LEU C 344 20.65 -9.25 -16.68
CA LEU C 344 22.04 -9.67 -16.84
C LEU C 344 22.28 -11.11 -16.39
N LEU C 345 21.70 -11.50 -15.24
CA LEU C 345 21.77 -12.89 -14.77
C LEU C 345 21.20 -13.79 -15.86
N HIS C 346 20.05 -13.38 -16.38
CA HIS C 346 19.38 -14.14 -17.43
C HIS C 346 20.26 -14.29 -18.65
N ALA C 347 20.84 -13.18 -19.09
CA ALA C 347 21.71 -13.16 -20.27
C ALA C 347 22.89 -14.14 -20.14
N PHE C 348 23.65 -14.03 -19.06
CA PHE C 348 24.75 -14.97 -18.83
C PHE C 348 24.19 -16.38 -18.64
N GLY C 349 23.16 -16.51 -17.81
CA GLY C 349 22.59 -17.82 -17.50
C GLY C 349 22.19 -18.62 -18.73
N GLU C 350 21.58 -17.97 -19.71
CA GLU C 350 21.13 -18.65 -20.94
C GLU C 350 22.19 -18.73 -22.03
N CYS C 351 23.31 -18.05 -21.81
CA CYS C 351 24.34 -17.95 -22.84
C CYS C 351 24.92 -19.32 -23.22
N THR C 352 25.11 -19.57 -24.52
CA THR C 352 25.70 -20.85 -24.94
C THR C 352 27.02 -20.74 -25.73
N VAL C 353 27.41 -19.54 -26.13
CA VAL C 353 28.76 -19.35 -26.68
C VAL C 353 29.74 -19.48 -25.53
N PRO C 354 31.02 -19.75 -25.82
CA PRO C 354 32.04 -19.77 -24.76
C PRO C 354 32.15 -18.41 -24.08
N ARG C 355 32.39 -18.41 -22.77
CA ARG C 355 32.41 -17.18 -21.99
C ARG C 355 33.31 -17.38 -20.80
N VAL C 356 34.49 -16.77 -20.85
CA VAL C 356 35.51 -16.99 -19.83
C VAL C 356 35.67 -15.77 -18.94
N THR C 357 35.77 -16.00 -17.63
CA THR C 357 35.91 -14.91 -16.66
C THR C 357 37.36 -14.81 -16.20
N LEU C 358 37.86 -13.58 -16.13
CA LEU C 358 39.16 -13.31 -15.52
C LEU C 358 38.97 -12.31 -14.38
N VAL C 359 39.26 -12.72 -13.14
CA VAL C 359 39.21 -11.78 -12.02
C VAL C 359 40.59 -11.17 -11.82
N THR C 360 40.71 -9.87 -12.01
CA THR C 360 42.01 -9.20 -11.92
C THR C 360 42.32 -8.78 -10.49
N ARG C 361 41.48 -7.94 -9.90
CA ARG C 361 41.73 -7.47 -8.54
C ARG C 361 40.74 -8.00 -7.52
N LYS C 362 39.47 -7.66 -7.67
CA LYS C 362 38.47 -8.12 -6.71
C LYS C 362 37.08 -8.23 -7.29
N THR C 363 36.24 -8.99 -6.59
CA THR C 363 34.85 -9.20 -7.00
C THR C 363 34.06 -9.60 -5.76
N TYR C 364 33.09 -8.77 -5.39
CA TYR C 364 32.37 -8.94 -4.12
C TYR C 364 30.87 -9.22 -4.29
N GLY C 365 30.32 -10.02 -3.36
CA GLY C 365 28.89 -10.13 -3.17
C GLY C 365 28.04 -10.43 -4.41
N GLY C 366 26.91 -9.73 -4.52
CA GLY C 366 25.99 -9.94 -5.64
C GLY C 366 26.65 -9.66 -6.98
N ALA C 367 27.46 -8.61 -7.03
CA ALA C 367 28.15 -8.26 -8.26
C ALA C 367 29.01 -9.42 -8.74
N TYR C 368 29.66 -10.11 -7.80
CA TYR C 368 30.47 -11.28 -8.14
C TYR C 368 29.60 -12.32 -8.86
N ILE C 369 28.41 -12.56 -8.36
CA ILE C 369 27.55 -13.56 -8.97
C ILE C 369 27.18 -13.19 -10.41
N ALA C 370 26.84 -11.92 -10.61
CA ALA C 370 26.31 -11.44 -11.89
C ALA C 370 27.38 -11.43 -12.98
N MET C 371 28.64 -11.26 -12.59
CA MET C 371 29.73 -11.10 -13.58
C MET C 371 30.25 -12.45 -14.07
N ASN C 372 29.36 -13.21 -14.69
CA ASN C 372 29.73 -14.51 -15.29
C ASN C 372 30.40 -15.45 -14.29
N SER C 373 29.78 -15.64 -13.13
CA SER C 373 30.30 -16.55 -12.12
C SER C 373 30.08 -18.00 -12.55
N ARG C 374 30.73 -18.91 -11.82
CA ARG C 374 30.57 -20.34 -12.06
C ARG C 374 29.13 -20.78 -11.85
N SER C 375 28.44 -20.19 -10.87
CA SER C 375 27.02 -20.52 -10.64
C SER C 375 26.13 -20.24 -11.86
N LEU C 376 26.54 -19.30 -12.71
CA LEU C 376 25.79 -19.04 -13.95
C LEU C 376 26.37 -19.84 -15.12
N ASN C 377 27.19 -20.85 -14.78
CA ASN C 377 27.80 -21.76 -15.78
C ASN C 377 28.84 -21.14 -16.70
N ALA C 378 29.67 -20.26 -16.15
CA ALA C 378 30.84 -19.74 -16.89
C ALA C 378 31.66 -20.88 -17.47
N THR C 379 32.18 -20.70 -18.68
CA THR C 379 33.00 -21.74 -19.30
C THR C 379 34.21 -22.03 -18.43
N LYS C 380 34.90 -20.97 -18.02
CA LYS C 380 36.05 -21.10 -17.15
C LYS C 380 36.25 -19.80 -16.38
N VAL C 381 36.75 -19.91 -15.15
CA VAL C 381 37.03 -18.74 -14.31
C VAL C 381 38.50 -18.72 -13.90
N PHE C 382 39.25 -17.74 -14.42
CA PHE C 382 40.65 -17.54 -14.03
C PHE C 382 40.77 -16.39 -13.03
N ALA C 383 41.81 -16.42 -12.21
CA ALA C 383 42.14 -15.29 -11.35
C ALA C 383 43.65 -15.05 -11.33
N TRP C 384 44.05 -13.78 -11.30
CA TRP C 384 45.44 -13.42 -11.04
C TRP C 384 45.73 -13.71 -9.56
N PRO C 385 47.01 -13.93 -9.20
CA PRO C 385 47.39 -14.34 -7.84
C PRO C 385 46.87 -13.47 -6.71
N ASP C 386 46.89 -12.15 -6.86
CA ASP C 386 46.45 -11.27 -5.77
C ASP C 386 44.97 -10.91 -5.81
N ALA C 387 44.19 -11.66 -6.60
CA ALA C 387 42.76 -11.39 -6.71
C ALA C 387 42.00 -11.74 -5.42
N GLU C 388 40.99 -10.93 -5.11
CA GLU C 388 40.13 -11.18 -3.96
C GLU C 388 38.74 -11.59 -4.43
N VAL C 389 38.28 -12.75 -3.97
CA VAL C 389 36.93 -13.22 -4.23
C VAL C 389 36.24 -13.37 -2.88
N ALA C 390 35.29 -12.50 -2.58
CA ALA C 390 34.69 -12.48 -1.25
C ALA C 390 33.25 -11.96 -1.21
N VAL C 391 32.64 -12.01 -0.04
CA VAL C 391 31.30 -11.44 0.16
C VAL C 391 31.38 -9.92 0.15
N MET C 392 32.41 -9.40 0.82
CA MET C 392 32.64 -7.95 0.89
C MET C 392 34.09 -7.71 1.28
N GLY C 393 34.49 -6.44 1.36
CA GLY C 393 35.84 -6.10 1.79
C GLY C 393 36.12 -6.60 3.20
N ALA C 394 37.37 -6.94 3.49
CA ALA C 394 37.73 -7.46 4.80
C ALA C 394 37.44 -6.46 5.92
N LYS C 395 37.72 -5.19 5.65
CA LYS C 395 37.56 -4.12 6.62
C LYS C 395 36.09 -3.78 6.90
N ALA C 396 35.18 -4.63 6.43
CA ALA C 396 33.76 -4.45 6.66
C ALA C 396 33.15 -5.75 7.18
N ALA C 397 33.70 -6.87 6.73
CA ALA C 397 33.20 -8.18 7.13
C ALA C 397 33.43 -8.46 8.61
N VAL C 398 34.50 -7.87 9.16
CA VAL C 398 34.83 -8.10 10.57
C VAL C 398 34.07 -7.14 11.49
N GLY C 399 33.68 -5.98 10.97
CA GLY C 399 32.84 -5.05 11.71
C GLY C 399 31.47 -5.64 11.96
N ILE C 400 31.23 -6.81 11.36
CA ILE C 400 29.96 -7.51 11.45
C ILE C 400 30.12 -8.91 12.07
N LEU C 401 31.07 -9.69 11.54
CA LEU C 401 31.34 -11.03 12.04
C LEU C 401 32.03 -10.98 13.40
N HIS C 402 32.66 -9.85 13.69
CA HIS C 402 33.29 -9.63 14.99
C HIS C 402 32.86 -8.28 15.58
N LYS C 403 31.55 -8.03 15.55
CA LYS C 403 30.97 -6.86 16.20
C LYS C 403 30.93 -7.06 17.71
N LYS C 404 30.73 -8.31 18.13
CA LYS C 404 30.70 -8.67 19.56
C LYS C 404 31.98 -8.23 20.26
N LYS C 405 33.01 -7.95 19.46
CA LYS C 405 34.26 -7.39 19.96
C LYS C 405 33.93 -5.90 20.04
N LEU C 406 34.30 -5.13 19.03
CA LEU C 406 34.03 -3.69 19.05
C LEU C 406 34.67 -3.06 20.28
N ALA C 407 33.94 -3.09 21.40
CA ALA C 407 34.41 -2.53 22.65
C ALA C 407 35.46 -3.42 23.29
N GLN C 420 43.00 -1.88 10.17
CA GLN C 420 43.41 -2.37 11.48
C GLN C 420 43.16 -3.85 11.80
N LEU C 421 42.03 -4.13 12.42
CA LEU C 421 41.84 -5.49 12.97
C LEU C 421 41.27 -6.53 12.00
N ALA C 422 41.59 -6.41 10.71
CA ALA C 422 40.91 -7.21 9.68
C ALA C 422 41.78 -8.18 8.85
N ALA C 423 43.09 -7.94 8.78
CA ALA C 423 43.97 -8.78 7.96
C ALA C 423 44.14 -10.21 8.49
N GLU C 424 43.28 -10.61 9.42
CA GLU C 424 43.20 -11.99 9.89
C GLU C 424 42.03 -12.66 9.16
N HIS C 425 41.04 -11.84 8.80
CA HIS C 425 39.99 -12.27 7.88
C HIS C 425 40.58 -12.32 6.48
N GLU C 426 41.15 -11.20 6.04
CA GLU C 426 41.77 -11.09 4.72
C GLU C 426 43.02 -11.96 4.56
N ARG C 427 43.02 -13.10 5.24
CA ARG C 427 44.18 -14.00 5.27
C ARG C 427 43.70 -15.44 5.39
N ILE C 428 42.52 -15.61 5.97
CA ILE C 428 41.92 -16.94 6.14
C ILE C 428 40.81 -17.17 5.12
N ALA C 429 40.52 -16.14 4.32
CA ALA C 429 39.47 -16.21 3.31
C ALA C 429 39.58 -15.04 2.33
N GLY C 430 38.86 -15.13 1.23
CA GLY C 430 38.87 -14.07 0.23
C GLY C 430 39.92 -14.25 -0.86
N GLY C 431 40.81 -15.22 -0.67
CA GLY C 431 41.86 -15.46 -1.64
C GLY C 431 41.47 -16.44 -2.73
N VAL C 432 42.25 -16.45 -3.81
CA VAL C 432 42.10 -17.43 -4.89
C VAL C 432 42.23 -18.86 -4.37
N ASP C 433 43.21 -19.08 -3.49
CA ASP C 433 43.43 -20.41 -2.90
C ASP C 433 42.15 -20.99 -2.28
N SER C 434 41.43 -20.16 -1.52
CA SER C 434 40.16 -20.57 -0.94
C SER C 434 39.09 -20.73 -2.03
N ALA C 435 39.11 -19.83 -3.01
CA ALA C 435 38.12 -19.90 -4.11
C ALA C 435 38.33 -21.14 -4.98
N LEU C 436 39.60 -21.48 -5.24
CA LEU C 436 39.95 -22.73 -5.92
C LEU C 436 39.41 -23.94 -5.15
N ASP C 437 39.60 -23.93 -3.84
CA ASP C 437 39.15 -25.05 -3.01
C ASP C 437 37.63 -25.23 -3.09
N ILE C 438 36.91 -24.12 -3.03
CA ILE C 438 35.46 -24.12 -3.17
C ILE C 438 35.04 -24.59 -4.56
N GLY C 439 35.80 -24.21 -5.58
CA GLY C 439 35.49 -24.59 -6.95
C GLY C 439 34.91 -23.47 -7.80
N VAL C 440 34.84 -22.26 -7.26
CA VAL C 440 34.27 -21.14 -8.02
C VAL C 440 35.31 -20.47 -8.92
N VAL C 441 36.59 -20.69 -8.62
CA VAL C 441 37.67 -20.31 -9.53
C VAL C 441 38.34 -21.58 -10.02
N ASP C 442 38.49 -21.73 -11.35
CA ASP C 442 39.08 -22.94 -11.93
C ASP C 442 40.62 -22.97 -11.88
N GLU C 443 41.26 -21.83 -12.09
CA GLU C 443 42.71 -21.80 -12.15
C GLU C 443 43.30 -20.43 -11.83
N LYS C 444 44.32 -20.41 -10.98
CA LYS C 444 45.12 -19.20 -10.76
C LYS C 444 46.21 -19.17 -11.83
N ILE C 445 46.37 -18.03 -12.51
CA ILE C 445 47.30 -17.94 -13.63
C ILE C 445 48.32 -16.81 -13.52
N ASP C 446 49.48 -17.00 -14.14
CA ASP C 446 50.47 -15.94 -14.26
C ASP C 446 49.91 -14.89 -15.21
N PRO C 447 49.83 -13.63 -14.77
CA PRO C 447 49.25 -12.58 -15.61
C PRO C 447 49.97 -12.42 -16.95
N ALA C 448 51.21 -12.89 -17.03
CA ALA C 448 51.97 -12.83 -18.27
C ALA C 448 51.47 -13.84 -19.31
N HIS C 449 50.65 -14.79 -18.87
CA HIS C 449 50.04 -15.77 -19.78
C HIS C 449 48.54 -15.56 -19.95
N THR C 450 48.04 -14.40 -19.53
CA THR C 450 46.60 -14.11 -19.58
C THR C 450 46.03 -14.41 -20.96
N ARG C 451 46.66 -13.84 -21.98
CA ARG C 451 46.21 -13.98 -23.35
C ARG C 451 46.13 -15.44 -23.82
N SER C 452 47.22 -16.19 -23.69
CA SER C 452 47.24 -17.58 -24.16
C SER C 452 46.28 -18.49 -23.37
N LYS C 453 46.14 -18.24 -22.05
CA LYS C 453 45.23 -18.99 -21.19
C LYS C 453 43.75 -18.75 -21.54
N LEU C 454 43.40 -17.49 -21.81
CA LEU C 454 42.03 -17.18 -22.25
C LEU C 454 41.75 -17.84 -23.59
N THR C 455 42.66 -17.66 -24.55
CA THR C 455 42.49 -18.23 -25.90
C THR C 455 42.32 -19.74 -25.85
N GLU C 456 43.18 -20.39 -25.07
CA GLU C 456 43.11 -21.84 -24.88
C GLU C 456 41.75 -22.30 -24.35
N ALA C 457 41.29 -21.67 -23.28
CA ALA C 457 40.01 -22.04 -22.68
C ALA C 457 38.88 -21.80 -23.67
N LEU C 458 38.97 -20.72 -24.43
CA LEU C 458 37.90 -20.39 -25.37
C LEU C 458 37.89 -21.38 -26.55
N ALA C 459 39.09 -21.72 -27.02
CA ALA C 459 39.27 -22.61 -28.17
C ALA C 459 38.80 -24.03 -27.84
N GLN C 460 39.05 -24.46 -26.61
CA GLN C 460 38.73 -25.80 -26.17
C GLN C 460 37.25 -25.98 -25.86
N ALA C 461 36.53 -24.89 -25.66
CA ALA C 461 35.11 -24.96 -25.35
C ALA C 461 34.34 -25.27 -26.64
N PRO C 462 33.16 -25.87 -26.52
CA PRO C 462 32.35 -26.08 -27.73
C PRO C 462 31.84 -24.74 -28.26
N ALA C 463 31.68 -24.64 -29.57
CA ALA C 463 31.07 -23.43 -30.15
C ALA C 463 29.67 -23.15 -29.55
N ARG C 464 28.98 -24.20 -29.11
CA ARG C 464 27.68 -24.06 -28.41
C ARG C 464 27.46 -25.04 -27.25
N ARG C 465 27.32 -24.47 -26.04
CA ARG C 465 26.77 -25.07 -24.80
C ARG C 465 27.46 -24.49 -23.56
N GLY C 466 27.10 -24.99 -22.37
CA GLY C 466 27.64 -24.46 -21.13
C GLY C 466 26.94 -23.18 -20.68
N LEU D 13 2.65 -20.38 18.32
CA LEU D 13 3.45 -20.56 17.10
C LEU D 13 3.86 -19.21 16.50
N ASP D 14 5.16 -19.03 16.27
CA ASP D 14 5.69 -17.86 15.56
C ASP D 14 4.97 -17.70 14.20
N PRO D 15 4.46 -16.50 13.92
CA PRO D 15 3.72 -16.29 12.66
C PRO D 15 4.62 -16.36 11.43
N ARG D 16 5.94 -16.41 11.63
CA ARG D 16 6.87 -16.53 10.52
C ARG D 16 7.25 -17.99 10.28
N ASP D 17 6.69 -18.89 11.07
CA ASP D 17 6.97 -20.31 10.90
C ASP D 17 6.68 -20.78 9.48
N PRO D 18 7.69 -21.36 8.80
CA PRO D 18 7.52 -21.68 7.38
C PRO D 18 6.44 -22.74 7.14
N LEU D 19 6.24 -23.67 8.06
CA LEU D 19 5.19 -24.67 7.88
C LEU D 19 3.82 -24.01 7.98
N LEU D 20 3.67 -23.12 8.96
CA LEU D 20 2.44 -22.34 9.08
C LEU D 20 2.16 -21.54 7.80
N ARG D 21 3.20 -20.91 7.25
CA ARG D 21 3.05 -20.14 6.02
C ARG D 21 2.68 -21.01 4.81
N LEU D 22 3.40 -22.10 4.61
CA LEU D 22 3.07 -23.03 3.53
C LEU D 22 1.64 -23.55 3.64
N SER D 23 1.21 -23.86 4.87
CA SER D 23 -0.12 -24.44 5.12
C SER D 23 -1.20 -23.43 4.81
N ASN D 24 -0.93 -22.17 5.13
CA ASN D 24 -1.82 -21.09 4.73
C ASN D 24 -1.90 -20.90 3.22
N PHE D 25 -0.89 -21.33 2.48
CA PHE D 25 -0.92 -21.13 1.03
C PHE D 25 -1.58 -22.29 0.31
N PHE D 26 -1.19 -23.51 0.68
CA PHE D 26 -1.72 -24.71 0.04
C PHE D 26 -3.17 -25.01 0.45
N ASP D 27 -3.86 -25.79 -0.38
CA ASP D 27 -5.14 -26.39 -0.01
C ASP D 27 -5.01 -27.12 1.34
N ASP D 28 -6.05 -27.07 2.17
CA ASP D 28 -6.01 -27.77 3.46
C ASP D 28 -5.73 -29.27 3.30
N GLY D 29 -4.72 -29.76 4.03
CA GLY D 29 -4.41 -31.18 4.09
C GLY D 29 -3.51 -31.69 2.97
N SER D 30 -3.09 -30.81 2.06
CA SER D 30 -2.35 -31.24 0.88
C SER D 30 -0.83 -31.28 1.08
N VAL D 31 -0.34 -30.61 2.12
CA VAL D 31 1.09 -30.38 2.26
C VAL D 31 1.90 -31.68 2.38
N GLU D 32 2.96 -31.81 1.58
CA GLU D 32 3.88 -32.94 1.69
C GLU D 32 5.30 -32.38 1.65
N LEU D 33 5.97 -32.37 2.79
CA LEU D 33 7.33 -31.86 2.90
C LEU D 33 8.27 -32.59 1.93
N LEU D 34 9.21 -31.87 1.33
CA LEU D 34 10.11 -32.46 0.35
C LEU D 34 11.43 -32.89 0.99
N HIS D 35 11.58 -32.57 2.28
CA HIS D 35 12.77 -32.92 3.04
C HIS D 35 12.45 -32.80 4.54
N GLU D 36 13.39 -33.24 5.37
CA GLU D 36 13.24 -33.12 6.81
C GLU D 36 13.39 -31.66 7.22
N ARG D 37 12.56 -31.24 8.18
CA ARG D 37 12.65 -29.87 8.67
C ARG D 37 14.00 -29.70 9.34
N ASP D 38 14.61 -28.54 9.12
CA ASP D 38 15.93 -28.28 9.69
C ASP D 38 16.07 -26.78 9.95
N ARG D 39 17.28 -26.34 10.22
CA ARG D 39 17.53 -24.91 10.45
C ARG D 39 18.32 -24.25 9.30
N SER D 40 18.18 -24.83 8.11
CA SER D 40 18.82 -24.30 6.91
C SER D 40 18.27 -22.93 6.52
N GLY D 41 17.06 -22.63 6.96
CA GLY D 41 16.42 -21.36 6.64
C GLY D 41 15.45 -21.47 5.46
N VAL D 42 15.19 -22.71 5.04
CA VAL D 42 14.22 -22.94 3.97
C VAL D 42 13.42 -24.20 4.26
N LEU D 43 12.10 -24.14 4.07
CA LEU D 43 11.31 -25.37 4.06
C LEU D 43 10.58 -25.45 2.72
N ALA D 44 10.69 -26.60 2.06
CA ALA D 44 10.07 -26.80 0.74
C ALA D 44 9.08 -27.95 0.80
N ALA D 45 7.97 -27.82 0.07
CA ALA D 45 6.90 -28.83 0.09
C ALA D 45 6.15 -28.90 -1.24
N ALA D 46 5.56 -30.08 -1.49
CA ALA D 46 4.54 -30.23 -2.55
C ALA D 46 3.16 -30.07 -1.91
N GLY D 47 2.17 -29.70 -2.72
CA GLY D 47 0.79 -29.63 -2.26
C GLY D 47 -0.11 -29.36 -3.45
N THR D 48 -1.35 -28.94 -3.21
CA THR D 48 -2.26 -28.56 -4.28
C THR D 48 -2.81 -27.17 -4.08
N VAL D 49 -3.14 -26.51 -5.19
CA VAL D 49 -3.79 -25.22 -5.13
C VAL D 49 -5.05 -25.32 -5.97
N ASN D 50 -6.20 -25.35 -5.30
CA ASN D 50 -7.47 -25.64 -5.97
C ASN D 50 -7.34 -26.85 -6.88
N GLY D 51 -6.64 -27.87 -6.37
CA GLY D 51 -6.54 -29.12 -7.07
C GLY D 51 -5.29 -29.31 -7.92
N VAL D 52 -4.67 -28.22 -8.39
CA VAL D 52 -3.47 -28.41 -9.21
C VAL D 52 -2.19 -28.63 -8.39
N ARG D 53 -1.46 -29.68 -8.77
CA ARG D 53 -0.23 -30.07 -8.09
C ARG D 53 0.79 -28.94 -8.19
N THR D 54 1.28 -28.49 -7.02
CA THR D 54 2.09 -27.27 -6.95
C THR D 54 3.27 -27.47 -6.00
N ILE D 55 4.44 -26.95 -6.38
CA ILE D 55 5.61 -26.98 -5.51
C ILE D 55 5.78 -25.61 -4.87
N ALA D 56 6.24 -25.57 -3.62
CA ALA D 56 6.53 -24.29 -2.98
C ALA D 56 7.67 -24.39 -1.98
N PHE D 57 8.29 -23.25 -1.71
CA PHE D 57 9.29 -23.16 -0.67
C PHE D 57 9.09 -21.86 0.10
N CYS D 58 9.48 -21.88 1.37
CA CYS D 58 9.31 -20.72 2.22
C CYS D 58 10.63 -20.46 2.91
N THR D 59 11.16 -19.24 2.80
CA THR D 59 12.33 -18.89 3.59
C THR D 59 11.87 -18.76 5.05
N ASP D 60 12.76 -19.07 5.98
CA ASP D 60 12.39 -19.22 7.39
C ASP D 60 12.80 -17.98 8.19
N GLY D 61 11.87 -17.05 8.35
CA GLY D 61 12.11 -15.83 9.09
C GLY D 61 12.50 -16.04 10.54
N THR D 62 12.27 -17.24 11.09
CA THR D 62 12.61 -17.47 12.50
C THR D 62 14.07 -17.86 12.69
N VAL D 63 14.77 -18.11 11.59
CA VAL D 63 16.19 -18.45 11.67
C VAL D 63 17.05 -17.42 10.96
N MET D 64 17.87 -16.68 11.74
CA MET D 64 18.78 -15.67 11.19
C MET D 64 18.06 -14.72 10.22
N GLY D 65 16.82 -14.37 10.56
CA GLY D 65 15.99 -13.51 9.71
C GLY D 65 15.80 -14.05 8.30
N GLY D 66 15.86 -15.36 8.16
CA GLY D 66 15.66 -15.98 6.85
C GLY D 66 16.88 -15.89 5.96
N ALA D 67 18.03 -15.52 6.52
CA ALA D 67 19.25 -15.41 5.71
C ALA D 67 19.51 -16.69 4.93
N MET D 68 19.88 -16.55 3.66
CA MET D 68 20.00 -17.68 2.74
C MET D 68 21.39 -18.29 2.82
N GLY D 69 21.44 -19.60 3.12
CA GLY D 69 22.71 -20.30 3.18
C GLY D 69 22.79 -21.45 2.19
N VAL D 70 23.88 -22.20 2.26
CA VAL D 70 24.13 -23.29 1.32
C VAL D 70 23.04 -24.36 1.38
N GLU D 71 22.74 -24.84 2.58
CA GLU D 71 21.78 -25.92 2.71
C GLU D 71 20.36 -25.47 2.36
N GLY D 72 19.99 -24.26 2.77
CA GLY D 72 18.70 -23.70 2.39
C GLY D 72 18.56 -23.59 0.88
N CYS D 73 19.54 -22.96 0.23
CA CYS D 73 19.52 -22.80 -1.23
C CYS D 73 19.41 -24.13 -1.95
N THR D 74 20.11 -25.12 -1.43
CA THR D 74 20.04 -26.47 -2.00
C THR D 74 18.60 -27.01 -1.98
N HIS D 75 17.89 -26.79 -0.87
CA HIS D 75 16.48 -27.19 -0.81
C HIS D 75 15.68 -26.50 -1.92
N ILE D 76 15.93 -25.21 -2.13
CA ILE D 76 15.24 -24.48 -3.19
C ILE D 76 15.58 -25.05 -4.58
N VAL D 77 16.87 -25.28 -4.86
CA VAL D 77 17.29 -25.83 -6.15
C VAL D 77 16.62 -27.19 -6.38
N ASN D 78 16.64 -28.05 -5.36
CA ASN D 78 15.93 -29.33 -5.42
C ASN D 78 14.46 -29.15 -5.69
N ALA D 79 13.83 -28.18 -5.04
CA ALA D 79 12.42 -27.91 -5.29
C ALA D 79 12.21 -27.53 -6.75
N TYR D 80 13.09 -26.69 -7.28
CA TYR D 80 13.03 -26.31 -8.70
C TYR D 80 13.21 -27.51 -9.64
N ASP D 81 14.18 -28.36 -9.36
CA ASP D 81 14.36 -29.55 -10.22
C ASP D 81 13.11 -30.42 -10.21
N THR D 82 12.50 -30.59 -9.04
CA THR D 82 11.26 -31.37 -8.92
C THR D 82 10.13 -30.73 -9.75
N ALA D 83 9.88 -29.43 -9.56
CA ALA D 83 8.84 -28.75 -10.33
C ALA D 83 9.08 -28.84 -11.85
N ILE D 84 10.31 -28.61 -12.29
CA ILE D 84 10.64 -28.62 -13.71
C ILE D 84 10.37 -30.01 -14.27
N GLU D 85 10.76 -31.02 -13.51
CA GLU D 85 10.60 -32.42 -13.89
C GLU D 85 9.13 -32.81 -14.06
N ASP D 86 8.26 -32.27 -13.21
CA ASP D 86 6.85 -32.63 -13.26
C ASP D 86 6.04 -31.60 -14.01
N GLN D 87 6.71 -30.55 -14.48
CA GLN D 87 6.02 -29.37 -15.02
C GLN D 87 4.95 -28.84 -14.06
N SER D 88 5.32 -28.62 -12.80
CA SER D 88 4.42 -28.00 -11.84
C SER D 88 4.78 -26.53 -11.66
N PRO D 89 3.77 -25.69 -11.38
CA PRO D 89 4.11 -24.30 -11.01
C PRO D 89 4.87 -24.32 -9.69
N ILE D 90 5.73 -23.33 -9.48
CA ILE D 90 6.50 -23.24 -8.25
C ILE D 90 6.34 -21.88 -7.59
N VAL D 91 6.00 -21.89 -6.31
CA VAL D 91 5.71 -20.66 -5.58
C VAL D 91 6.72 -20.45 -4.47
N GLY D 92 7.41 -19.32 -4.47
CA GLY D 92 8.30 -19.02 -3.36
C GLY D 92 7.70 -18.02 -2.39
N ILE D 93 7.79 -18.33 -1.10
CA ILE D 93 7.38 -17.40 -0.04
C ILE D 93 8.62 -16.80 0.63
N TRP D 94 8.75 -15.47 0.55
CA TRP D 94 10.01 -14.80 0.83
C TRP D 94 10.02 -13.90 2.04
N HIS D 95 11.05 -14.09 2.87
CA HIS D 95 11.26 -13.31 4.09
C HIS D 95 12.72 -13.55 4.48
N SER D 96 13.59 -12.63 4.08
CA SER D 96 15.01 -12.89 4.14
C SER D 96 15.83 -11.63 3.94
N GLY D 97 16.77 -11.37 4.85
CA GLY D 97 17.61 -10.20 4.76
C GLY D 97 18.80 -10.34 3.82
N GLY D 98 18.97 -11.50 3.22
CA GLY D 98 20.09 -11.72 2.31
C GLY D 98 20.92 -12.95 2.65
N ALA D 99 22.14 -13.01 2.12
CA ALA D 99 22.97 -14.21 2.26
C ALA D 99 23.63 -14.28 3.64
N ARG D 100 23.83 -15.51 4.11
CA ARG D 100 24.55 -15.75 5.36
C ARG D 100 26.02 -15.35 5.22
N LEU D 101 26.36 -14.16 5.72
CA LEU D 101 27.74 -13.66 5.66
C LEU D 101 28.76 -14.67 6.16
N ALA D 102 28.46 -15.31 7.30
CA ALA D 102 29.37 -16.29 7.89
C ALA D 102 29.77 -17.43 6.94
N GLU D 103 28.87 -17.81 6.04
CA GLU D 103 29.16 -18.92 5.14
C GLU D 103 30.00 -18.48 3.95
N GLY D 104 30.29 -17.18 3.86
CA GLY D 104 31.22 -16.64 2.86
C GLY D 104 30.85 -16.88 1.40
N VAL D 105 31.86 -17.00 0.56
CA VAL D 105 31.70 -17.23 -0.88
C VAL D 105 30.81 -18.46 -1.20
N ARG D 106 30.90 -19.49 -0.37
CA ARG D 106 30.07 -20.69 -0.57
C ARG D 106 28.57 -20.37 -0.64
N ALA D 107 28.12 -19.48 0.24
CA ALA D 107 26.72 -19.08 0.24
C ALA D 107 26.41 -18.23 -1.00
N LEU D 108 27.36 -17.40 -1.42
CA LEU D 108 27.21 -16.63 -2.65
C LEU D 108 26.93 -17.57 -3.82
N HIS D 109 27.74 -18.62 -3.93
CA HIS D 109 27.62 -19.60 -5.02
C HIS D 109 26.26 -20.30 -4.97
N ALA D 110 25.82 -20.65 -3.77
CA ALA D 110 24.55 -21.35 -3.58
C ALA D 110 23.39 -20.45 -4.02
N VAL D 111 23.48 -19.17 -3.68
CA VAL D 111 22.51 -18.19 -4.12
C VAL D 111 22.47 -18.12 -5.65
N GLY D 112 23.63 -18.00 -6.29
CA GLY D 112 23.72 -18.02 -7.74
C GLY D 112 23.04 -19.23 -8.35
N GLN D 113 23.16 -20.39 -7.69
CA GLN D 113 22.54 -21.62 -8.19
C GLN D 113 21.01 -21.57 -8.13
N VAL D 114 20.46 -20.89 -7.12
CA VAL D 114 19.04 -20.60 -7.12
C VAL D 114 18.66 -19.78 -8.35
N PHE D 115 19.43 -18.72 -8.60
CA PHE D 115 19.17 -17.87 -9.75
C PHE D 115 19.21 -18.73 -11.01
N GLU D 116 20.19 -19.62 -11.06
CA GLU D 116 20.38 -20.44 -12.24
C GLU D 116 19.20 -21.40 -12.45
N ALA D 117 18.63 -21.89 -11.35
CA ALA D 117 17.46 -22.77 -11.44
C ALA D 117 16.24 -22.01 -11.96
N MET D 118 16.08 -20.77 -11.50
CA MET D 118 14.98 -19.93 -11.96
C MET D 118 15.10 -19.62 -13.44
N ILE D 119 16.33 -19.37 -13.90
CA ILE D 119 16.57 -19.15 -15.31
C ILE D 119 16.21 -20.40 -16.14
N ARG D 120 16.70 -21.58 -15.73
CA ARG D 120 16.34 -22.84 -16.38
C ARG D 120 14.82 -23.05 -16.46
N ALA D 121 14.10 -22.53 -15.46
CA ALA D 121 12.65 -22.72 -15.39
C ALA D 121 11.89 -21.66 -16.19
N SER D 122 12.59 -20.59 -16.55
CA SER D 122 11.98 -19.40 -17.13
C SER D 122 11.16 -19.72 -18.37
N GLY D 123 9.88 -19.39 -18.30
CA GLY D 123 9.00 -19.63 -19.43
C GLY D 123 8.61 -21.09 -19.60
N TYR D 124 9.14 -21.97 -18.76
CA TYR D 124 8.79 -23.39 -18.85
C TYR D 124 7.74 -23.81 -17.81
N ILE D 125 7.89 -23.32 -16.58
CA ILE D 125 6.85 -23.47 -15.56
C ILE D 125 6.59 -22.10 -14.96
N PRO D 126 5.34 -21.85 -14.54
CA PRO D 126 5.05 -20.54 -13.94
C PRO D 126 5.79 -20.39 -12.62
N GLN D 127 6.42 -19.24 -12.41
CA GLN D 127 7.06 -18.97 -11.13
C GLN D 127 6.37 -17.79 -10.47
N ILE D 128 5.84 -18.03 -9.27
CA ILE D 128 5.14 -16.99 -8.55
C ILE D 128 5.84 -16.73 -7.21
N SER D 129 6.06 -15.46 -6.89
CA SER D 129 6.69 -15.09 -5.64
C SER D 129 5.72 -14.37 -4.74
N VAL D 130 5.68 -14.75 -3.46
CA VAL D 130 4.88 -14.02 -2.48
C VAL D 130 5.79 -13.43 -1.41
N VAL D 131 5.99 -12.11 -1.45
CA VAL D 131 6.91 -11.46 -0.52
C VAL D 131 6.14 -11.04 0.73
N VAL D 132 6.38 -11.73 1.85
CA VAL D 132 5.60 -11.51 3.06
C VAL D 132 6.38 -10.81 4.19
N GLY D 133 7.68 -10.71 4.02
CA GLY D 133 8.51 -10.01 4.98
C GLY D 133 9.64 -9.32 4.27
N PHE D 134 10.51 -8.68 5.03
CA PHE D 134 11.76 -8.07 4.58
C PHE D 134 12.45 -8.99 3.55
N ALA D 135 12.87 -8.42 2.43
CA ALA D 135 13.51 -9.20 1.34
C ALA D 135 14.62 -8.43 0.62
N ALA D 136 15.86 -8.56 1.10
CA ALA D 136 16.96 -7.79 0.55
C ALA D 136 18.07 -8.68 -0.01
N GLY D 137 19.01 -8.06 -0.73
CA GLY D 137 20.12 -8.79 -1.31
C GLY D 137 19.65 -9.86 -2.28
N GLY D 138 20.11 -11.09 -2.08
CA GLY D 138 19.73 -12.19 -2.95
C GLY D 138 18.23 -12.46 -2.92
N ALA D 139 17.58 -12.09 -1.82
CA ALA D 139 16.15 -12.32 -1.67
C ALA D 139 15.35 -11.24 -2.38
N ALA D 140 16.04 -10.20 -2.85
CA ALA D 140 15.39 -9.22 -3.73
C ALA D 140 15.41 -9.77 -5.15
N TYR D 141 16.58 -10.24 -5.57
CA TYR D 141 16.78 -10.70 -6.94
C TYR D 141 16.06 -12.01 -7.29
N GLY D 142 15.86 -12.87 -6.30
CA GLY D 142 15.10 -14.10 -6.50
C GLY D 142 13.75 -13.80 -7.12
N PRO D 143 12.89 -13.06 -6.40
CA PRO D 143 11.56 -12.71 -6.91
C PRO D 143 11.65 -12.02 -8.26
N ALA D 144 12.70 -11.24 -8.46
CA ALA D 144 12.87 -10.47 -9.70
C ALA D 144 13.02 -11.34 -10.94
N LEU D 145 13.48 -12.57 -10.73
CA LEU D 145 13.62 -13.56 -11.80
C LEU D 145 12.34 -14.39 -12.03
N THR D 146 11.34 -14.25 -11.16
CA THR D 146 10.11 -15.02 -11.36
C THR D 146 9.09 -14.30 -12.26
N ASP D 147 7.93 -14.90 -12.50
CA ASP D 147 7.00 -14.35 -13.47
C ASP D 147 6.06 -13.29 -12.90
N VAL D 148 5.59 -13.51 -11.67
CA VAL D 148 4.66 -12.57 -11.02
C VAL D 148 5.01 -12.46 -9.53
N VAL D 149 5.17 -11.24 -9.05
CA VAL D 149 5.50 -11.01 -7.64
C VAL D 149 4.32 -10.36 -6.90
N VAL D 150 3.85 -11.04 -5.85
CA VAL D 150 2.79 -10.55 -4.98
C VAL D 150 3.43 -10.09 -3.67
N MET D 151 3.11 -8.88 -3.25
CA MET D 151 3.73 -8.31 -2.08
C MET D 151 2.67 -8.03 -1.01
N ALA D 152 2.91 -8.51 0.21
CA ALA D 152 2.08 -8.12 1.35
C ALA D 152 2.63 -6.81 1.89
N PRO D 153 1.74 -5.85 2.17
CA PRO D 153 2.17 -4.52 2.64
C PRO D 153 3.03 -4.57 3.92
N GLU D 154 2.83 -5.56 4.78
CA GLU D 154 3.65 -5.64 6.00
C GLU D 154 5.14 -5.85 5.68
N SER D 155 5.44 -6.37 4.48
CA SER D 155 6.84 -6.53 4.08
C SER D 155 7.53 -5.18 3.90
N ARG D 156 6.76 -4.10 3.85
CA ARG D 156 7.36 -2.77 3.73
C ARG D 156 7.39 -1.99 5.06
N VAL D 157 7.09 -2.67 6.17
CA VAL D 157 7.16 -2.06 7.50
C VAL D 157 8.25 -2.72 8.37
N PHE D 158 9.25 -1.94 8.75
CA PHE D 158 10.37 -2.49 9.53
C PHE D 158 10.38 -1.98 10.98
N VAL D 159 11.17 -2.63 11.83
CA VAL D 159 11.32 -2.23 13.23
C VAL D 159 11.97 -0.85 13.37
N THR D 160 12.33 -0.23 12.24
CA THR D 160 12.91 1.11 12.24
C THR D 160 12.09 2.17 11.48
N GLY D 161 10.90 1.82 11.00
CA GLY D 161 10.04 2.78 10.32
C GLY D 161 8.92 2.21 9.45
N SER D 188 9.44 1.59 -8.51
CA SER D 188 10.44 0.57 -8.78
C SER D 188 10.00 -0.36 -9.91
N GLY D 189 8.74 -0.81 -9.87
CA GLY D 189 8.20 -1.68 -10.90
C GLY D 189 8.51 -3.16 -10.70
N VAL D 190 9.07 -3.51 -9.54
CA VAL D 190 9.46 -4.90 -9.28
C VAL D 190 8.27 -5.79 -8.86
N CYS D 191 7.45 -5.27 -7.95
CA CYS D 191 6.28 -5.99 -7.49
C CYS D 191 5.06 -5.76 -8.41
N HIS D 192 4.44 -6.85 -8.84
CA HIS D 192 3.32 -6.78 -9.78
C HIS D 192 1.98 -6.53 -9.10
N ILE D 193 1.82 -7.11 -7.90
CA ILE D 193 0.56 -7.07 -7.19
C ILE D 193 0.76 -6.75 -5.70
N VAL D 194 0.00 -5.78 -5.22
CA VAL D 194 0.05 -5.40 -3.82
C VAL D 194 -1.23 -5.92 -3.17
N ALA D 195 -1.08 -6.83 -2.23
CA ALA D 195 -2.24 -7.44 -1.57
C ALA D 195 -2.66 -6.60 -0.37
N ASP D 196 -3.78 -6.94 0.26
CA ASP D 196 -4.25 -6.20 1.43
C ASP D 196 -3.49 -6.59 2.69
N ASP D 197 -3.10 -7.86 2.78
CA ASP D 197 -2.32 -8.37 3.91
C ASP D 197 -1.71 -9.74 3.57
N GLU D 198 -1.04 -10.37 4.54
CA GLU D 198 -0.39 -11.65 4.25
C GLU D 198 -1.37 -12.70 3.73
N LEU D 199 -2.47 -12.92 4.43
CA LEU D 199 -3.45 -13.94 3.99
C LEU D 199 -4.02 -13.62 2.61
N ASP D 200 -4.30 -12.34 2.35
CA ASP D 200 -4.77 -11.95 1.03
C ASP D 200 -3.69 -12.20 -0.03
N ALA D 201 -2.42 -11.98 0.33
CA ALA D 201 -1.31 -12.26 -0.58
C ALA D 201 -1.32 -13.72 -1.00
N TYR D 202 -1.53 -14.62 -0.04
CA TYR D 202 -1.62 -16.04 -0.38
C TYR D 202 -2.78 -16.28 -1.32
N ASP D 203 -3.87 -15.57 -1.09
CA ASP D 203 -5.04 -15.74 -1.96
C ASP D 203 -4.79 -15.28 -3.39
N ARG D 204 -4.15 -14.12 -3.57
CA ARG D 204 -3.82 -13.65 -4.90
C ARG D 204 -2.88 -14.65 -5.56
N GLY D 205 -1.89 -15.11 -4.79
CA GLY D 205 -0.96 -16.13 -5.22
C GLY D 205 -1.67 -17.37 -5.73
N ARG D 206 -2.63 -17.87 -4.95
CA ARG D 206 -3.41 -19.04 -5.33
C ARG D 206 -4.15 -18.79 -6.66
N ARG D 207 -4.80 -17.63 -6.74
CA ARG D 207 -5.55 -17.27 -7.95
C ARG D 207 -4.64 -17.24 -9.17
N LEU D 208 -3.42 -16.74 -8.98
CA LEU D 208 -2.45 -16.67 -10.08
C LEU D 208 -2.10 -18.07 -10.57
N VAL D 209 -1.88 -19.01 -9.66
CA VAL D 209 -1.61 -20.39 -10.07
C VAL D 209 -2.74 -20.90 -10.98
N GLY D 210 -3.99 -20.61 -10.61
CA GLY D 210 -5.14 -21.02 -11.41
C GLY D 210 -5.17 -20.35 -12.77
N LEU D 211 -4.76 -19.08 -12.81
CA LEU D 211 -4.72 -18.34 -14.07
C LEU D 211 -3.70 -18.94 -15.04
N PHE D 212 -2.56 -19.42 -14.54
CA PHE D 212 -1.54 -20.00 -15.40
C PHE D 212 -1.76 -21.47 -15.72
N CYS D 213 -2.37 -22.20 -14.78
CA CYS D 213 -2.46 -23.65 -14.89
C CYS D 213 -3.85 -24.20 -15.16
N GLN D 214 -4.88 -23.36 -15.03
CA GLN D 214 -6.25 -23.74 -15.42
C GLN D 214 -6.80 -22.67 -16.36
N GLN D 215 -6.19 -22.57 -17.53
CA GLN D 215 -6.48 -21.49 -18.47
C GLN D 215 -7.89 -21.59 -19.06
N GLY D 216 -8.48 -22.78 -18.99
CA GLY D 216 -9.86 -22.94 -19.43
C GLY D 216 -9.97 -22.86 -20.95
N HIS D 217 -11.17 -22.53 -21.43
CA HIS D 217 -11.45 -22.52 -22.86
C HIS D 217 -12.43 -21.39 -23.13
N PHE D 218 -12.42 -20.87 -24.36
CA PHE D 218 -13.42 -19.87 -24.76
C PHE D 218 -14.79 -20.48 -24.93
N ASP D 219 -15.81 -19.72 -24.56
CA ASP D 219 -17.19 -20.19 -24.69
C ASP D 219 -18.03 -19.08 -25.34
N ARG D 220 -18.53 -19.37 -26.54
CA ARG D 220 -19.27 -18.37 -27.31
C ARG D 220 -20.54 -17.92 -26.58
N SER D 221 -21.31 -18.89 -26.09
CA SER D 221 -22.55 -18.58 -25.39
C SER D 221 -22.33 -17.65 -24.18
N LYS D 222 -21.34 -17.99 -23.36
CA LYS D 222 -21.01 -17.15 -22.23
C LYS D 222 -20.45 -15.79 -22.64
N ALA D 223 -19.70 -15.77 -23.75
CA ALA D 223 -19.18 -14.49 -24.25
C ALA D 223 -20.36 -13.55 -24.57
N GLU D 224 -21.33 -14.06 -25.32
CA GLU D 224 -22.48 -13.27 -25.76
C GLU D 224 -23.39 -12.87 -24.60
N ALA D 225 -23.61 -13.78 -23.66
CA ALA D 225 -24.42 -13.47 -22.47
C ALA D 225 -23.88 -12.25 -21.73
N GLY D 226 -22.56 -12.02 -21.81
CA GLY D 226 -21.94 -10.93 -21.07
C GLY D 226 -21.80 -9.62 -21.85
N ASP D 227 -22.26 -9.60 -23.11
CA ASP D 227 -22.15 -8.40 -23.95
C ASP D 227 -22.88 -7.20 -23.35
N THR D 228 -22.27 -6.03 -23.45
CA THR D 228 -22.92 -4.76 -23.08
C THR D 228 -22.49 -3.69 -24.06
N ASP D 229 -23.11 -2.52 -23.99
CA ASP D 229 -22.71 -1.38 -24.80
C ASP D 229 -21.52 -0.73 -24.13
N ILE D 230 -20.34 -1.28 -24.40
CA ILE D 230 -19.12 -0.82 -23.74
C ILE D 230 -18.81 0.64 -24.12
N HIS D 231 -19.22 1.05 -25.31
CA HIS D 231 -19.00 2.42 -25.78
C HIS D 231 -19.69 3.48 -24.89
N ALA D 232 -20.75 3.07 -24.19
CA ALA D 232 -21.46 3.96 -23.28
C ALA D 232 -20.59 4.43 -22.10
N LEU D 233 -19.51 3.71 -21.84
CA LEU D 233 -18.59 4.06 -20.76
C LEU D 233 -17.65 5.21 -21.14
N LEU D 234 -17.55 5.48 -22.44
CA LEU D 234 -16.77 6.63 -22.94
C LEU D 234 -17.43 7.97 -22.56
N PRO D 235 -16.60 9.00 -22.33
CA PRO D 235 -17.14 10.35 -22.06
C PRO D 235 -17.89 10.88 -23.29
N GLU D 236 -18.81 11.82 -23.09
CA GLU D 236 -19.54 12.38 -24.24
C GLU D 236 -18.61 13.15 -25.16
N SER D 237 -17.65 13.87 -24.58
CA SER D 237 -16.66 14.60 -25.38
C SER D 237 -15.42 13.77 -25.67
N SER D 238 -14.97 13.82 -26.91
CA SER D 238 -13.79 13.07 -27.35
C SER D 238 -12.50 13.73 -26.86
N ARG D 239 -12.62 14.94 -26.32
CA ARG D 239 -11.45 15.68 -25.85
C ARG D 239 -11.17 15.39 -24.37
N ARG D 240 -12.12 14.74 -23.72
CA ARG D 240 -12.02 14.52 -22.28
C ARG D 240 -11.32 13.20 -21.96
N ALA D 241 -10.45 13.21 -20.94
CA ALA D 241 -9.80 12.01 -20.42
C ALA D 241 -10.80 11.13 -19.66
N TYR D 242 -10.37 9.90 -19.34
CA TYR D 242 -11.20 8.92 -18.63
C TYR D 242 -10.33 7.74 -18.19
N ASP D 243 -10.77 7.00 -17.19
CA ASP D 243 -10.09 5.78 -16.76
C ASP D 243 -10.50 4.65 -17.70
N VAL D 244 -9.54 3.98 -18.34
CA VAL D 244 -9.87 2.88 -19.25
C VAL D 244 -10.33 1.62 -18.49
N ARG D 245 -10.04 1.55 -17.19
CA ARG D 245 -10.31 0.32 -16.44
C ARG D 245 -11.76 -0.19 -16.42
N PRO D 246 -12.76 0.71 -16.33
CA PRO D 246 -14.14 0.21 -16.47
C PRO D 246 -14.41 -0.45 -17.83
N ILE D 247 -13.67 -0.02 -18.85
CA ILE D 247 -13.79 -0.65 -20.17
C ILE D 247 -13.19 -2.06 -20.12
N VAL D 248 -12.00 -2.19 -19.54
CA VAL D 248 -11.36 -3.50 -19.39
C VAL D 248 -12.29 -4.44 -18.62
N THR D 249 -12.88 -3.90 -17.57
CA THR D 249 -13.74 -4.67 -16.67
C THR D 249 -15.06 -5.06 -17.34
N ALA D 250 -15.59 -4.20 -18.20
CA ALA D 250 -16.78 -4.54 -18.95
C ALA D 250 -16.49 -5.66 -19.96
N ILE D 251 -15.30 -5.65 -20.53
CA ILE D 251 -14.92 -6.72 -21.46
C ILE D 251 -14.82 -8.07 -20.75
N LEU D 252 -14.18 -8.10 -19.59
CA LEU D 252 -13.91 -9.37 -18.89
C LEU D 252 -15.11 -9.92 -18.12
N ASP D 253 -15.02 -11.16 -17.67
CA ASP D 253 -16.15 -11.79 -16.95
C ASP D 253 -16.54 -10.97 -15.72
N ALA D 254 -17.84 -10.66 -15.62
CA ALA D 254 -18.39 -9.77 -14.60
C ALA D 254 -18.04 -10.10 -13.14
N ASP D 255 -18.08 -11.37 -12.76
CA ASP D 255 -17.79 -11.69 -11.37
C ASP D 255 -16.44 -12.39 -11.20
N THR D 256 -15.46 -11.89 -11.95
CA THR D 256 -14.11 -12.42 -11.89
C THR D 256 -13.16 -11.24 -11.72
N PRO D 257 -12.16 -11.38 -10.82
CA PRO D 257 -11.23 -10.27 -10.57
C PRO D 257 -10.42 -9.93 -11.82
N PHE D 258 -10.11 -8.65 -11.99
CA PHE D 258 -9.08 -8.25 -12.95
C PHE D 258 -7.79 -8.07 -12.16
N ASP D 259 -6.84 -8.97 -12.36
CA ASP D 259 -5.56 -8.92 -11.67
C ASP D 259 -4.56 -8.05 -12.40
N GLU D 260 -4.66 -6.75 -12.12
CA GLU D 260 -3.85 -5.72 -12.75
C GLU D 260 -2.42 -5.78 -12.21
N PHE D 261 -1.44 -5.70 -13.11
CA PHE D 261 -0.03 -5.70 -12.70
C PHE D 261 0.46 -4.26 -12.63
N GLN D 262 1.24 -3.97 -11.59
CA GLN D 262 1.98 -2.71 -11.49
C GLN D 262 1.08 -1.49 -11.68
N ALA D 263 -0.06 -1.46 -10.98
CA ALA D 263 -1.04 -0.37 -11.17
C ALA D 263 -0.45 1.02 -10.96
N ASN D 264 0.57 1.12 -10.08
CA ASN D 264 1.13 2.41 -9.71
C ASN D 264 2.40 2.83 -10.47
N TRP D 265 2.89 1.94 -11.33
CA TRP D 265 4.06 2.26 -12.14
C TRP D 265 3.65 2.35 -13.60
N ALA D 266 4.15 3.37 -14.31
CA ALA D 266 3.79 3.62 -15.71
C ALA D 266 2.27 3.60 -15.93
N PRO D 267 1.55 4.52 -15.26
CA PRO D 267 0.09 4.46 -15.21
C PRO D 267 -0.61 4.88 -16.51
N SER D 268 0.14 5.29 -17.52
CA SER D 268 -0.46 5.58 -18.83
C SER D 268 -0.79 4.25 -19.55
N MET D 269 -0.28 3.15 -19.00
CA MET D 269 -0.51 1.82 -19.56
C MET D 269 -1.09 0.87 -18.51
N VAL D 270 -2.27 0.32 -18.78
CA VAL D 270 -2.85 -0.70 -17.91
C VAL D 270 -2.62 -2.08 -18.51
N VAL D 271 -2.11 -3.01 -17.69
CA VAL D 271 -1.95 -4.41 -18.07
C VAL D 271 -2.38 -5.31 -16.91
N GLY D 272 -2.84 -6.52 -17.21
CA GLY D 272 -3.15 -7.50 -16.17
C GLY D 272 -3.83 -8.74 -16.72
N LEU D 273 -4.09 -9.72 -15.85
CA LEU D 273 -4.75 -10.96 -16.28
C LEU D 273 -6.20 -11.01 -15.80
N GLY D 274 -7.07 -11.61 -16.60
CA GLY D 274 -8.44 -11.84 -16.20
C GLY D 274 -8.97 -13.06 -16.95
N ARG D 275 -10.29 -13.19 -17.01
CA ARG D 275 -10.90 -14.30 -17.73
C ARG D 275 -11.96 -13.80 -18.68
N LEU D 276 -12.01 -14.41 -19.86
CA LEU D 276 -12.93 -14.00 -20.92
C LEU D 276 -13.73 -15.22 -21.34
N SER D 277 -14.99 -15.25 -20.92
CA SER D 277 -15.86 -16.43 -21.03
C SER D 277 -15.18 -17.64 -20.39
N GLY D 278 -14.40 -17.36 -19.34
CA GLY D 278 -13.80 -18.40 -18.52
C GLY D 278 -12.33 -18.65 -18.86
N ARG D 279 -11.87 -18.09 -19.98
CA ARG D 279 -10.54 -18.39 -20.50
C ARG D 279 -9.55 -17.32 -20.02
N THR D 280 -8.40 -17.74 -19.48
CA THR D 280 -7.38 -16.78 -19.06
C THR D 280 -6.92 -15.91 -20.21
N VAL D 281 -6.98 -14.59 -20.06
CA VAL D 281 -6.43 -13.69 -21.08
C VAL D 281 -5.60 -12.60 -20.44
N GLY D 282 -4.71 -12.00 -21.24
CA GLY D 282 -3.97 -10.85 -20.77
C GLY D 282 -4.55 -9.62 -21.48
N VAL D 283 -4.61 -8.49 -20.75
CA VAL D 283 -5.11 -7.25 -21.32
C VAL D 283 -4.06 -6.15 -21.25
N LEU D 284 -3.88 -5.40 -22.35
CA LEU D 284 -3.09 -4.18 -22.34
C LEU D 284 -3.99 -3.04 -22.83
N ALA D 285 -3.98 -1.92 -22.13
CA ALA D 285 -4.84 -0.80 -22.51
C ALA D 285 -4.20 0.53 -22.19
N ASN D 286 -4.11 1.41 -23.18
CA ASN D 286 -3.66 2.77 -22.93
C ASN D 286 -4.68 3.40 -22.00
N ASN D 287 -4.21 4.08 -20.96
CA ASN D 287 -5.11 4.75 -20.03
C ASN D 287 -5.04 6.28 -20.17
N PRO D 288 -6.03 6.87 -20.89
CA PRO D 288 -6.03 8.31 -21.20
C PRO D 288 -6.05 9.18 -19.94
N LEU D 289 -6.52 8.62 -18.83
CA LEU D 289 -6.54 9.31 -17.55
C LEU D 289 -5.16 9.87 -17.15
N ARG D 290 -4.09 9.22 -17.60
CA ARG D 290 -2.74 9.61 -17.19
C ARG D 290 -1.87 9.90 -18.40
N LEU D 291 -1.15 11.02 -18.38
CA LEU D 291 -0.34 11.48 -19.51
C LEU D 291 -1.09 11.43 -20.85
N GLY D 292 -2.39 11.72 -20.81
CA GLY D 292 -3.22 11.64 -22.01
C GLY D 292 -3.25 10.26 -22.66
N GLY D 293 -2.83 9.23 -21.93
CA GLY D 293 -2.74 7.89 -22.47
C GLY D 293 -1.54 7.65 -23.38
N CYS D 294 -0.64 8.62 -23.44
CA CYS D 294 0.55 8.51 -24.28
C CYS D 294 1.50 7.39 -23.83
N LEU D 295 2.25 6.84 -24.79
CA LEU D 295 3.32 5.92 -24.47
C LEU D 295 4.57 6.69 -24.05
N ASN D 296 5.43 6.02 -23.29
CA ASN D 296 6.73 6.57 -22.94
C ASN D 296 7.65 5.42 -22.56
N SER D 297 8.86 5.74 -22.12
CA SER D 297 9.83 4.71 -21.74
C SER D 297 9.25 3.62 -20.82
N GLU D 298 8.74 4.03 -19.67
CA GLU D 298 8.23 3.09 -18.67
C GLU D 298 7.00 2.31 -19.16
N SER D 299 6.04 3.01 -19.76
CA SER D 299 4.83 2.33 -20.23
C SER D 299 5.19 1.31 -21.31
N ALA D 300 6.11 1.67 -22.19
CA ALA D 300 6.58 0.74 -23.23
C ALA D 300 7.24 -0.50 -22.62
N GLU D 301 8.02 -0.32 -21.56
CA GLU D 301 8.71 -1.45 -20.91
C GLU D 301 7.71 -2.36 -20.19
N LYS D 302 6.78 -1.74 -19.45
CA LYS D 302 5.73 -2.46 -18.76
C LYS D 302 4.95 -3.35 -19.74
N ALA D 303 4.60 -2.77 -20.88
CA ALA D 303 3.83 -3.51 -21.89
C ALA D 303 4.63 -4.63 -22.52
N ALA D 304 5.90 -4.35 -22.87
CA ALA D 304 6.75 -5.35 -23.51
C ALA D 304 6.92 -6.57 -22.61
N ARG D 305 7.20 -6.33 -21.33
CA ARG D 305 7.39 -7.43 -20.39
C ARG D 305 6.11 -8.28 -20.29
N PHE D 306 4.96 -7.63 -20.27
CA PHE D 306 3.69 -8.35 -20.11
C PHE D 306 3.36 -9.15 -21.35
N VAL D 307 3.66 -8.60 -22.53
CA VAL D 307 3.46 -9.35 -23.76
C VAL D 307 4.33 -10.61 -23.74
N ARG D 308 5.59 -10.46 -23.34
CA ARG D 308 6.50 -11.61 -23.36
C ARG D 308 6.06 -12.68 -22.37
N LEU D 309 5.50 -12.24 -21.26
CA LEU D 309 5.00 -13.18 -20.26
C LEU D 309 3.86 -14.02 -20.82
N CYS D 310 2.87 -13.37 -21.44
CA CYS D 310 1.70 -14.11 -21.93
C CYS D 310 2.03 -15.00 -23.11
N ASP D 311 2.90 -14.50 -23.99
CA ASP D 311 3.39 -15.28 -25.12
C ASP D 311 4.06 -16.56 -24.63
N ALA D 312 4.86 -16.44 -23.58
CA ALA D 312 5.58 -17.58 -23.05
C ALA D 312 4.62 -18.67 -22.57
N PHE D 313 3.52 -18.28 -21.94
CA PHE D 313 2.63 -19.28 -21.34
C PHE D 313 1.32 -19.55 -22.09
N GLY D 314 1.24 -19.10 -23.33
CA GLY D 314 0.11 -19.48 -24.17
C GLY D 314 -1.16 -18.72 -23.87
N ILE D 315 -1.02 -17.52 -23.30
CA ILE D 315 -2.15 -16.71 -22.89
C ILE D 315 -2.45 -15.64 -23.94
N PRO D 316 -3.66 -15.67 -24.54
CA PRO D 316 -4.05 -14.72 -25.59
C PRO D 316 -4.17 -13.27 -25.06
N LEU D 317 -4.00 -12.29 -25.94
CA LEU D 317 -3.99 -10.87 -25.56
C LEU D 317 -5.14 -10.07 -26.15
N VAL D 318 -5.71 -9.20 -25.32
CA VAL D 318 -6.67 -8.19 -25.75
C VAL D 318 -5.92 -6.86 -25.62
N VAL D 319 -5.82 -6.10 -26.71
CA VAL D 319 -5.13 -4.82 -26.69
C VAL D 319 -6.13 -3.71 -26.95
N VAL D 320 -6.43 -2.90 -25.93
CA VAL D 320 -7.42 -1.83 -26.11
C VAL D 320 -6.69 -0.52 -26.38
N VAL D 321 -6.88 0.03 -27.58
CA VAL D 321 -6.04 1.14 -28.03
C VAL D 321 -6.77 2.49 -28.09
N ASP D 322 -6.19 3.48 -27.41
CA ASP D 322 -6.64 4.87 -27.47
C ASP D 322 -5.44 5.72 -27.06
N VAL D 323 -4.56 5.98 -28.02
CA VAL D 323 -3.25 6.56 -27.75
C VAL D 323 -2.93 7.62 -28.80
N PRO D 324 -2.64 8.85 -28.35
CA PRO D 324 -2.49 9.96 -29.31
C PRO D 324 -1.05 10.31 -29.64
N GLY D 325 -0.08 9.63 -29.01
CA GLY D 325 1.32 9.93 -29.25
C GLY D 325 2.23 9.33 -28.19
N TYR D 326 3.47 9.80 -28.13
CA TYR D 326 4.44 9.29 -27.16
C TYR D 326 5.35 10.40 -26.64
N LEU D 327 5.98 10.15 -25.49
CA LEU D 327 6.69 11.20 -24.74
C LEU D 327 8.10 10.78 -24.33
N PRO D 328 8.99 11.77 -24.15
CA PRO D 328 10.37 11.55 -23.67
C PRO D 328 10.48 11.61 -22.15
N GLY D 329 11.70 11.48 -21.63
CA GLY D 329 11.96 11.59 -20.20
C GLY D 329 12.20 13.03 -19.73
N VAL D 330 12.68 13.18 -18.51
CA VAL D 330 13.05 14.50 -18.01
C VAL D 330 14.28 15.01 -18.79
N ASP D 331 14.16 16.23 -19.32
CA ASP D 331 15.17 16.90 -20.11
C ASP D 331 14.92 16.50 -21.54
N GLN D 332 13.78 15.87 -21.82
CA GLN D 332 13.54 15.48 -23.21
C GLN D 332 14.27 14.21 -23.66
N GLU D 333 15.05 13.61 -22.77
CA GLU D 333 15.81 12.40 -23.06
C GLU D 333 14.91 11.41 -23.80
N TRP D 334 15.20 11.18 -25.08
CA TRP D 334 14.40 10.28 -25.90
C TRP D 334 14.94 8.85 -25.90
N GLY D 335 16.13 8.66 -25.32
CA GLY D 335 16.81 7.38 -25.38
C GLY D 335 16.00 6.23 -24.84
N GLY D 336 15.34 6.46 -23.69
CA GLY D 336 14.49 5.47 -23.08
C GLY D 336 13.34 5.04 -23.98
N VAL D 337 12.53 6.00 -24.43
CA VAL D 337 11.37 5.65 -25.24
C VAL D 337 11.81 5.00 -26.57
N VAL D 338 12.97 5.40 -27.08
CA VAL D 338 13.48 4.77 -28.28
C VAL D 338 13.88 3.32 -28.01
N ARG D 339 14.75 3.12 -27.02
CA ARG D 339 15.21 1.78 -26.62
C ARG D 339 14.06 0.87 -26.17
N ARG D 340 13.20 1.40 -25.31
CA ARG D 340 12.10 0.61 -24.78
C ARG D 340 11.00 0.42 -25.84
N GLY D 341 10.72 1.48 -26.60
CA GLY D 341 9.81 1.38 -27.72
C GLY D 341 10.20 0.25 -28.66
N ALA D 342 11.49 0.17 -28.99
CA ALA D 342 11.98 -0.90 -29.87
C ALA D 342 11.67 -2.28 -29.28
N LYS D 343 11.82 -2.41 -27.97
CA LYS D 343 11.54 -3.67 -27.27
C LYS D 343 10.07 -4.05 -27.36
N LEU D 344 9.17 -3.07 -27.25
CA LEU D 344 7.73 -3.28 -27.46
C LEU D 344 7.42 -3.76 -28.89
N LEU D 345 8.02 -3.10 -29.88
CA LEU D 345 7.88 -3.54 -31.27
C LEU D 345 8.29 -5.00 -31.38
N HIS D 346 9.42 -5.32 -30.79
CA HIS D 346 9.96 -6.67 -30.81
C HIS D 346 9.02 -7.66 -30.13
N ALA D 347 8.49 -7.28 -28.96
CA ALA D 347 7.61 -8.16 -28.20
C ALA D 347 6.37 -8.52 -29.01
N PHE D 348 5.69 -7.52 -29.56
CA PHE D 348 4.53 -7.81 -30.42
C PHE D 348 4.94 -8.53 -31.70
N GLY D 349 5.98 -8.03 -32.37
CA GLY D 349 6.42 -8.63 -33.62
C GLY D 349 6.70 -10.13 -33.54
N GLU D 350 7.28 -10.58 -32.43
CA GLU D 350 7.65 -11.99 -32.25
C GLU D 350 6.56 -12.82 -31.60
N CYS D 351 5.55 -12.15 -31.06
CA CYS D 351 4.48 -12.82 -30.32
C CYS D 351 3.77 -13.82 -31.23
N THR D 352 3.53 -15.04 -30.73
CA THR D 352 2.78 -16.00 -31.54
C THR D 352 1.42 -16.41 -30.95
N VAL D 353 1.14 -16.03 -29.70
CA VAL D 353 -0.21 -16.33 -29.15
C VAL D 353 -1.20 -15.40 -29.85
N PRO D 354 -2.50 -15.71 -29.80
CA PRO D 354 -3.45 -14.78 -30.43
C PRO D 354 -3.42 -13.43 -29.73
N ARG D 355 -3.61 -12.35 -30.48
CA ARG D 355 -3.55 -11.00 -29.93
C ARG D 355 -4.42 -10.07 -30.76
N VAL D 356 -5.52 -9.61 -30.18
CA VAL D 356 -6.52 -8.87 -30.93
C VAL D 356 -6.56 -7.42 -30.48
N THR D 357 -6.64 -6.52 -31.45
CA THR D 357 -6.58 -5.09 -31.15
C THR D 357 -7.97 -4.51 -31.32
N LEU D 358 -8.36 -3.65 -30.37
CA LEU D 358 -9.57 -2.85 -30.51
C LEU D 358 -9.22 -1.38 -30.40
N VAL D 359 -9.49 -0.62 -31.46
CA VAL D 359 -9.32 0.83 -31.40
C VAL D 359 -10.64 1.43 -30.92
N THR D 360 -10.62 2.12 -29.78
CA THR D 360 -11.85 2.72 -29.24
C THR D 360 -12.09 4.14 -29.76
N ARG D 361 -11.17 5.05 -29.46
CA ARG D 361 -11.31 6.43 -29.94
C ARG D 361 -10.30 6.84 -31.01
N LYS D 362 -9.02 6.80 -30.69
CA LYS D 362 -8.00 7.24 -31.63
C LYS D 362 -6.67 6.50 -31.48
N THR D 363 -5.92 6.42 -32.57
CA THR D 363 -4.58 5.86 -32.55
C THR D 363 -3.73 6.50 -33.67
N TYR D 364 -2.62 7.10 -33.27
CA TYR D 364 -1.87 8.00 -34.15
C TYR D 364 -0.41 7.63 -34.31
N GLY D 365 0.12 7.82 -35.51
CA GLY D 365 1.57 7.89 -35.71
C GLY D 365 2.34 6.66 -35.23
N GLY D 366 3.46 6.89 -34.56
CA GLY D 366 4.33 5.82 -34.15
C GLY D 366 3.64 4.90 -33.16
N ALA D 367 2.91 5.51 -32.23
CA ALA D 367 2.20 4.76 -31.20
C ALA D 367 1.20 3.80 -31.82
N TYR D 368 0.54 4.22 -32.89
CA TYR D 368 -0.38 3.34 -33.61
C TYR D 368 0.30 2.04 -34.03
N ILE D 369 1.50 2.17 -34.59
CA ILE D 369 2.24 1.01 -35.09
C ILE D 369 2.61 0.09 -33.95
N ALA D 370 3.07 0.68 -32.85
CA ALA D 370 3.56 -0.09 -31.71
C ALA D 370 2.44 -0.86 -31.01
N MET D 371 1.24 -0.31 -30.98
CA MET D 371 0.16 -0.93 -30.22
C MET D 371 -0.49 -2.08 -31.00
N ASN D 372 0.26 -3.16 -31.18
CA ASN D 372 -0.22 -4.36 -31.88
C ASN D 372 -0.93 -4.05 -33.20
N SER D 373 -0.24 -3.36 -34.11
CA SER D 373 -0.82 -3.04 -35.41
C SER D 373 -0.74 -4.23 -36.34
N ARG D 374 -1.52 -4.18 -37.40
CA ARG D 374 -1.48 -5.19 -38.44
C ARG D 374 -0.05 -5.38 -38.97
N SER D 375 0.71 -4.29 -39.09
CA SER D 375 2.07 -4.39 -39.63
C SER D 375 2.92 -5.31 -38.75
N LEU D 376 2.57 -5.41 -37.47
CA LEU D 376 3.27 -6.31 -36.55
C LEU D 376 2.57 -7.66 -36.40
N ASN D 377 1.69 -7.99 -37.34
CA ASN D 377 1.00 -9.29 -37.38
C ASN D 377 -0.07 -9.52 -36.30
N ALA D 378 -0.72 -8.44 -35.89
CA ALA D 378 -1.93 -8.54 -35.06
C ALA D 378 -2.87 -9.61 -35.62
N THR D 379 -3.40 -10.46 -34.76
CA THR D 379 -4.35 -11.49 -35.20
C THR D 379 -5.55 -10.86 -35.93
N LYS D 380 -6.14 -9.85 -35.32
CA LYS D 380 -7.26 -9.11 -35.91
C LYS D 380 -7.27 -7.72 -35.29
N VAL D 381 -7.71 -6.74 -36.06
CA VAL D 381 -7.84 -5.38 -35.58
C VAL D 381 -9.28 -4.92 -35.75
N PHE D 382 -9.94 -4.63 -34.64
CA PHE D 382 -11.31 -4.13 -34.66
C PHE D 382 -11.31 -2.63 -34.34
N ALA D 383 -12.36 -1.93 -34.80
CA ALA D 383 -12.53 -0.51 -34.47
C ALA D 383 -14.00 -0.14 -34.19
N TRP D 384 -14.22 0.73 -33.22
CA TRP D 384 -15.55 1.30 -32.99
C TRP D 384 -15.87 2.30 -34.12
N PRO D 385 -17.17 2.52 -34.41
CA PRO D 385 -17.54 3.33 -35.58
C PRO D 385 -16.90 4.73 -35.65
N ASP D 386 -16.73 5.40 -34.51
CA ASP D 386 -16.18 6.75 -34.52
C ASP D 386 -14.67 6.82 -34.26
N ALA D 387 -14.00 5.67 -34.30
CA ALA D 387 -12.55 5.60 -34.09
C ALA D 387 -11.77 6.33 -35.18
N GLU D 388 -10.64 6.88 -34.79
CA GLU D 388 -9.74 7.56 -35.72
C GLU D 388 -8.40 6.81 -35.82
N VAL D 389 -8.01 6.46 -37.04
CA VAL D 389 -6.67 5.92 -37.31
C VAL D 389 -5.96 6.85 -38.32
N ALA D 390 -4.86 7.47 -37.89
CA ALA D 390 -4.18 8.49 -38.70
C ALA D 390 -2.71 8.71 -38.30
N VAL D 391 -1.97 9.49 -39.07
CA VAL D 391 -0.60 9.80 -38.68
C VAL D 391 -0.58 10.80 -37.51
N MET D 392 -1.62 11.64 -37.44
CA MET D 392 -1.79 12.62 -36.38
C MET D 392 -3.18 13.24 -36.51
N GLY D 393 -3.63 13.99 -35.49
CA GLY D 393 -4.91 14.67 -35.58
C GLY D 393 -4.93 15.65 -36.75
N ALA D 394 -6.12 15.94 -37.27
CA ALA D 394 -6.23 16.75 -38.49
C ALA D 394 -5.78 18.20 -38.33
N LYS D 395 -6.01 18.77 -37.15
CA LYS D 395 -5.57 20.13 -36.86
C LYS D 395 -4.04 20.24 -36.99
N ALA D 396 -3.35 19.31 -36.35
CA ALA D 396 -1.89 19.27 -36.42
C ALA D 396 -1.41 18.97 -37.84
N ALA D 397 -2.09 18.05 -38.50
CA ALA D 397 -1.74 17.63 -39.86
C ALA D 397 -1.84 18.79 -40.84
N VAL D 398 -2.91 19.57 -40.70
CA VAL D 398 -3.14 20.72 -41.56
C VAL D 398 -2.11 21.84 -41.30
N GLY D 399 -1.80 22.07 -40.03
CA GLY D 399 -0.82 23.06 -39.65
C GLY D 399 0.57 22.80 -40.20
N ILE D 400 0.77 21.60 -40.74
CA ILE D 400 2.04 21.20 -41.36
C ILE D 400 1.95 21.13 -42.89
N LEU D 401 0.94 20.43 -43.40
CA LEU D 401 0.76 20.28 -44.85
C LEU D 401 0.40 21.62 -45.49
N HIS D 402 -0.22 22.50 -44.70
CA HIS D 402 -0.57 23.83 -45.18
C HIS D 402 0.07 24.93 -44.32
N LYS D 403 1.30 24.69 -43.88
CA LYS D 403 2.08 25.69 -43.15
C LYS D 403 2.18 26.98 -43.97
N LYS D 404 2.37 26.83 -45.27
CA LYS D 404 2.51 27.96 -46.19
C LYS D 404 1.22 28.79 -46.31
N LYS D 405 0.10 28.12 -46.62
CA LYS D 405 -1.18 28.82 -46.81
C LYS D 405 -1.68 29.54 -45.54
N LEU D 406 -1.41 28.95 -44.37
CA LEU D 406 -1.77 29.58 -43.10
C LEU D 406 -0.87 30.78 -42.80
N ALA D 407 0.41 30.66 -43.14
CA ALA D 407 1.39 31.73 -42.94
C ALA D 407 1.13 32.96 -43.81
N ALA D 408 0.77 32.72 -45.07
CA ALA D 408 0.58 33.81 -46.04
C ALA D 408 -0.76 34.52 -45.88
N ALA D 409 -1.59 34.00 -44.99
CA ALA D 409 -2.91 34.58 -44.71
C ALA D 409 -2.81 35.71 -43.69
N PRO D 410 -3.83 36.59 -43.66
CA PRO D 410 -3.96 37.55 -42.56
C PRO D 410 -4.12 36.81 -41.23
N GLU D 411 -3.48 37.28 -40.16
CA GLU D 411 -3.58 36.64 -38.85
C GLU D 411 -4.99 36.79 -38.25
N HIS D 412 -5.86 37.46 -39.01
CA HIS D 412 -7.25 37.68 -38.61
C HIS D 412 -8.17 36.65 -39.25
N GLU D 413 -7.81 36.21 -40.45
CA GLU D 413 -8.60 35.20 -41.17
C GLU D 413 -8.05 33.78 -40.99
N ARG D 414 -6.77 33.68 -40.62
CA ARG D 414 -6.07 32.40 -40.48
C ARG D 414 -6.80 31.38 -39.61
N GLU D 415 -6.81 31.62 -38.29
CA GLU D 415 -7.45 30.75 -37.30
C GLU D 415 -8.65 29.94 -37.79
N ALA D 416 -9.57 30.61 -38.49
CA ALA D 416 -10.73 29.94 -39.09
C ALA D 416 -10.34 29.01 -40.22
N LEU D 417 -9.55 29.52 -41.16
CA LEU D 417 -9.04 28.74 -42.30
C LEU D 417 -8.48 27.36 -41.89
N HIS D 418 -7.95 27.28 -40.68
CA HIS D 418 -7.46 26.03 -40.12
C HIS D 418 -8.60 25.00 -40.06
N ASP D 419 -9.76 25.42 -39.57
CA ASP D 419 -10.91 24.52 -39.42
C ASP D 419 -11.50 24.05 -40.76
N GLN D 420 -11.58 24.96 -41.73
CA GLN D 420 -12.06 24.60 -43.06
C GLN D 420 -11.11 23.57 -43.68
N LEU D 421 -9.80 23.79 -43.51
CA LEU D 421 -8.79 22.87 -43.99
C LEU D 421 -8.80 21.56 -43.19
N ALA D 422 -8.97 21.68 -41.87
CA ALA D 422 -9.01 20.52 -40.98
C ALA D 422 -10.23 19.66 -41.23
N ALA D 423 -11.38 20.30 -41.43
CA ALA D 423 -12.62 19.59 -41.75
C ALA D 423 -12.49 18.88 -43.10
N GLU D 424 -11.94 19.58 -44.08
CA GLU D 424 -11.72 19.00 -45.40
C GLU D 424 -10.71 17.85 -45.31
N HIS D 425 -9.80 17.92 -44.35
CA HIS D 425 -8.85 16.83 -44.11
C HIS D 425 -9.54 15.63 -43.47
N GLU D 426 -10.42 15.90 -42.48
CA GLU D 426 -11.08 14.83 -41.72
C GLU D 426 -12.02 13.95 -42.54
N ARG D 427 -12.47 14.47 -43.69
CA ARG D 427 -13.34 13.70 -44.58
C ARG D 427 -12.53 12.77 -45.46
N ILE D 428 -11.26 13.10 -45.67
CA ILE D 428 -10.36 12.29 -46.47
C ILE D 428 -9.54 11.30 -45.63
N ALA D 429 -9.18 11.72 -44.41
CA ALA D 429 -8.27 10.93 -43.59
C ALA D 429 -8.70 10.79 -42.13
N GLY D 430 -8.39 9.64 -41.53
CA GLY D 430 -8.66 9.41 -40.12
C GLY D 430 -9.74 8.39 -39.82
N GLY D 431 -10.82 8.44 -40.59
CA GLY D 431 -11.93 7.52 -40.39
C GLY D 431 -11.57 6.05 -40.47
N VAL D 432 -12.42 5.21 -39.91
CA VAL D 432 -12.26 3.77 -39.99
C VAL D 432 -12.38 3.31 -41.45
N ASP D 433 -13.40 3.82 -42.15
CA ASP D 433 -13.63 3.53 -43.57
C ASP D 433 -12.37 3.61 -44.44
N SER D 434 -11.51 4.59 -44.17
CA SER D 434 -10.23 4.67 -44.88
C SER D 434 -9.28 3.53 -44.46
N ALA D 435 -9.17 3.30 -43.16
CA ALA D 435 -8.30 2.25 -42.62
C ALA D 435 -8.71 0.85 -43.07
N LEU D 436 -10.03 0.64 -43.18
CA LEU D 436 -10.58 -0.59 -43.72
C LEU D 436 -10.13 -0.81 -45.18
N ASP D 437 -10.21 0.23 -46.00
CA ASP D 437 -9.80 0.14 -47.40
C ASP D 437 -8.35 -0.28 -47.52
N ILE D 438 -7.52 0.36 -46.71
CA ILE D 438 -6.10 0.04 -46.66
C ILE D 438 -5.92 -1.38 -46.13
N GLY D 439 -6.79 -1.77 -45.20
CA GLY D 439 -6.75 -3.10 -44.65
C GLY D 439 -6.00 -3.20 -43.33
N VAL D 440 -5.70 -2.05 -42.72
CA VAL D 440 -5.03 -2.06 -41.42
C VAL D 440 -6.04 -2.22 -40.30
N VAL D 441 -7.32 -2.13 -40.65
CA VAL D 441 -8.41 -2.44 -39.72
C VAL D 441 -9.24 -3.52 -40.42
N ASP D 442 -9.48 -4.63 -39.73
CA ASP D 442 -10.19 -5.75 -40.38
C ASP D 442 -11.70 -5.53 -40.39
N GLU D 443 -12.24 -4.93 -39.33
CA GLU D 443 -13.69 -4.81 -39.22
C GLU D 443 -14.13 -3.72 -38.26
N LYS D 444 -15.07 -2.90 -38.69
CA LYS D 444 -15.73 -1.94 -37.80
C LYS D 444 -16.88 -2.67 -37.09
N ILE D 445 -16.92 -2.61 -35.77
CA ILE D 445 -17.89 -3.39 -35.00
C ILE D 445 -18.84 -2.56 -34.15
N ASP D 446 -20.07 -3.05 -34.02
CA ASP D 446 -21.03 -2.57 -33.04
C ASP D 446 -20.43 -2.76 -31.63
N PRO D 447 -20.28 -1.65 -30.88
CA PRO D 447 -19.67 -1.76 -29.54
C PRO D 447 -20.49 -2.61 -28.58
N ALA D 448 -21.78 -2.79 -28.85
CA ALA D 448 -22.60 -3.67 -28.04
C ALA D 448 -22.13 -5.13 -28.11
N HIS D 449 -21.39 -5.47 -29.16
CA HIS D 449 -20.85 -6.84 -29.32
C HIS D 449 -19.33 -6.90 -29.13
N THR D 450 -18.75 -5.88 -28.50
CA THR D 450 -17.31 -5.80 -28.27
C THR D 450 -16.76 -7.07 -27.63
N ARG D 451 -17.39 -7.50 -26.56
CA ARG D 451 -16.93 -8.67 -25.83
C ARG D 451 -17.01 -9.98 -26.64
N SER D 452 -18.13 -10.23 -27.29
CA SER D 452 -18.25 -11.46 -28.06
C SER D 452 -17.35 -11.48 -29.29
N LYS D 453 -17.18 -10.32 -29.94
CA LYS D 453 -16.29 -10.19 -31.11
C LYS D 453 -14.82 -10.47 -30.78
N LEU D 454 -14.37 -9.91 -29.66
CA LEU D 454 -13.01 -10.13 -29.21
C LEU D 454 -12.81 -11.60 -28.90
N THR D 455 -13.81 -12.21 -28.28
CA THR D 455 -13.68 -13.61 -27.85
C THR D 455 -13.55 -14.51 -29.07
N GLU D 456 -14.41 -14.26 -30.05
CA GLU D 456 -14.43 -15.00 -31.29
C GLU D 456 -13.07 -14.93 -32.02
N ALA D 457 -12.54 -13.72 -32.20
CA ALA D 457 -11.25 -13.54 -32.87
C ALA D 457 -10.11 -14.30 -32.17
N LEU D 458 -10.13 -14.35 -30.84
CA LEU D 458 -9.11 -15.08 -30.11
C LEU D 458 -9.34 -16.60 -30.20
N ALA D 459 -10.61 -17.00 -30.07
CA ALA D 459 -10.96 -18.43 -30.06
C ALA D 459 -10.62 -19.09 -31.39
N GLN D 460 -10.85 -18.36 -32.48
CA GLN D 460 -10.66 -18.90 -33.83
C GLN D 460 -9.26 -18.71 -34.42
N ALA D 461 -8.35 -18.16 -33.63
CA ALA D 461 -6.96 -17.97 -34.07
C ALA D 461 -6.15 -19.23 -33.80
N PRO D 462 -5.05 -19.42 -34.54
CA PRO D 462 -4.19 -20.54 -34.13
C PRO D 462 -3.57 -20.22 -32.78
N ALA D 463 -3.41 -21.23 -31.94
CA ALA D 463 -2.76 -21.02 -30.64
C ALA D 463 -1.32 -20.51 -30.83
N ARG D 464 -0.74 -20.85 -31.98
CA ARG D 464 0.62 -20.42 -32.33
C ARG D 464 0.79 -20.05 -33.81
N ARG D 465 1.04 -18.74 -34.00
CA ARG D 465 1.27 -18.09 -35.31
C ARG D 465 0.95 -16.58 -35.30
N GLY D 466 1.97 -15.72 -35.22
CA GLY D 466 1.89 -14.37 -35.75
C GLY D 466 3.28 -13.77 -35.70
#